data_4S3J
#
_entry.id   4S3J
#
_cell.length_a   51.330
_cell.length_b   62.730
_cell.length_c   119.880
_cell.angle_alpha   92.70
_cell.angle_beta   100.99
_cell.angle_gamma   108.39
#
_symmetry.space_group_name_H-M   'P 1'
#
loop_
_entity.id
_entity.type
_entity.pdbx_description
1 polymer 'Cortical-lytic enzyme'
2 non-polymer 1,2-ETHANEDIOL
3 water water
#
_entity_poly.entity_id   1
_entity_poly.type   'polypeptide(L)'
_entity_poly.pdbx_seq_one_letter_code
;FAIQIVTVRSGDSVYSLASKYGSTPDEIVKDNGLNPAETLVVGQALIVNTKGNNYYVQPGDSLYRISQTYNVPLASLAKV
NNLSLKSILHVGQQLYVPKGTKRSVESIAYLQPSTIPIKESLVNATRAINPFLTYLAYFSFEAKRDGTLKEPTETAKIAN
IATQGQTIPMLVITNIENGNFSADLTSVILRDATIQNKFITNILQTAEKYGMRDIHFDFESVAPEDREAYNRFLRNVKIR
LPSGYTLSTTLVPKTSSNQKGKFFEAHDYKAQGQIVDFVVIMTYDWGWQGGPPMAISPIGPVKEVLQYAKSQMPPQKIMM
GQNLYGFDWKLPFKQGNPPAKAVSSVAAVALARKYNVPIRYDFTAQAPHFNYFDENGVQHEVWFEDARSIQSKFNLMKEQ
GIGGISYWKIGLPFPQNWRLLVENFTITKKGEN
;
_entity_poly.pdbx_strand_id   A,B,C
#
loop_
_chem_comp.id
_chem_comp.type
_chem_comp.name
_chem_comp.formula
EDO non-polymer 1,2-ETHANEDIOL 'C2 H6 O2'
#
# COMPACT_ATOMS: atom_id res chain seq x y z
N PHE A 1 -40.74 6.46 36.37
CA PHE A 1 -41.21 5.13 36.90
C PHE A 1 -41.97 4.39 35.84
N ALA A 2 -41.43 4.42 34.62
CA ALA A 2 -42.18 3.91 33.47
C ALA A 2 -41.49 2.83 32.65
N ILE A 3 -40.16 2.76 32.74
CA ILE A 3 -39.38 1.78 31.96
C ILE A 3 -39.50 0.35 32.47
N GLN A 4 -39.57 -0.57 31.52
CA GLN A 4 -39.47 -2.00 31.82
C GLN A 4 -38.67 -2.69 30.73
N ILE A 5 -38.27 -3.91 31.03
CA ILE A 5 -37.64 -4.79 30.05
C ILE A 5 -38.75 -5.58 29.30
N VAL A 6 -38.62 -5.67 27.98
CA VAL A 6 -39.52 -6.45 27.13
C VAL A 6 -38.67 -7.37 26.23
N THR A 7 -39.04 -8.64 26.13
CA THR A 7 -38.37 -9.56 25.24
C THR A 7 -39.07 -9.59 23.89
N VAL A 8 -38.29 -9.41 22.82
CA VAL A 8 -38.79 -9.37 21.46
C VAL A 8 -39.39 -10.74 21.07
N ARG A 9 -40.57 -10.68 20.47
CA ARG A 9 -41.29 -11.87 19.97
C ARG A 9 -41.38 -11.81 18.45
N SER A 10 -41.73 -12.95 17.86
CA SER A 10 -41.85 -13.05 16.39
C SER A 10 -42.74 -11.97 15.80
N GLY A 11 -42.22 -11.26 14.81
CA GLY A 11 -42.98 -10.24 14.12
C GLY A 11 -42.81 -8.82 14.62
N ASP A 12 -42.21 -8.66 15.79
CA ASP A 12 -42.02 -7.34 16.39
C ASP A 12 -41.05 -6.46 15.60
N SER A 13 -41.37 -5.18 15.52
CA SER A 13 -40.46 -4.14 15.04
C SER A 13 -40.47 -2.98 16.04
N VAL A 14 -39.54 -2.03 15.91
CA VAL A 14 -39.63 -0.84 16.77
C VAL A 14 -40.96 -0.13 16.56
N TYR A 15 -41.50 -0.20 15.34
CA TYR A 15 -42.77 0.44 15.01
C TYR A 15 -43.94 -0.26 15.70
N SER A 16 -43.98 -1.60 15.59
CA SER A 16 -45.09 -2.33 16.19
C SER A 16 -45.03 -2.27 17.71
N LEU A 17 -43.83 -2.31 18.30
CA LEU A 17 -43.70 -2.21 19.74
C LEU A 17 -44.09 -0.84 20.25
N ALA A 18 -43.71 0.21 19.53
CA ALA A 18 -44.13 1.56 19.90
C ALA A 18 -45.65 1.66 19.83
N SER A 19 -46.26 1.05 18.82
CA SER A 19 -47.72 1.12 18.64
C SER A 19 -48.40 0.35 19.76
N LYS A 20 -47.85 -0.82 20.10
CA LYS A 20 -48.42 -1.68 21.13
C LYS A 20 -48.42 -1.01 22.50
N TYR A 21 -47.31 -0.36 22.83
CA TYR A 21 -47.14 0.20 24.17
C TYR A 21 -47.37 1.72 24.22
N GLY A 22 -47.75 2.31 23.09
CA GLY A 22 -48.05 3.74 23.05
C GLY A 22 -46.85 4.66 23.20
N SER A 23 -45.69 4.17 22.76
CA SER A 23 -44.42 4.89 22.79
C SER A 23 -44.08 5.44 21.41
N THR A 24 -42.84 5.87 21.21
CA THR A 24 -42.38 6.25 19.89
C THR A 24 -41.27 5.33 19.42
N PRO A 25 -41.17 5.11 18.11
CA PRO A 25 -40.07 4.33 17.56
C PRO A 25 -38.72 4.94 17.90
N ASP A 26 -38.66 6.27 17.87
CA ASP A 26 -37.41 6.97 18.09
C ASP A 26 -36.90 6.71 19.51
N GLU A 27 -37.81 6.66 20.47
CA GLU A 27 -37.44 6.41 21.87
C GLU A 27 -36.87 5.01 22.07
N ILE A 28 -37.50 4.01 21.47
CA ILE A 28 -37.00 2.63 21.54
C ILE A 28 -35.62 2.51 20.90
N VAL A 29 -35.43 3.15 19.74
CA VAL A 29 -34.15 3.11 19.07
C VAL A 29 -33.07 3.76 19.95
N LYS A 30 -33.37 4.93 20.53
CA LYS A 30 -32.37 5.66 21.30
C LYS A 30 -32.00 4.90 22.58
N ASP A 31 -33.03 4.47 23.33
CA ASP A 31 -32.79 3.81 24.61
C ASP A 31 -32.02 2.51 24.49
N ASN A 32 -32.11 1.87 23.34
CA ASN A 32 -31.49 0.57 23.16
C ASN A 32 -30.29 0.59 22.21
N GLY A 33 -29.88 1.80 21.81
CA GLY A 33 -28.71 1.95 20.95
C GLY A 33 -28.85 1.18 19.66
N LEU A 34 -30.05 1.18 19.10
CA LEU A 34 -30.28 0.45 17.88
C LEU A 34 -29.85 1.23 16.66
N ASN A 35 -29.54 0.48 15.60
CA ASN A 35 -29.50 1.04 14.25
C ASN A 35 -30.92 0.97 13.74
N PRO A 36 -31.55 2.12 13.45
CA PRO A 36 -32.98 2.11 13.17
C PRO A 36 -33.35 1.34 11.93
N ALA A 37 -32.37 1.10 11.08
CA ALA A 37 -32.62 0.35 9.85
C ALA A 37 -32.65 -1.16 10.04
N GLU A 38 -32.16 -1.66 11.17
CA GLU A 38 -31.99 -3.09 11.38
C GLU A 38 -33.23 -3.75 11.99
N THR A 39 -33.43 -5.03 11.66
CA THR A 39 -34.50 -5.81 12.22
C THR A 39 -34.23 -6.12 13.69
N LEU A 40 -35.30 -6.40 14.43
CA LEU A 40 -35.18 -6.93 15.78
C LEU A 40 -34.99 -8.45 15.74
N VAL A 41 -34.29 -8.96 16.74
CA VAL A 41 -34.04 -10.38 16.88
C VAL A 41 -34.95 -10.97 17.94
N VAL A 42 -35.66 -12.06 17.61
CA VAL A 42 -36.50 -12.75 18.59
C VAL A 42 -35.64 -13.17 19.78
N GLY A 43 -36.07 -12.82 20.99
CA GLY A 43 -35.32 -13.13 22.20
C GLY A 43 -34.42 -12.00 22.68
N GLN A 44 -34.25 -10.96 21.86
CA GLN A 44 -33.53 -9.74 22.23
C GLN A 44 -34.27 -9.04 23.36
N ALA A 45 -33.52 -8.51 24.32
CA ALA A 45 -34.12 -7.78 25.44
C ALA A 45 -34.00 -6.29 25.24
N LEU A 46 -35.14 -5.61 25.22
CA LEU A 46 -35.20 -4.18 25.03
C LEU A 46 -35.71 -3.51 26.30
N ILE A 47 -35.36 -2.25 26.50
CA ILE A 47 -36.05 -1.46 27.49
C ILE A 47 -37.07 -0.56 26.74
N VAL A 48 -38.29 -0.51 27.30
CA VAL A 48 -39.44 0.18 26.70
C VAL A 48 -40.23 0.94 27.77
N ASN A 49 -40.71 2.13 27.40
CA ASN A 49 -41.67 2.87 28.24
C ASN A 49 -43.05 2.29 28.13
N THR A 50 -43.54 1.70 29.22
CA THR A 50 -44.87 1.10 29.27
C THR A 50 -45.77 1.85 30.24
N LYS A 51 -45.46 3.14 30.40
CA LYS A 51 -46.18 4.08 31.30
C LYS A 51 -45.89 3.92 32.78
N GLY A 52 -46.05 5.02 33.49
CA GLY A 52 -45.85 5.04 34.93
C GLY A 52 -46.65 4.01 35.70
N ASN A 53 -46.00 3.38 36.68
CA ASN A 53 -46.69 2.49 37.61
C ASN A 53 -47.47 1.36 36.93
N ASN A 54 -46.97 0.97 35.76
CA ASN A 54 -47.62 0.01 34.89
C ASN A 54 -46.61 -0.99 34.34
N TYR A 55 -46.92 -2.28 34.45
CA TYR A 55 -45.96 -3.31 34.09
C TYR A 55 -46.63 -4.48 33.41
N TYR A 56 -46.03 -4.98 32.33
CA TYR A 56 -46.56 -6.16 31.63
C TYR A 56 -45.61 -7.33 31.86
N VAL A 57 -46.18 -8.39 32.42
CA VAL A 57 -45.41 -9.54 32.88
C VAL A 57 -44.61 -10.21 31.76
N GLN A 58 -43.37 -10.51 32.08
CA GLN A 58 -42.43 -11.14 31.14
C GLN A 58 -42.20 -12.61 31.47
N PRO A 59 -41.67 -13.37 30.50
CA PRO A 59 -41.37 -14.78 30.77
C PRO A 59 -40.47 -14.98 31.99
N GLY A 60 -40.89 -15.89 32.87
CA GLY A 60 -40.15 -16.22 34.08
C GLY A 60 -40.36 -15.29 35.27
N ASP A 61 -41.15 -14.23 35.10
CA ASP A 61 -41.39 -13.30 36.19
C ASP A 61 -42.12 -13.96 37.36
N SER A 62 -41.87 -13.42 38.53
CA SER A 62 -42.61 -13.72 39.75
C SER A 62 -42.91 -12.39 40.41
N LEU A 63 -43.88 -12.37 41.31
CA LEU A 63 -44.14 -11.14 42.04
C LEU A 63 -42.93 -10.76 42.86
N TYR A 64 -42.26 -11.76 43.42
CA TYR A 64 -41.03 -11.49 44.16
C TYR A 64 -39.99 -10.77 43.29
N ARG A 65 -39.74 -11.26 42.08
CA ARG A 65 -38.75 -10.63 41.20
C ARG A 65 -39.15 -9.19 40.87
N ILE A 66 -40.42 -9.01 40.51
CA ILE A 66 -40.87 -7.68 40.11
C ILE A 66 -40.75 -6.68 41.27
N SER A 67 -41.06 -7.13 42.49
CA SER A 67 -40.92 -6.29 43.67
C SER A 67 -39.44 -5.94 43.91
N GLN A 68 -38.54 -6.88 43.70
CA GLN A 68 -37.12 -6.58 43.85
C GLN A 68 -36.69 -5.57 42.79
N THR A 69 -37.11 -5.80 41.55
CA THR A 69 -36.72 -4.92 40.49
C THR A 69 -37.14 -3.47 40.76
N TYR A 70 -38.39 -3.27 41.17
CA TYR A 70 -38.91 -1.91 41.31
C TYR A 70 -38.85 -1.34 42.72
N ASN A 71 -38.08 -2.00 43.60
CA ASN A 71 -37.83 -1.49 44.95
C ASN A 71 -39.10 -1.22 45.74
N VAL A 72 -40.06 -2.12 45.61
CA VAL A 72 -41.36 -2.04 46.29
C VAL A 72 -41.58 -3.26 47.19
N PRO A 73 -42.03 -3.06 48.42
CA PRO A 73 -42.26 -4.28 49.22
C PRO A 73 -43.22 -5.27 48.56
N LEU A 74 -42.92 -6.56 48.65
CA LEU A 74 -43.70 -7.57 47.99
C LEU A 74 -45.17 -7.58 48.43
N ALA A 75 -45.41 -7.39 49.73
CA ALA A 75 -46.79 -7.35 50.24
C ALA A 75 -47.58 -6.22 49.62
N SER A 76 -46.95 -5.06 49.43
CA SER A 76 -47.64 -3.92 48.84
C SER A 76 -47.99 -4.16 47.38
N LEU A 77 -47.04 -4.74 46.63
CA LEU A 77 -47.29 -5.04 45.21
C LEU A 77 -48.40 -6.04 45.05
N ALA A 78 -48.39 -7.08 45.89
CA ALA A 78 -49.44 -8.10 45.84
C ALA A 78 -50.79 -7.50 46.21
N LYS A 79 -50.84 -6.76 47.31
CA LYS A 79 -52.09 -6.17 47.77
C LYS A 79 -52.73 -5.26 46.73
N VAL A 80 -51.94 -4.37 46.12
CA VAL A 80 -52.56 -3.35 45.27
C VAL A 80 -53.10 -3.98 43.97
N ASN A 81 -52.68 -5.22 43.69
CA ASN A 81 -53.14 -5.94 42.51
C ASN A 81 -54.12 -7.06 42.83
N ASN A 82 -54.53 -7.16 44.11
CA ASN A 82 -55.43 -8.22 44.57
C ASN A 82 -54.89 -9.60 44.23
N LEU A 83 -53.61 -9.82 44.48
CA LEU A 83 -52.95 -11.10 44.18
C LEU A 83 -52.34 -11.70 45.44
N SER A 84 -52.12 -13.01 45.43
CA SER A 84 -51.41 -13.68 46.51
C SER A 84 -49.91 -13.57 46.25
N LEU A 85 -49.11 -13.67 47.32
CA LEU A 85 -47.67 -13.48 47.24
C LEU A 85 -46.94 -14.41 46.26
N LYS A 86 -47.49 -15.61 46.05
CA LYS A 86 -46.92 -16.59 45.10
C LYS A 86 -47.84 -16.81 43.90
N SER A 87 -48.70 -15.86 43.63
CA SER A 87 -49.71 -15.97 42.57
C SER A 87 -49.10 -16.32 41.21
N ILE A 88 -49.78 -17.20 40.46
CA ILE A 88 -49.30 -17.61 39.14
C ILE A 88 -49.54 -16.51 38.12
N LEU A 89 -48.45 -16.01 37.53
CA LEU A 89 -48.54 -14.97 36.52
C LEU A 89 -48.53 -15.55 35.10
N HIS A 90 -49.00 -14.77 34.12
CA HIS A 90 -48.88 -15.16 32.73
C HIS A 90 -48.32 -13.99 31.93
N VAL A 91 -47.62 -14.32 30.85
CA VAL A 91 -46.97 -13.29 30.03
C VAL A 91 -48.02 -12.34 29.45
N GLY A 92 -47.76 -11.05 29.61
CA GLY A 92 -48.67 -10.01 29.14
C GLY A 92 -49.62 -9.50 30.20
N GLN A 93 -49.71 -10.21 31.31
CA GLN A 93 -50.55 -9.78 32.43
C GLN A 93 -50.16 -8.39 32.88
N GLN A 94 -51.15 -7.52 33.05
CA GLN A 94 -50.90 -6.14 33.47
C GLN A 94 -50.92 -6.01 34.97
N LEU A 95 -49.90 -5.36 35.53
CA LEU A 95 -49.83 -5.06 36.96
C LEU A 95 -49.66 -3.57 37.23
N TYR A 96 -50.22 -3.14 38.36
CA TYR A 96 -49.97 -1.80 38.88
C TYR A 96 -48.76 -1.91 39.82
N VAL A 97 -47.77 -1.03 39.62
CA VAL A 97 -46.53 -1.06 40.41
C VAL A 97 -46.36 0.26 41.16
N PRO A 98 -46.48 0.23 42.50
CA PRO A 98 -46.31 1.50 43.22
C PRO A 98 -44.90 2.04 43.09
N LYS A 99 -44.72 3.34 43.31
CA LYS A 99 -43.42 3.98 43.31
C LYS A 99 -42.58 3.31 44.41
N GLY A 100 -41.36 2.90 44.07
CA GLY A 100 -40.52 2.23 45.05
C GLY A 100 -39.52 3.21 45.64
N THR A 101 -38.67 2.75 46.55
CA THR A 101 -37.61 3.62 47.08
C THR A 101 -36.24 3.03 46.72
N LYS A 102 -35.47 3.83 45.99
CA LYS A 102 -34.14 3.44 45.51
C LYS A 102 -33.10 3.53 46.59
N ARG A 103 -32.30 2.47 46.69
CA ARG A 103 -31.09 2.52 47.52
C ARG A 103 -29.92 3.04 46.69
N SER A 104 -28.90 3.51 47.40
CA SER A 104 -27.68 4.04 46.80
C SER A 104 -26.79 2.88 46.37
N VAL A 105 -25.95 3.16 45.38
CA VAL A 105 -24.95 2.19 44.93
C VAL A 105 -23.66 2.93 44.58
N GLU A 106 -22.52 2.27 44.73
CA GLU A 106 -21.28 2.77 44.15
C GLU A 106 -20.97 1.93 42.93
N SER A 107 -20.55 2.60 41.86
CA SER A 107 -20.25 1.95 40.59
C SER A 107 -18.81 2.26 40.20
N ILE A 108 -18.13 1.26 39.63
CA ILE A 108 -16.80 1.41 39.08
C ILE A 108 -16.82 0.93 37.64
N ALA A 109 -16.06 1.57 36.77
CA ALA A 109 -15.76 0.97 35.46
C ALA A 109 -14.28 1.07 35.14
N TYR A 110 -13.75 0.01 34.56
CA TYR A 110 -12.35 -0.08 34.16
C TYR A 110 -12.17 0.31 32.70
N LEU A 111 -11.06 0.99 32.41
CA LEU A 111 -10.66 1.37 31.06
C LEU A 111 -9.31 0.75 30.79
N GLN A 112 -9.20 -0.02 29.71
CA GLN A 112 -7.96 -0.69 29.37
C GLN A 112 -7.69 -0.55 27.88
N PRO A 113 -6.99 0.52 27.47
CA PRO A 113 -6.71 0.67 26.05
C PRO A 113 -5.66 -0.31 25.53
N SER A 114 -5.66 -0.53 24.23
CA SER A 114 -4.74 -1.47 23.59
C SER A 114 -3.82 -0.75 22.58
N THR A 115 -3.91 0.57 22.52
CA THR A 115 -3.12 1.33 21.58
C THR A 115 -2.53 2.58 22.20
N ILE A 116 -1.52 3.14 21.53
CA ILE A 116 -1.00 4.44 21.89
C ILE A 116 -0.93 5.28 20.63
N PRO A 117 -1.67 6.42 20.60
CA PRO A 117 -2.58 6.95 21.62
C PRO A 117 -3.86 6.12 21.77
N ILE A 118 -4.63 6.42 22.82
CA ILE A 118 -5.90 5.75 23.06
C ILE A 118 -6.85 6.03 21.90
N LYS A 119 -7.57 5.02 21.44
CA LYS A 119 -8.53 5.21 20.35
C LYS A 119 -9.59 6.25 20.72
N GLU A 120 -9.92 7.07 19.74
CA GLU A 120 -10.96 8.08 19.92
C GLU A 120 -12.29 7.44 20.36
N SER A 121 -12.63 6.28 19.80
CA SER A 121 -13.88 5.62 20.14
C SER A 121 -13.92 5.25 21.62
N LEU A 122 -12.75 4.91 22.17
CA LEU A 122 -12.64 4.51 23.55
C LEU A 122 -12.72 5.72 24.50
N VAL A 123 -12.11 6.82 24.11
CA VAL A 123 -12.25 8.05 24.88
C VAL A 123 -13.71 8.51 24.85
N ASN A 124 -14.38 8.37 23.71
CA ASN A 124 -15.80 8.76 23.65
C ASN A 124 -16.68 7.87 24.53
N ALA A 125 -16.39 6.56 24.55
CA ALA A 125 -17.14 5.66 25.41
C ALA A 125 -16.93 6.03 26.88
N THR A 126 -15.70 6.40 27.24
CA THR A 126 -15.41 6.78 28.61
C THR A 126 -16.23 8.02 29.01
N ARG A 127 -16.28 9.02 28.13
CA ARG A 127 -17.08 10.21 28.41
C ARG A 127 -18.57 9.88 28.56
N ALA A 128 -19.06 8.94 27.73
CA ALA A 128 -20.47 8.59 27.76
C ALA A 128 -20.84 7.90 29.07
N ILE A 129 -19.91 7.11 29.60
CA ILE A 129 -20.18 6.28 30.78
C ILE A 129 -19.89 7.04 32.08
N ASN A 130 -18.96 7.98 32.05
CA ASN A 130 -18.53 8.68 33.25
C ASN A 130 -19.64 9.24 34.17
N PRO A 131 -20.72 9.79 33.59
CA PRO A 131 -21.78 10.30 34.48
C PRO A 131 -22.40 9.23 35.37
N PHE A 132 -22.31 7.97 34.95
CA PHE A 132 -22.89 6.84 35.68
C PHE A 132 -21.94 6.23 36.73
N LEU A 133 -20.76 6.85 36.93
CA LEU A 133 -19.70 6.25 37.74
C LEU A 133 -19.40 6.94 39.06
N THR A 134 -19.18 6.16 40.10
CA THR A 134 -18.57 6.68 41.32
C THR A 134 -17.06 6.79 41.13
N TYR A 135 -16.52 5.76 40.48
CA TYR A 135 -15.08 5.63 40.23
C TYR A 135 -14.78 5.25 38.79
N LEU A 136 -13.70 5.81 38.24
CA LEU A 136 -13.15 5.43 36.93
C LEU A 136 -11.75 4.85 37.15
N ALA A 137 -11.54 3.64 36.65
CA ALA A 137 -10.30 2.90 36.89
C ALA A 137 -9.48 2.70 35.63
N TYR A 138 -8.45 3.53 35.44
CA TYR A 138 -7.59 3.42 34.28
C TYR A 138 -6.53 2.35 34.52
N PHE A 139 -6.67 1.26 33.77
CA PHE A 139 -5.83 0.07 33.94
C PHE A 139 -4.64 0.15 32.99
N SER A 140 -3.38 0.26 33.45
CA SER A 140 -2.96 0.39 34.86
C SER A 140 -1.59 1.07 34.93
N PHE A 141 -1.18 1.43 36.13
CA PHE A 141 0.21 1.78 36.46
C PHE A 141 0.91 0.49 36.86
N GLU A 142 2.03 0.16 36.22
CA GLU A 142 2.74 -1.06 36.53
C GLU A 142 3.87 -0.78 37.52
N ALA A 143 3.86 -1.51 38.63
CA ALA A 143 4.90 -1.40 39.64
C ALA A 143 6.21 -1.90 39.09
N LYS A 144 7.32 -1.27 39.52
CA LYS A 144 8.67 -1.63 39.07
C LYS A 144 9.52 -2.01 40.27
N ARG A 145 10.59 -2.74 40.01
CA ARG A 145 11.43 -3.28 41.07
C ARG A 145 12.24 -2.22 41.82
N ASP A 146 12.33 -1.01 41.27
CA ASP A 146 12.97 0.10 41.97
C ASP A 146 11.97 0.97 42.73
N GLY A 147 10.71 0.53 42.80
CA GLY A 147 9.70 1.23 43.56
C GLY A 147 9.10 2.41 42.84
N THR A 148 9.26 2.48 41.53
CA THR A 148 8.62 3.51 40.72
C THR A 148 7.46 2.85 39.96
N LEU A 149 6.69 3.68 39.27
CA LEU A 149 5.54 3.24 38.49
C LEU A 149 5.72 3.58 37.01
N LYS A 150 5.29 2.67 36.14
CA LYS A 150 5.13 2.96 34.73
C LYS A 150 3.75 3.56 34.48
N GLU A 151 3.72 4.82 34.06
CA GLU A 151 2.45 5.51 33.83
C GLU A 151 1.87 5.13 32.47
N PRO A 152 0.57 4.84 32.40
CA PRO A 152 -0.07 4.63 31.10
C PRO A 152 -0.29 5.93 30.33
N THR A 153 -0.52 5.83 29.03
CA THR A 153 -0.56 7.03 28.19
C THR A 153 -1.76 7.90 28.53
N GLU A 154 -1.60 9.21 28.39
CA GLU A 154 -2.69 10.18 28.52
C GLU A 154 -3.42 10.08 29.87
N THR A 155 -2.67 9.83 30.93
CA THR A 155 -3.26 9.70 32.26
C THR A 155 -3.97 10.98 32.68
N ALA A 156 -3.36 12.13 32.44
CA ALA A 156 -3.96 13.40 32.85
C ALA A 156 -5.31 13.61 32.16
N LYS A 157 -5.38 13.27 30.88
CA LYS A 157 -6.62 13.39 30.11
C LYS A 157 -7.75 12.58 30.74
N ILE A 158 -7.44 11.32 31.07
CA ILE A 158 -8.46 10.40 31.60
C ILE A 158 -8.88 10.80 33.01
N ALA A 159 -7.93 11.19 33.85
CA ALA A 159 -8.26 11.63 35.20
C ALA A 159 -9.13 12.88 35.17
N ASN A 160 -8.85 13.79 34.23
CA ASN A 160 -9.61 15.03 34.14
C ASN A 160 -11.05 14.76 33.69
N ILE A 161 -11.24 13.79 32.81
CA ILE A 161 -12.58 13.39 32.40
C ILE A 161 -13.37 12.98 33.64
N ALA A 162 -12.76 12.14 34.47
CA ALA A 162 -13.40 11.67 35.67
C ALA A 162 -13.77 12.83 36.59
N THR A 163 -12.78 13.66 36.90
CA THR A 163 -12.92 14.74 37.87
C THR A 163 -13.99 15.74 37.45
N GLN A 164 -14.03 16.08 36.17
CA GLN A 164 -15.03 17.01 35.67
C GLN A 164 -16.46 16.49 35.80
N GLY A 165 -16.61 15.17 35.99
CA GLY A 165 -17.91 14.56 36.16
C GLY A 165 -18.19 14.08 37.57
N GLN A 166 -17.39 14.59 38.51
CA GLN A 166 -17.47 14.25 39.93
C GLN A 166 -17.23 12.75 40.18
N THR A 167 -16.58 12.12 39.22
CA THR A 167 -16.12 10.74 39.37
C THR A 167 -14.72 10.76 39.97
N ILE A 168 -14.47 9.84 40.90
CA ILE A 168 -13.12 9.68 41.48
C ILE A 168 -12.27 8.82 40.57
N PRO A 169 -11.15 9.37 40.02
CA PRO A 169 -10.28 8.44 39.29
C PRO A 169 -9.45 7.60 40.26
N MET A 170 -9.41 6.29 40.04
CA MET A 170 -8.58 5.39 40.84
C MET A 170 -7.16 5.32 40.31
N LEU A 171 -6.20 5.23 41.23
CA LEU A 171 -4.82 4.92 40.88
C LEU A 171 -4.69 3.42 40.89
N VAL A 172 -4.77 2.80 39.72
CA VAL A 172 -4.74 1.37 39.63
C VAL A 172 -3.31 0.87 39.43
N ILE A 173 -2.83 0.12 40.41
CA ILE A 173 -1.45 -0.36 40.41
C ILE A 173 -1.41 -1.88 40.28
N THR A 174 -0.66 -2.38 39.30
CA THR A 174 -0.54 -3.81 39.06
C THR A 174 0.89 -4.30 39.23
N ASN A 175 1.02 -5.60 39.51
CA ASN A 175 2.34 -6.23 39.51
C ASN A 175 2.59 -6.96 38.19
N ILE A 176 2.44 -6.23 37.10
CA ILE A 176 2.69 -6.76 35.76
C ILE A 176 4.10 -6.44 35.28
N GLU A 177 4.78 -7.48 34.76
CA GLU A 177 6.07 -7.33 34.12
C GLU A 177 5.97 -8.01 32.76
N ASN A 178 6.35 -7.30 31.70
CA ASN A 178 6.31 -7.83 30.34
C ASN A 178 4.96 -8.47 30.02
N GLY A 179 3.87 -7.82 30.41
CA GLY A 179 2.54 -8.23 30.02
C GLY A 179 1.94 -9.35 30.85
N ASN A 180 2.65 -9.79 31.90
CA ASN A 180 2.14 -10.83 32.76
C ASN A 180 2.27 -10.48 34.24
N PHE A 181 1.31 -10.94 35.03
CA PHE A 181 1.41 -10.78 36.48
C PHE A 181 2.61 -11.56 37.00
N SER A 182 3.32 -10.94 37.93
CA SER A 182 4.62 -11.46 38.34
C SER A 182 4.77 -11.64 39.85
N ALA A 183 4.86 -12.88 40.31
CA ALA A 183 5.15 -13.16 41.71
C ALA A 183 6.52 -12.60 42.14
N ASP A 184 7.49 -12.63 41.21
CA ASP A 184 8.84 -12.17 41.56
C ASP A 184 8.85 -10.68 41.86
N LEU A 185 8.06 -9.92 41.13
CA LEU A 185 7.95 -8.48 41.37
C LEU A 185 7.37 -8.17 42.76
N THR A 186 6.25 -8.80 43.12
CA THR A 186 5.71 -8.56 44.46
C THR A 186 6.62 -9.07 45.56
N SER A 187 7.42 -10.11 45.31
CA SER A 187 8.34 -10.56 46.35
C SER A 187 9.35 -9.47 46.69
N VAL A 188 9.84 -8.77 45.67
CA VAL A 188 10.77 -7.67 45.93
C VAL A 188 10.07 -6.57 46.73
N ILE A 189 8.95 -6.08 46.23
CA ILE A 189 8.23 -4.96 46.84
C ILE A 189 7.70 -5.29 48.23
N LEU A 190 7.22 -6.51 48.43
CA LEU A 190 6.63 -6.88 49.71
C LEU A 190 7.67 -7.26 50.77
N ARG A 191 8.91 -7.50 50.36
CA ARG A 191 9.93 -7.98 51.30
C ARG A 191 11.06 -7.00 51.59
N ASP A 192 11.29 -6.01 50.74
CA ASP A 192 12.38 -5.07 50.96
C ASP A 192 11.85 -3.73 51.46
N ALA A 193 12.20 -3.38 52.70
CA ALA A 193 11.60 -2.22 53.33
C ALA A 193 11.99 -0.91 52.63
N THR A 194 13.24 -0.83 52.18
CA THR A 194 13.72 0.39 51.53
C THR A 194 12.96 0.66 50.23
N ILE A 195 12.84 -0.35 49.39
CA ILE A 195 12.09 -0.21 48.13
C ILE A 195 10.62 0.06 48.41
N GLN A 196 10.04 -0.65 49.37
CA GLN A 196 8.61 -0.47 49.67
C GLN A 196 8.34 0.95 50.16
N ASN A 197 9.26 1.51 50.95
CA ASN A 197 9.06 2.87 51.44
C ASN A 197 9.08 3.89 50.31
N LYS A 198 10.00 3.70 49.38
CA LYS A 198 10.09 4.54 48.19
C LYS A 198 8.84 4.39 47.32
N PHE A 199 8.40 3.15 47.20
CA PHE A 199 7.20 2.80 46.43
C PHE A 199 5.99 3.55 46.94
N ILE A 200 5.75 3.47 48.25
CA ILE A 200 4.57 4.11 48.83
C ILE A 200 4.68 5.64 48.66
N THR A 201 5.88 6.17 48.84
CA THR A 201 6.10 7.60 48.62
C THR A 201 5.73 8.00 47.19
N ASN A 202 6.16 7.21 46.21
CA ASN A 202 5.88 7.52 44.81
C ASN A 202 4.39 7.40 44.47
N ILE A 203 3.75 6.41 45.08
CA ILE A 203 2.30 6.20 44.92
C ILE A 203 1.53 7.42 45.40
N LEU A 204 1.88 7.94 46.57
CA LEU A 204 1.18 9.09 47.13
C LEU A 204 1.39 10.34 46.27
N GLN A 205 2.62 10.56 45.79
CA GLN A 205 2.88 11.70 44.93
C GLN A 205 2.12 11.59 43.60
N THR A 206 2.05 10.38 43.05
CA THR A 206 1.30 10.16 41.80
C THR A 206 -0.21 10.41 42.02
N ALA A 207 -0.77 9.87 43.10
CA ALA A 207 -2.18 10.06 43.41
C ALA A 207 -2.51 11.53 43.58
N GLU A 208 -1.67 12.24 44.32
CA GLU A 208 -1.92 13.64 44.56
C GLU A 208 -1.78 14.45 43.27
N LYS A 209 -0.85 14.06 42.40
CA LYS A 209 -0.70 14.75 41.13
C LYS A 209 -1.96 14.68 40.23
N TYR A 210 -2.64 13.54 40.22
CA TYR A 210 -3.74 13.35 39.26
C TYR A 210 -5.12 13.38 39.91
N GLY A 211 -5.17 13.66 41.21
CA GLY A 211 -6.45 13.74 41.91
C GLY A 211 -7.08 12.38 42.10
N MET A 212 -6.23 11.36 42.15
CA MET A 212 -6.69 10.00 42.31
C MET A 212 -6.87 9.66 43.78
N ARG A 213 -8.09 9.88 44.29
CA ARG A 213 -8.31 9.78 45.73
C ARG A 213 -8.54 8.36 46.24
N ASP A 214 -8.62 7.37 45.34
CA ASP A 214 -8.59 5.97 45.76
C ASP A 214 -7.38 5.28 45.13
N ILE A 215 -6.60 4.62 45.98
CA ILE A 215 -5.45 3.84 45.56
C ILE A 215 -5.85 2.38 45.51
N HIS A 216 -5.73 1.78 44.33
CA HIS A 216 -6.22 0.44 44.11
C HIS A 216 -5.12 -0.54 43.69
N PHE A 217 -4.90 -1.58 44.49
CA PHE A 217 -3.93 -2.61 44.14
C PHE A 217 -4.58 -3.82 43.50
N ASP A 218 -4.19 -4.06 42.27
CA ASP A 218 -4.53 -5.29 41.58
C ASP A 218 -3.26 -6.12 41.48
N PHE A 219 -2.91 -6.77 42.58
CA PHE A 219 -1.77 -7.70 42.64
C PHE A 219 -2.32 -9.12 42.49
N GLU A 220 -1.94 -9.80 41.42
CA GLU A 220 -2.35 -11.18 41.17
C GLU A 220 -1.14 -12.07 40.94
N SER A 221 -1.33 -13.38 41.05
CA SER A 221 -0.24 -14.36 40.99
C SER A 221 0.82 -14.04 42.03
N VAL A 222 0.38 -13.59 43.18
CA VAL A 222 1.27 -13.35 44.31
C VAL A 222 1.62 -14.71 44.94
N ALA A 223 2.90 -14.90 45.27
CA ALA A 223 3.32 -16.15 45.91
C ALA A 223 2.57 -16.38 47.24
N PRO A 224 2.20 -17.64 47.54
CA PRO A 224 1.54 -17.93 48.82
C PRO A 224 2.35 -17.50 50.04
N GLU A 225 3.67 -17.54 49.92
CA GLU A 225 4.55 -17.18 51.03
C GLU A 225 4.48 -15.68 51.34
N ASP A 226 3.89 -14.91 50.45
CA ASP A 226 3.78 -13.46 50.61
C ASP A 226 2.41 -13.01 51.09
N ARG A 227 1.56 -13.95 51.50
CA ARG A 227 0.21 -13.61 51.98
C ARG A 227 0.27 -12.55 53.08
N GLU A 228 1.02 -12.83 54.15
CA GLU A 228 1.06 -11.90 55.26
C GLU A 228 1.87 -10.64 54.92
N ALA A 229 2.91 -10.76 54.07
CA ALA A 229 3.67 -9.60 53.62
C ALA A 229 2.77 -8.64 52.81
N TYR A 230 1.84 -9.18 52.05
CA TYR A 230 0.88 -8.36 51.31
C TYR A 230 -0.05 -7.65 52.31
N ASN A 231 -0.55 -8.39 53.30
CA ASN A 231 -1.36 -7.77 54.36
C ASN A 231 -0.61 -6.64 55.04
N ARG A 232 0.66 -6.86 55.37
CA ARG A 232 1.46 -5.80 56.01
C ARG A 232 1.66 -4.60 55.09
N PHE A 233 1.90 -4.86 53.81
CA PHE A 233 2.02 -3.76 52.86
C PHE A 233 0.72 -2.93 52.85
N LEU A 234 -0.43 -3.61 52.80
CA LEU A 234 -1.68 -2.88 52.75
C LEU A 234 -1.88 -2.06 54.03
N ARG A 235 -1.49 -2.61 55.19
CA ARG A 235 -1.58 -1.84 56.41
C ARG A 235 -0.66 -0.62 56.33
N ASN A 236 0.55 -0.81 55.78
CA ASN A 236 1.49 0.30 55.70
C ASN A 236 0.97 1.43 54.81
N VAL A 237 0.35 1.08 53.69
CA VAL A 237 -0.23 2.10 52.82
C VAL A 237 -1.41 2.79 53.51
N LYS A 238 -2.30 1.99 54.08
CA LYS A 238 -3.51 2.52 54.74
C LYS A 238 -3.14 3.54 55.80
N ILE A 239 -2.13 3.22 56.60
CA ILE A 239 -1.76 4.12 57.68
C ILE A 239 -1.23 5.44 57.12
N ARG A 240 -0.57 5.42 55.96
CA ARG A 240 0.01 6.64 55.43
C ARG A 240 -0.85 7.43 54.47
N LEU A 241 -2.03 6.93 54.10
CA LEU A 241 -2.89 7.69 53.21
C LEU A 241 -3.51 8.86 53.98
N PRO A 242 -3.39 10.08 53.47
CA PRO A 242 -4.02 11.24 54.10
C PRO A 242 -5.55 11.26 54.04
N SER A 243 -6.12 12.16 54.83
CA SER A 243 -7.56 12.35 54.84
C SER A 243 -8.09 12.63 53.44
N GLY A 244 -9.19 11.98 53.12
CA GLY A 244 -9.85 12.16 51.84
C GLY A 244 -9.44 11.09 50.85
N TYR A 245 -8.42 10.31 51.18
CA TYR A 245 -8.01 9.22 50.30
C TYR A 245 -8.51 7.90 50.87
N THR A 246 -8.73 6.94 49.98
CA THR A 246 -9.14 5.58 50.34
C THR A 246 -8.26 4.54 49.67
N LEU A 247 -8.37 3.30 50.15
CA LEU A 247 -7.59 2.18 49.67
C LEU A 247 -8.50 1.03 49.24
N SER A 248 -8.19 0.43 48.09
CA SER A 248 -8.97 -0.71 47.63
C SER A 248 -8.08 -1.76 46.98
N THR A 249 -8.61 -2.97 46.86
CA THR A 249 -7.89 -4.09 46.25
C THR A 249 -8.78 -4.96 45.37
N THR A 250 -8.14 -5.68 44.46
CA THR A 250 -8.77 -6.73 43.68
C THR A 250 -8.61 -8.09 44.36
N LEU A 251 -9.70 -8.84 44.43
CA LEU A 251 -9.71 -10.19 44.96
C LEU A 251 -10.21 -11.20 43.94
N VAL A 252 -9.52 -12.34 43.85
CA VAL A 252 -10.05 -13.47 43.09
C VAL A 252 -11.30 -13.98 43.83
N PRO A 253 -12.25 -14.55 43.07
CA PRO A 253 -13.48 -15.11 43.65
C PRO A 253 -13.20 -16.39 44.41
N LYS A 254 -13.75 -16.49 45.61
CA LYS A 254 -13.64 -17.68 46.47
C LYS A 254 -15.00 -18.04 47.05
N THR A 255 -15.23 -19.33 47.32
CA THR A 255 -16.41 -19.76 48.05
C THR A 255 -16.08 -20.43 49.37
N SER A 256 -14.80 -20.51 49.70
CA SER A 256 -14.42 -20.98 51.03
C SER A 256 -12.98 -20.56 51.37
N SER A 257 -12.64 -20.76 52.63
CA SER A 257 -11.41 -20.24 53.23
C SER A 257 -10.12 -21.04 53.00
N ASN A 258 -10.21 -22.23 52.41
CA ASN A 258 -9.01 -23.04 52.14
C ASN A 258 -8.95 -23.44 50.68
N GLN A 259 -10.10 -23.54 50.03
CA GLN A 259 -10.18 -23.60 48.57
C GLN A 259 -9.13 -22.70 47.93
N LYS A 262 -3.12 -23.35 46.21
CA LYS A 262 -2.03 -22.54 46.74
C LYS A 262 -1.97 -21.19 46.03
N PHE A 263 -2.38 -21.20 44.77
CA PHE A 263 -2.52 -19.99 43.95
C PHE A 263 -3.33 -18.89 44.65
N PHE A 264 -4.33 -19.29 45.45
CA PHE A 264 -5.33 -18.39 46.04
C PHE A 264 -4.91 -17.72 47.34
N GLU A 265 -3.99 -18.33 48.06
CA GLU A 265 -3.74 -18.01 49.47
C GLU A 265 -3.42 -16.56 49.69
N ALA A 266 -2.71 -15.94 48.76
CA ALA A 266 -2.24 -14.58 48.96
C ALA A 266 -3.35 -13.55 48.96
N HIS A 267 -4.56 -13.94 48.54
CA HIS A 267 -5.71 -13.04 48.62
C HIS A 267 -6.51 -13.38 49.89
N ASP A 268 -6.13 -12.73 50.97
CA ASP A 268 -6.66 -13.00 52.30
C ASP A 268 -7.90 -12.16 52.54
N TYR A 269 -9.07 -12.74 52.30
CA TYR A 269 -10.33 -12.02 52.38
C TYR A 269 -10.50 -11.33 53.74
N LYS A 270 -10.29 -12.08 54.83
CA LYS A 270 -10.52 -11.57 56.17
C LYS A 270 -9.57 -10.43 56.50
N ALA A 271 -8.29 -10.63 56.23
CA ALA A 271 -7.29 -9.61 56.53
C ALA A 271 -7.49 -8.34 55.71
N GLN A 272 -7.69 -8.49 54.40
CA GLN A 272 -7.85 -7.31 53.55
C GLN A 272 -9.12 -6.56 53.94
N GLY A 273 -10.18 -7.29 54.25
CA GLY A 273 -11.46 -6.68 54.61
C GLY A 273 -11.36 -5.80 55.85
N GLN A 274 -10.41 -6.11 56.71
CA GLN A 274 -10.17 -5.35 57.91
C GLN A 274 -9.37 -4.06 57.63
N ILE A 275 -8.61 -4.06 56.55
CA ILE A 275 -7.72 -2.95 56.22
C ILE A 275 -8.32 -1.96 55.22
N VAL A 276 -8.85 -2.47 54.12
CA VAL A 276 -9.20 -1.60 52.99
C VAL A 276 -10.60 -0.96 53.11
N ASP A 277 -10.85 0.06 52.28
CA ASP A 277 -12.16 0.70 52.22
C ASP A 277 -13.14 -0.11 51.39
N PHE A 278 -12.67 -0.70 50.29
CA PHE A 278 -13.50 -1.64 49.55
C PHE A 278 -12.65 -2.60 48.73
N VAL A 279 -13.27 -3.70 48.34
CA VAL A 279 -12.67 -4.70 47.46
C VAL A 279 -13.51 -4.84 46.19
N VAL A 280 -12.81 -5.19 45.12
CA VAL A 280 -13.44 -5.56 43.86
C VAL A 280 -13.20 -7.06 43.66
N ILE A 281 -14.27 -7.84 43.72
CA ILE A 281 -14.16 -9.30 43.57
C ILE A 281 -14.47 -9.66 42.14
N MET A 282 -13.56 -10.40 41.53
CA MET A 282 -13.68 -10.74 40.11
C MET A 282 -14.67 -11.89 39.89
N THR A 283 -15.93 -11.60 40.13
CA THR A 283 -17.03 -12.55 39.97
C THR A 283 -17.45 -12.71 38.50
N TYR A 284 -16.50 -13.16 37.69
CA TYR A 284 -16.77 -13.43 36.28
C TYR A 284 -15.72 -14.43 35.78
N ASP A 285 -15.85 -14.87 34.52
CA ASP A 285 -14.96 -15.83 33.84
C ASP A 285 -15.07 -17.28 34.35
N TRP A 286 -16.27 -17.73 34.67
CA TRP A 286 -16.54 -19.17 34.73
C TRP A 286 -16.42 -19.69 33.30
N GLY A 287 -17.27 -19.19 32.41
CA GLY A 287 -17.01 -19.28 30.98
C GLY A 287 -15.96 -18.25 30.62
N TRP A 288 -14.87 -18.68 29.97
CA TRP A 288 -13.77 -17.78 29.67
C TRP A 288 -13.13 -18.12 28.31
N GLN A 289 -12.28 -17.22 27.84
CA GLN A 289 -11.77 -17.20 26.48
C GLN A 289 -11.07 -18.50 26.08
N GLY A 290 -10.43 -19.14 27.06
CA GLY A 290 -9.67 -20.36 26.82
C GLY A 290 -10.35 -21.66 27.21
N GLY A 291 -11.62 -21.57 27.61
CA GLY A 291 -12.38 -22.74 28.02
C GLY A 291 -13.56 -23.02 27.09
N PRO A 292 -14.38 -24.02 27.46
CA PRO A 292 -15.55 -24.35 26.64
C PRO A 292 -16.69 -23.35 26.85
N PRO A 293 -17.64 -23.33 25.91
CA PRO A 293 -18.72 -22.34 26.02
C PRO A 293 -19.65 -22.59 27.20
N MET A 294 -19.95 -21.50 27.91
CA MET A 294 -20.89 -21.50 29.02
C MET A 294 -21.04 -20.05 29.51
N ALA A 295 -22.02 -19.80 30.37
CA ALA A 295 -22.23 -18.44 30.91
C ALA A 295 -20.94 -17.90 31.55
N ILE A 296 -20.66 -16.64 31.32
CA ILE A 296 -19.44 -16.01 31.84
C ILE A 296 -19.54 -15.79 33.36
N SER A 297 -20.70 -15.36 33.84
CA SER A 297 -20.89 -15.10 35.28
C SER A 297 -22.23 -15.63 35.78
N PRO A 298 -22.40 -16.97 35.81
CA PRO A 298 -23.67 -17.59 36.21
C PRO A 298 -24.06 -17.14 37.61
N ILE A 299 -25.33 -16.83 37.84
CA ILE A 299 -25.72 -16.11 39.04
C ILE A 299 -25.64 -16.96 40.32
N GLY A 300 -25.82 -18.27 40.20
CA GLY A 300 -25.68 -19.13 41.36
C GLY A 300 -24.30 -19.07 41.98
N PRO A 301 -23.27 -19.37 41.17
CA PRO A 301 -21.90 -19.26 41.69
C PRO A 301 -21.55 -17.84 42.14
N VAL A 302 -22.05 -16.81 41.46
CA VAL A 302 -21.76 -15.46 41.90
C VAL A 302 -22.34 -15.22 43.29
N LYS A 303 -23.57 -15.65 43.52
CA LYS A 303 -24.20 -15.55 44.84
C LYS A 303 -23.37 -16.27 45.89
N GLU A 304 -22.84 -17.46 45.56
CA GLU A 304 -21.99 -18.22 46.51
C GLU A 304 -20.77 -17.43 46.92
N VAL A 305 -20.15 -16.76 45.96
CA VAL A 305 -18.98 -15.93 46.23
C VAL A 305 -19.36 -14.73 47.11
N LEU A 306 -20.46 -14.06 46.80
CA LEU A 306 -20.88 -12.93 47.63
C LEU A 306 -21.19 -13.38 49.06
N GLN A 307 -21.82 -14.55 49.21
CA GLN A 307 -22.13 -15.06 50.54
C GLN A 307 -20.85 -15.39 51.31
N TYR A 308 -19.88 -15.98 50.63
CA TYR A 308 -18.62 -16.28 51.29
C TYR A 308 -17.94 -14.97 51.67
N ALA A 309 -17.93 -14.00 50.76
CA ALA A 309 -17.29 -12.72 51.05
C ALA A 309 -17.90 -12.03 52.28
N LYS A 310 -19.22 -12.05 52.40
CA LYS A 310 -19.93 -11.46 53.54
C LYS A 310 -19.56 -12.14 54.84
N SER A 311 -19.19 -13.41 54.79
CA SER A 311 -18.77 -14.11 56.00
C SER A 311 -17.40 -13.67 56.48
N GLN A 312 -16.64 -13.00 55.61
CA GLN A 312 -15.27 -12.63 55.90
C GLN A 312 -15.08 -11.14 56.14
N MET A 313 -16.03 -10.32 55.70
CA MET A 313 -15.90 -8.86 55.76
C MET A 313 -17.26 -8.18 55.69
N PRO A 314 -17.34 -6.90 56.10
CA PRO A 314 -18.61 -6.17 56.04
C PRO A 314 -19.18 -6.06 54.62
N PRO A 315 -20.50 -6.24 54.47
CA PRO A 315 -21.08 -6.24 53.12
C PRO A 315 -20.87 -4.96 52.32
N GLN A 316 -20.84 -3.81 53.00
CA GLN A 316 -20.70 -2.51 52.32
C GLN A 316 -19.35 -2.37 51.61
N LYS A 317 -18.36 -3.15 52.02
CA LYS A 317 -17.06 -3.09 51.40
C LYS A 317 -16.97 -3.87 50.09
N ILE A 318 -18.01 -4.64 49.77
CA ILE A 318 -17.94 -5.55 48.62
C ILE A 318 -18.47 -4.90 47.34
N MET A 319 -17.60 -4.85 46.32
CA MET A 319 -17.98 -4.48 44.97
C MET A 319 -17.98 -5.73 44.11
N MET A 320 -19.15 -6.06 43.59
CA MET A 320 -19.32 -7.23 42.73
C MET A 320 -18.79 -6.96 41.33
N GLY A 321 -17.80 -7.75 40.90
CA GLY A 321 -17.30 -7.66 39.54
C GLY A 321 -18.34 -8.10 38.54
N GLN A 322 -18.48 -7.34 37.45
CA GLN A 322 -19.42 -7.68 36.40
C GLN A 322 -18.82 -7.48 35.02
N ASN A 323 -18.81 -8.54 34.23
CA ASN A 323 -18.38 -8.48 32.84
C ASN A 323 -19.42 -7.77 31.98
N LEU A 324 -18.95 -6.97 31.03
CA LEU A 324 -19.85 -6.43 30.01
C LEU A 324 -19.73 -7.24 28.70
N TYR A 325 -18.70 -8.07 28.61
CA TYR A 325 -18.43 -8.87 27.43
C TYR A 325 -19.10 -10.24 27.48
N GLY A 326 -19.35 -10.80 26.30
CA GLY A 326 -19.64 -12.22 26.14
C GLY A 326 -18.54 -12.82 25.29
N PHE A 327 -18.69 -14.09 24.92
CA PHE A 327 -17.73 -14.75 24.01
C PHE A 327 -18.48 -15.51 22.93
N ASP A 328 -17.83 -15.59 21.77
CA ASP A 328 -18.26 -16.37 20.62
C ASP A 328 -17.23 -17.49 20.47
N TRP A 329 -17.64 -18.72 20.77
CA TRP A 329 -16.81 -19.92 20.66
C TRP A 329 -17.11 -20.70 19.38
N LYS A 330 -16.09 -21.16 18.67
CA LYS A 330 -16.28 -22.13 17.60
C LYS A 330 -16.31 -23.53 18.19
N LEU A 331 -17.18 -24.38 17.63
CA LEU A 331 -17.38 -25.76 18.11
C LEU A 331 -16.85 -26.73 17.08
N PRO A 332 -16.43 -27.94 17.53
CA PRO A 332 -16.43 -28.38 18.93
C PRO A 332 -15.27 -27.78 19.71
N PHE A 333 -15.43 -27.64 21.02
CA PHE A 333 -14.33 -27.16 21.85
C PHE A 333 -13.28 -28.26 21.94
N LYS A 334 -12.04 -27.85 21.74
CA LYS A 334 -10.89 -28.74 21.81
C LYS A 334 -9.66 -27.96 22.28
N GLN A 335 -8.77 -28.60 23.05
CA GLN A 335 -7.57 -27.90 23.45
C GLN A 335 -6.81 -27.56 22.17
N GLY A 336 -6.25 -26.37 22.11
CA GLY A 336 -5.54 -25.92 20.94
C GLY A 336 -6.40 -25.11 20.01
N ASN A 337 -7.70 -25.03 20.30
CA ASN A 337 -8.56 -24.15 19.54
C ASN A 337 -8.11 -22.70 19.69
N PRO A 338 -8.49 -21.86 18.74
CA PRO A 338 -8.25 -20.44 18.97
C PRO A 338 -9.06 -19.93 20.14
N PRO A 339 -8.63 -18.84 20.75
CA PRO A 339 -9.41 -18.29 21.86
C PRO A 339 -10.78 -17.82 21.36
N ALA A 340 -11.77 -17.86 22.22
CA ALA A 340 -13.08 -17.33 21.90
C ALA A 340 -12.96 -15.85 21.62
N LYS A 341 -13.85 -15.31 20.80
CA LYS A 341 -13.85 -13.89 20.45
C LYS A 341 -14.74 -13.13 21.43
N ALA A 342 -14.21 -12.09 22.05
CA ALA A 342 -15.02 -11.28 22.96
C ALA A 342 -15.97 -10.44 22.17
N VAL A 343 -17.21 -10.36 22.66
CA VAL A 343 -18.23 -9.54 22.02
C VAL A 343 -18.95 -8.65 23.03
N SER A 344 -19.29 -7.45 22.57
CA SER A 344 -20.20 -6.59 23.30
C SER A 344 -21.63 -7.14 23.22
N SER A 345 -22.53 -6.59 24.04
CA SER A 345 -23.93 -7.00 24.02
C SER A 345 -24.52 -6.70 22.65
N VAL A 346 -24.20 -5.51 22.13
CA VAL A 346 -24.71 -5.08 20.82
C VAL A 346 -24.17 -6.00 19.73
N ALA A 347 -22.89 -6.37 19.81
CA ALA A 347 -22.28 -7.22 18.78
C ALA A 347 -22.84 -8.63 18.82
N ALA A 348 -23.16 -9.11 20.01
CA ALA A 348 -23.74 -10.43 20.17
C ALA A 348 -25.10 -10.47 19.47
N VAL A 349 -25.94 -9.48 19.73
CA VAL A 349 -27.25 -9.43 19.07
C VAL A 349 -27.03 -9.34 17.56
N ALA A 350 -26.01 -8.61 17.13
CA ALA A 350 -25.77 -8.47 15.69
C ALA A 350 -25.40 -9.80 15.03
N LEU A 351 -24.72 -10.69 15.75
CA LEU A 351 -24.43 -12.03 15.24
C LEU A 351 -25.71 -12.85 15.07
N ALA A 352 -26.59 -12.81 16.05
CA ALA A 352 -27.86 -13.55 15.95
C ALA A 352 -28.67 -13.01 14.79
N ARG A 353 -28.67 -11.69 14.60
CA ARG A 353 -29.36 -11.09 13.46
C ARG A 353 -28.77 -11.57 12.11
N LYS A 354 -27.46 -11.51 12.01
CA LYS A 354 -26.78 -11.84 10.75
C LYS A 354 -27.02 -13.28 10.34
N TYR A 355 -26.96 -14.19 11.31
CA TYR A 355 -27.04 -15.62 11.05
C TYR A 355 -28.44 -16.20 11.31
N ASN A 356 -29.41 -15.32 11.47
CA ASN A 356 -30.83 -15.65 11.54
C ASN A 356 -31.22 -16.69 12.58
N VAL A 357 -30.79 -16.49 13.82
CA VAL A 357 -31.19 -17.34 14.92
C VAL A 357 -31.72 -16.48 16.06
N PRO A 358 -32.64 -17.03 16.85
CA PRO A 358 -33.17 -16.33 18.02
C PRO A 358 -32.22 -16.41 19.21
N ILE A 359 -32.37 -15.47 20.12
CA ILE A 359 -31.62 -15.47 21.37
C ILE A 359 -32.43 -16.23 22.41
N ARG A 360 -31.80 -17.23 23.03
CA ARG A 360 -32.41 -18.02 24.08
C ARG A 360 -31.92 -17.52 25.44
N TYR A 361 -32.62 -17.92 26.50
CA TYR A 361 -32.27 -17.49 27.85
C TYR A 361 -32.23 -18.66 28.84
N ASP A 362 -31.10 -18.81 29.50
CA ASP A 362 -30.90 -19.85 30.50
C ASP A 362 -31.34 -19.30 31.86
N PHE A 363 -32.46 -19.77 32.39
CA PHE A 363 -33.01 -19.23 33.64
C PHE A 363 -32.28 -19.71 34.90
N THR A 364 -31.45 -20.74 34.78
CA THR A 364 -30.62 -21.19 35.89
C THR A 364 -29.36 -20.33 36.01
N ALA A 365 -28.61 -20.21 34.92
CA ALA A 365 -27.46 -19.32 34.90
C ALA A 365 -27.86 -17.85 34.95
N GLN A 366 -29.07 -17.54 34.49
CA GLN A 366 -29.53 -16.18 34.19
C GLN A 366 -28.59 -15.53 33.18
N ALA A 367 -28.66 -16.00 31.93
CA ALA A 367 -27.83 -15.49 30.85
C ALA A 367 -28.40 -15.83 29.47
N PRO A 368 -28.27 -14.90 28.53
CA PRO A 368 -28.68 -15.15 27.15
C PRO A 368 -27.61 -15.88 26.36
N HIS A 369 -28.03 -16.63 25.35
CA HIS A 369 -27.12 -17.43 24.53
C HIS A 369 -27.79 -17.87 23.24
N PHE A 370 -26.97 -18.29 22.29
CA PHE A 370 -27.48 -18.84 21.03
C PHE A 370 -26.39 -19.58 20.30
N ASN A 371 -26.79 -20.38 19.30
CA ASN A 371 -25.86 -21.09 18.43
C ASN A 371 -26.18 -20.76 16.97
N TYR A 372 -25.17 -20.74 16.12
CA TYR A 372 -25.37 -20.46 14.71
C TYR A 372 -24.32 -21.17 13.86
N PHE A 373 -24.57 -21.25 12.55
CA PHE A 373 -23.55 -21.70 11.59
C PHE A 373 -23.07 -20.53 10.75
N ASP A 374 -21.76 -20.39 10.59
CA ASP A 374 -21.25 -19.33 9.73
C ASP A 374 -21.22 -19.81 8.26
N GLU A 375 -20.75 -18.93 7.39
CA GLU A 375 -20.74 -19.15 5.95
C GLU A 375 -19.86 -20.34 5.54
N ASN A 376 -18.93 -20.72 6.40
CA ASN A 376 -18.08 -21.88 6.13
C ASN A 376 -18.65 -23.16 6.75
N GLY A 377 -19.84 -23.05 7.35
CA GLY A 377 -20.45 -24.23 7.96
C GLY A 377 -19.93 -24.60 9.32
N VAL A 378 -19.21 -23.69 9.95
CA VAL A 378 -18.67 -23.95 11.28
C VAL A 378 -19.71 -23.52 12.32
N GLN A 379 -19.98 -24.36 13.30
CA GLN A 379 -20.93 -23.99 14.38
C GLN A 379 -20.26 -23.09 15.42
N HIS A 380 -20.99 -22.07 15.86
CA HIS A 380 -20.57 -21.19 16.95
C HIS A 380 -21.58 -21.24 18.10
N GLU A 381 -21.10 -21.00 19.31
CA GLU A 381 -21.97 -20.82 20.48
C GLU A 381 -21.58 -19.52 21.17
N VAL A 382 -22.57 -18.70 21.47
CA VAL A 382 -22.37 -17.41 22.08
C VAL A 382 -23.09 -17.30 23.42
N TRP A 383 -22.37 -16.88 24.45
CA TRP A 383 -22.95 -16.52 25.75
C TRP A 383 -22.62 -15.05 25.99
N PHE A 384 -23.56 -14.26 26.48
CA PHE A 384 -23.31 -12.83 26.61
C PHE A 384 -24.14 -12.22 27.74
N GLU A 385 -24.22 -10.89 27.78
CA GLU A 385 -24.94 -10.17 28.83
C GLU A 385 -26.04 -9.34 28.17
N ASP A 386 -27.23 -9.29 28.79
CA ASP A 386 -28.27 -8.38 28.29
C ASP A 386 -29.09 -7.82 29.45
N ALA A 387 -30.14 -7.07 29.13
CA ALA A 387 -30.88 -6.36 30.16
C ALA A 387 -31.48 -7.30 31.22
N ARG A 388 -31.90 -8.49 30.80
CA ARG A 388 -32.50 -9.44 31.72
C ARG A 388 -31.50 -9.89 32.79
N SER A 389 -30.31 -10.30 32.36
CA SER A 389 -29.36 -10.87 33.31
C SER A 389 -28.75 -9.76 34.17
N ILE A 390 -28.55 -8.57 33.62
CA ILE A 390 -28.08 -7.46 34.46
C ILE A 390 -29.13 -7.09 35.52
N GLN A 391 -30.41 -7.10 35.16
CA GLN A 391 -31.44 -6.86 36.18
C GLN A 391 -31.40 -7.94 37.27
N SER A 392 -31.17 -9.20 36.90
CA SER A 392 -31.02 -10.26 37.91
C SER A 392 -29.84 -9.97 38.83
N LYS A 393 -28.75 -9.48 38.26
CA LYS A 393 -27.57 -9.15 39.07
C LYS A 393 -27.82 -7.96 40.00
N PHE A 394 -28.53 -6.94 39.51
CA PHE A 394 -28.90 -5.81 40.36
C PHE A 394 -29.77 -6.29 41.54
N ASN A 395 -30.73 -7.17 41.27
CA ASN A 395 -31.59 -7.71 42.33
C ASN A 395 -30.79 -8.54 43.34
N LEU A 396 -29.79 -9.28 42.86
CA LEU A 396 -28.89 -10.00 43.76
C LEU A 396 -28.15 -9.05 44.70
N MET A 397 -27.68 -7.92 44.16
CA MET A 397 -26.97 -6.92 44.96
C MET A 397 -27.88 -6.41 46.06
N LYS A 398 -29.14 -6.17 45.71
CA LYS A 398 -30.11 -5.69 46.69
C LYS A 398 -30.32 -6.72 47.80
N GLU A 399 -30.52 -7.97 47.41
CA GLU A 399 -30.78 -9.03 48.37
C GLU A 399 -29.61 -9.19 49.33
N GLN A 400 -28.39 -9.13 48.79
CA GLN A 400 -27.19 -9.39 49.58
C GLN A 400 -26.70 -8.15 50.33
N GLY A 401 -27.20 -6.98 49.95
CA GLY A 401 -26.86 -5.75 50.64
C GLY A 401 -25.41 -5.29 50.47
N ILE A 402 -24.80 -5.57 49.32
CA ILE A 402 -23.39 -5.21 49.15
C ILE A 402 -23.22 -3.77 48.65
N GLY A 403 -21.98 -3.30 48.62
CA GLY A 403 -21.73 -1.89 48.36
C GLY A 403 -21.93 -1.41 46.94
N GLY A 404 -21.59 -2.25 45.97
CA GLY A 404 -21.59 -1.77 44.61
C GLY A 404 -21.22 -2.79 43.57
N ILE A 405 -20.93 -2.28 42.38
CA ILE A 405 -20.68 -3.09 41.20
C ILE A 405 -19.49 -2.50 40.44
N SER A 406 -18.63 -3.36 39.89
CA SER A 406 -17.45 -2.96 39.17
C SER A 406 -17.43 -3.59 37.79
N TYR A 407 -17.47 -2.74 36.76
CA TYR A 407 -17.62 -3.21 35.38
C TYR A 407 -16.29 -3.37 34.63
N TRP A 408 -16.09 -4.54 34.03
CA TRP A 408 -14.99 -4.78 33.08
C TRP A 408 -15.62 -5.03 31.70
N LYS A 409 -15.49 -4.12 30.74
CA LYS A 409 -14.74 -2.87 30.79
C LYS A 409 -15.37 -1.91 29.79
N ILE A 410 -14.98 -0.65 29.85
CA ILE A 410 -15.41 0.38 28.91
C ILE A 410 -14.99 -0.02 27.50
N GLY A 411 -15.88 0.21 26.52
CA GLY A 411 -15.59 -0.08 25.12
C GLY A 411 -16.37 -1.24 24.56
N LEU A 412 -17.39 -1.66 25.31
CA LEU A 412 -18.26 -2.78 24.95
C LEU A 412 -19.72 -2.33 25.01
N PRO A 413 -20.24 -1.76 23.92
CA PRO A 413 -21.57 -1.14 23.90
C PRO A 413 -22.66 -2.04 24.49
N PHE A 414 -23.47 -1.43 25.37
CA PHE A 414 -24.51 -2.11 26.13
C PHE A 414 -25.34 -1.01 26.80
N PRO A 415 -26.11 -0.25 25.99
CA PRO A 415 -26.74 0.96 26.53
C PRO A 415 -27.74 0.65 27.64
N GLN A 416 -28.39 -0.50 27.56
CA GLN A 416 -29.41 -0.83 28.54
C GLN A 416 -28.82 -1.00 29.93
N ASN A 417 -27.57 -1.45 30.02
CA ASN A 417 -26.96 -1.61 31.33
C ASN A 417 -26.91 -0.28 32.09
N TRP A 418 -26.49 0.78 31.41
CA TRP A 418 -26.29 2.06 32.08
C TRP A 418 -27.62 2.72 32.43
N ARG A 419 -28.60 2.60 31.54
CA ARG A 419 -29.93 3.13 31.83
C ARG A 419 -30.56 2.36 33.00
N LEU A 420 -30.44 1.04 33.03
CA LEU A 420 -31.02 0.27 34.11
C LEU A 420 -30.32 0.56 35.44
N LEU A 421 -29.02 0.85 35.39
CA LEU A 421 -28.29 1.18 36.61
C LEU A 421 -28.94 2.38 37.30
N VAL A 422 -29.21 3.44 36.53
CA VAL A 422 -29.81 4.66 37.10
C VAL A 422 -31.30 4.50 37.42
N GLU A 423 -31.98 3.58 36.74
CA GLU A 423 -33.38 3.31 37.07
C GLU A 423 -33.49 2.58 38.40
N ASN A 424 -32.51 1.72 38.66
CA ASN A 424 -32.57 0.85 39.84
C ASN A 424 -32.06 1.46 41.12
N PHE A 425 -31.09 2.36 40.98
CA PHE A 425 -30.29 2.87 42.08
C PHE A 425 -30.06 4.36 41.99
N THR A 426 -29.77 4.96 43.14
CA THR A 426 -29.15 6.27 43.17
C THR A 426 -27.66 6.09 43.11
N ILE A 427 -27.01 6.62 42.08
CA ILE A 427 -25.57 6.41 41.91
C ILE A 427 -24.81 7.45 42.74
N THR A 428 -24.00 6.97 43.67
CA THR A 428 -23.22 7.83 44.54
C THR A 428 -22.16 8.58 43.76
N LYS A 429 -22.11 9.90 43.96
CA LYS A 429 -21.04 10.73 43.42
C LYS A 429 -20.33 11.38 44.59
N LYS A 430 -19.02 11.23 44.66
CA LYS A 430 -18.25 11.73 45.77
C LYS A 430 -17.38 12.92 45.36
N GLY A 431 -17.25 13.15 44.07
CA GLY A 431 -16.53 14.29 43.54
C GLY A 431 -17.12 15.65 43.88
N PHE B 1 30.10 3.24 -19.97
CA PHE B 1 29.41 4.05 -18.94
C PHE B 1 29.00 3.19 -17.76
N ALA B 2 28.83 3.82 -16.60
CA ALA B 2 28.58 3.13 -15.35
C ALA B 2 28.19 4.16 -14.29
N ILE B 3 28.03 3.72 -13.04
CA ILE B 3 27.77 4.63 -11.93
C ILE B 3 28.74 4.35 -10.79
N GLN B 4 28.93 5.34 -9.94
CA GLN B 4 29.61 5.06 -8.67
C GLN B 4 28.87 5.77 -7.56
N ILE B 5 29.14 5.32 -6.34
CA ILE B 5 28.60 5.86 -5.12
C ILE B 5 29.56 6.90 -4.56
N VAL B 6 29.02 8.03 -4.13
CA VAL B 6 29.81 9.12 -3.56
C VAL B 6 29.22 9.55 -2.22
N THR B 7 30.08 9.79 -1.23
CA THR B 7 29.65 10.31 0.07
C THR B 7 29.82 11.80 0.13
N VAL B 8 28.75 12.52 0.46
CA VAL B 8 28.77 13.98 0.52
C VAL B 8 29.67 14.47 1.65
N ARG B 9 30.49 15.46 1.34
CA ARG B 9 31.39 16.12 2.31
C ARG B 9 30.94 17.54 2.52
N SER B 10 31.36 18.14 3.62
CA SER B 10 30.99 19.51 3.93
C SER B 10 31.38 20.43 2.78
N GLY B 11 30.42 21.23 2.33
CA GLY B 11 30.67 22.17 1.26
C GLY B 11 30.28 21.69 -0.11
N ASP B 12 30.02 20.40 -0.25
CA ASP B 12 29.62 19.86 -1.55
C ASP B 12 28.27 20.44 -1.98
N SER B 13 28.11 20.65 -3.29
CA SER B 13 26.82 20.98 -3.88
C SER B 13 26.58 20.03 -5.04
N VAL B 14 25.35 19.99 -5.54
CA VAL B 14 25.08 19.20 -6.72
C VAL B 14 25.96 19.67 -7.88
N TYR B 15 26.21 20.98 -7.95
CA TYR B 15 27.03 21.52 -9.03
C TYR B 15 28.48 21.11 -8.91
N SER B 16 29.05 21.16 -7.70
CA SER B 16 30.46 20.82 -7.52
C SER B 16 30.67 19.34 -7.78
N LEU B 17 29.71 18.52 -7.37
CA LEU B 17 29.79 17.08 -7.60
C LEU B 17 29.66 16.76 -9.09
N ALA B 18 28.77 17.47 -9.77
CA ALA B 18 28.58 17.28 -11.19
C ALA B 18 29.87 17.57 -11.96
N SER B 19 30.62 18.57 -11.53
CA SER B 19 31.87 18.94 -12.22
C SER B 19 32.93 17.85 -12.05
N LYS B 20 33.03 17.31 -10.84
CA LYS B 20 34.04 16.30 -10.54
C LYS B 20 33.85 14.97 -11.25
N TYR B 21 32.63 14.47 -11.30
CA TYR B 21 32.41 13.09 -11.72
C TYR B 21 31.96 12.89 -13.17
N GLY B 22 30.68 13.02 -13.44
CA GLY B 22 30.20 12.82 -14.81
C GLY B 22 28.71 12.69 -14.94
N SER B 23 27.98 13.25 -13.98
CA SER B 23 26.54 13.39 -14.08
C SER B 23 26.36 14.86 -14.41
N THR B 24 25.13 15.27 -14.59
CA THR B 24 24.79 16.68 -14.70
C THR B 24 24.06 16.97 -13.42
N PRO B 25 23.92 18.25 -13.05
CA PRO B 25 23.14 18.49 -11.84
C PRO B 25 21.75 17.84 -11.92
N ASP B 26 21.13 17.90 -13.09
CA ASP B 26 19.80 17.31 -13.25
C ASP B 26 19.83 15.79 -13.04
N GLU B 27 20.87 15.13 -13.54
CA GLU B 27 20.98 13.68 -13.38
C GLU B 27 21.18 13.31 -11.91
N ILE B 28 22.03 14.05 -11.20
CA ILE B 28 22.25 13.78 -9.79
C ILE B 28 20.94 13.97 -9.03
N VAL B 29 20.21 15.04 -9.34
CA VAL B 29 18.92 15.28 -8.67
C VAL B 29 17.91 14.18 -8.97
N LYS B 30 17.78 13.80 -10.24
CA LYS B 30 16.80 12.80 -10.65
C LYS B 30 17.12 11.41 -10.08
N ASP B 31 18.37 10.98 -10.25
CA ASP B 31 18.80 9.65 -9.84
C ASP B 31 18.73 9.41 -8.33
N ASN B 32 18.83 10.48 -7.55
CA ASN B 32 18.84 10.38 -6.10
C ASN B 32 17.56 10.89 -5.44
N GLY B 33 16.56 11.20 -6.26
CA GLY B 33 15.27 11.67 -5.78
C GLY B 33 15.37 12.91 -4.91
N LEU B 34 16.23 13.84 -5.29
CA LEU B 34 16.45 15.03 -4.50
C LEU B 34 15.40 16.10 -4.78
N ASN B 35 15.18 16.95 -3.79
CA ASN B 35 14.50 18.23 -3.99
C ASN B 35 15.56 19.26 -4.34
N PRO B 36 15.46 19.91 -5.53
CA PRO B 36 16.56 20.78 -5.96
C PRO B 36 16.78 21.98 -5.06
N ALA B 37 15.77 22.33 -4.28
CA ALA B 37 15.83 23.48 -3.37
C ALA B 37 16.50 23.14 -2.05
N GLU B 38 16.66 21.84 -1.78
CA GLU B 38 17.16 21.41 -0.48
C GLU B 38 18.68 21.28 -0.48
N THR B 39 19.28 21.47 0.68
CA THR B 39 20.71 21.24 0.85
C THR B 39 21.05 19.76 0.83
N LEU B 40 22.32 19.47 0.53
CA LEU B 40 22.85 18.12 0.73
C LEU B 40 23.25 17.96 2.20
N VAL B 41 23.17 16.73 2.67
CA VAL B 41 23.53 16.41 4.05
C VAL B 41 24.92 15.79 4.07
N VAL B 42 25.79 16.29 4.93
CA VAL B 42 27.13 15.69 5.07
C VAL B 42 26.94 14.23 5.44
N GLY B 43 27.59 13.33 4.69
CA GLY B 43 27.48 11.90 4.94
C GLY B 43 26.42 11.16 4.12
N GLN B 44 25.59 11.91 3.40
CA GLN B 44 24.58 11.36 2.50
C GLN B 44 25.26 10.63 1.36
N ALA B 45 24.71 9.49 0.95
CA ALA B 45 25.28 8.72 -0.15
C ALA B 45 24.49 8.92 -1.43
N LEU B 46 25.19 9.34 -2.49
CA LEU B 46 24.59 9.62 -3.79
C LEU B 46 25.14 8.68 -4.83
N ILE B 47 24.34 8.41 -5.86
CA ILE B 47 24.88 7.76 -7.04
C ILE B 47 25.09 8.76 -8.17
N VAL B 48 26.22 8.63 -8.86
CA VAL B 48 26.56 9.52 -9.98
C VAL B 48 26.99 8.68 -11.18
N ASN B 49 26.63 9.17 -12.36
CA ASN B 49 27.11 8.59 -13.61
C ASN B 49 28.60 8.85 -13.82
N THR B 50 29.32 7.81 -14.26
CA THR B 50 30.76 7.93 -14.50
C THR B 50 31.00 7.80 -16.00
N LYS B 51 32.15 8.27 -16.46
CA LYS B 51 32.54 8.11 -17.86
C LYS B 51 33.93 7.49 -18.00
N GLY B 52 34.10 6.73 -19.07
CA GLY B 52 35.37 6.12 -19.42
C GLY B 52 36.03 5.29 -18.34
N ASN B 53 35.26 4.40 -17.73
CA ASN B 53 35.77 3.43 -16.77
C ASN B 53 36.52 4.08 -15.61
N ASN B 54 36.18 5.33 -15.33
CA ASN B 54 36.93 6.09 -14.33
C ASN B 54 36.23 5.96 -12.97
N TYR B 55 37.04 5.82 -11.91
CA TYR B 55 36.52 5.61 -10.57
C TYR B 55 37.36 6.38 -9.55
N TYR B 56 36.71 7.03 -8.59
CA TYR B 56 37.42 7.70 -7.48
C TYR B 56 37.16 7.01 -6.16
N VAL B 57 38.26 6.64 -5.50
CA VAL B 57 38.20 5.86 -4.29
C VAL B 57 37.44 6.58 -3.17
N GLN B 58 36.58 5.83 -2.52
CA GLN B 58 35.73 6.30 -1.45
C GLN B 58 36.16 5.80 -0.08
N PRO B 59 35.68 6.45 1.00
CA PRO B 59 36.00 5.90 2.32
C PRO B 59 35.65 4.43 2.48
N GLY B 60 36.58 3.66 3.02
CA GLY B 60 36.37 2.25 3.25
C GLY B 60 36.61 1.35 2.06
N ASP B 61 36.94 1.93 0.90
CA ASP B 61 37.23 1.12 -0.29
C ASP B 61 38.49 0.29 -0.12
N SER B 62 38.51 -0.84 -0.81
CA SER B 62 39.72 -1.61 -1.01
C SER B 62 39.70 -2.13 -2.43
N LEU B 63 40.83 -2.57 -2.97
CA LEU B 63 40.81 -3.16 -4.30
C LEU B 63 39.87 -4.37 -4.31
N TYR B 64 39.88 -5.14 -3.23
CA TYR B 64 38.97 -6.28 -3.14
C TYR B 64 37.51 -5.85 -3.29
N ARG B 65 37.08 -4.84 -2.54
CA ARG B 65 35.69 -4.35 -2.64
C ARG B 65 35.35 -3.85 -4.03
N ILE B 66 36.24 -3.04 -4.61
CA ILE B 66 36.01 -2.44 -5.93
C ILE B 66 35.89 -3.56 -6.96
N SER B 67 36.71 -4.60 -6.80
CA SER B 67 36.68 -5.79 -7.67
C SER B 67 35.33 -6.49 -7.61
N GLN B 68 34.78 -6.63 -6.41
CA GLN B 68 33.45 -7.23 -6.27
C GLN B 68 32.36 -6.32 -6.85
N THR B 69 32.45 -5.03 -6.55
CA THR B 69 31.42 -4.09 -6.99
C THR B 69 31.25 -4.12 -8.50
N TYR B 70 32.35 -4.05 -9.26
CA TYR B 70 32.28 -3.96 -10.72
C TYR B 70 32.63 -5.28 -11.44
N ASN B 71 32.73 -6.38 -10.70
CA ASN B 71 33.06 -7.71 -11.28
C ASN B 71 34.32 -7.69 -12.15
N VAL B 72 35.42 -7.20 -11.58
CA VAL B 72 36.70 -7.22 -12.25
C VAL B 72 37.62 -8.12 -11.43
N PRO B 73 38.23 -9.13 -12.08
CA PRO B 73 39.13 -9.98 -11.28
C PRO B 73 40.18 -9.13 -10.56
N LEU B 74 40.40 -9.45 -9.29
CA LEU B 74 41.23 -8.59 -8.47
C LEU B 74 42.65 -8.44 -9.00
N ALA B 75 43.23 -9.53 -9.48
CA ALA B 75 44.59 -9.46 -10.00
C ALA B 75 44.65 -8.52 -11.21
N SER B 76 43.60 -8.59 -12.03
CA SER B 76 43.48 -7.77 -13.22
C SER B 76 43.30 -6.28 -12.88
N LEU B 77 42.46 -5.99 -11.89
CA LEU B 77 42.20 -4.61 -11.47
C LEU B 77 43.50 -3.98 -10.99
N ALA B 78 44.26 -4.75 -10.23
CA ALA B 78 45.54 -4.26 -9.72
C ALA B 78 46.50 -4.01 -10.89
N LYS B 79 46.62 -4.99 -11.78
CA LYS B 79 47.56 -4.93 -12.90
C LYS B 79 47.32 -3.68 -13.74
N VAL B 80 46.07 -3.44 -14.09
CA VAL B 80 45.74 -2.38 -15.04
C VAL B 80 45.92 -0.99 -14.42
N ASN B 81 46.04 -0.92 -13.09
CA ASN B 81 46.28 0.32 -12.40
C ASN B 81 47.72 0.47 -11.88
N ASN B 82 48.60 -0.44 -12.29
CA ASN B 82 49.99 -0.43 -11.83
C ASN B 82 50.08 -0.54 -10.32
N LEU B 83 49.24 -1.40 -9.76
CA LEU B 83 49.20 -1.62 -8.32
C LEU B 83 49.48 -3.07 -7.99
N SER B 84 49.93 -3.27 -6.77
CA SER B 84 50.05 -4.58 -6.14
C SER B 84 48.78 -4.94 -5.39
N LEU B 85 48.58 -6.22 -5.14
CA LEU B 85 47.44 -6.68 -4.35
C LEU B 85 47.46 -6.05 -2.95
N LYS B 86 48.65 -5.64 -2.50
CA LYS B 86 48.82 -5.07 -1.16
C LYS B 86 48.95 -3.55 -1.17
N SER B 87 48.71 -2.94 -2.32
CA SER B 87 48.84 -1.49 -2.45
C SER B 87 47.86 -0.78 -1.53
N ILE B 88 48.33 0.25 -0.83
CA ILE B 88 47.47 1.08 0.02
C ILE B 88 46.75 2.16 -0.79
N LEU B 89 45.43 2.20 -0.71
CA LEU B 89 44.64 3.23 -1.41
C LEU B 89 44.38 4.45 -0.52
N HIS B 90 44.06 5.57 -1.14
CA HIS B 90 43.61 6.76 -0.40
C HIS B 90 42.35 7.31 -1.03
N VAL B 91 41.52 7.93 -0.20
CA VAL B 91 40.28 8.53 -0.65
C VAL B 91 40.59 9.63 -1.67
N GLY B 92 39.87 9.59 -2.79
CA GLY B 92 40.08 10.54 -3.88
C GLY B 92 40.97 10.01 -4.97
N GLN B 93 41.66 8.90 -4.71
CA GLN B 93 42.54 8.28 -5.69
C GLN B 93 41.79 7.85 -6.94
N GLN B 94 42.38 8.12 -8.10
CA GLN B 94 41.75 7.78 -9.37
C GLN B 94 42.16 6.37 -9.80
N LEU B 95 41.17 5.58 -10.24
CA LEU B 95 41.42 4.24 -10.81
C LEU B 95 40.73 4.03 -12.13
N TYR B 96 41.33 3.17 -12.96
CA TYR B 96 40.67 2.63 -14.16
C TYR B 96 40.01 1.31 -13.77
N VAL B 97 38.69 1.22 -13.95
CA VAL B 97 37.95 0.03 -13.56
C VAL B 97 37.12 -0.49 -14.74
N PRO B 98 37.65 -1.48 -15.45
CA PRO B 98 36.92 -2.06 -16.59
C PRO B 98 35.76 -2.97 -16.14
N LYS B 99 34.58 -2.42 -15.99
CA LYS B 99 33.42 -3.16 -15.46
C LYS B 99 33.10 -4.43 -16.25
N GLY B 100 32.84 -5.50 -15.49
CA GLY B 100 32.60 -6.81 -16.04
C GLY B 100 31.11 -7.05 -16.19
N THR B 101 30.77 -8.25 -16.66
CA THR B 101 29.38 -8.64 -16.85
C THR B 101 28.59 -8.65 -15.54
N LYS B 102 27.31 -8.31 -15.63
CA LYS B 102 26.41 -8.31 -14.49
C LYS B 102 25.86 -9.72 -14.29
N ARG B 103 26.08 -10.39 -13.15
CA ARG B 103 25.55 -11.75 -13.04
C ARG B 103 24.06 -11.72 -12.84
N SER B 104 23.42 -12.82 -13.16
CA SER B 104 21.98 -12.88 -13.07
C SER B 104 21.56 -12.93 -11.60
N VAL B 105 20.36 -12.42 -11.32
CA VAL B 105 19.80 -12.43 -9.98
C VAL B 105 18.31 -12.65 -10.08
N GLU B 106 17.74 -13.29 -9.06
CA GLU B 106 16.31 -13.30 -8.88
C GLU B 106 15.98 -12.29 -7.78
N SER B 107 14.99 -11.46 -8.03
CA SER B 107 14.59 -10.44 -7.08
C SER B 107 13.13 -10.61 -6.69
N ILE B 108 12.84 -10.43 -5.41
CA ILE B 108 11.50 -10.48 -4.88
C ILE B 108 11.22 -9.17 -4.14
N ALA B 109 9.99 -8.67 -4.22
CA ALA B 109 9.57 -7.62 -3.28
C ALA B 109 8.20 -7.93 -2.73
N TYR B 110 8.03 -7.64 -1.45
CA TYR B 110 6.78 -7.83 -0.73
C TYR B 110 5.94 -6.56 -0.69
N LEU B 111 4.62 -6.77 -0.78
CA LEU B 111 3.64 -5.70 -0.69
C LEU B 111 2.72 -6.01 0.48
N GLN B 112 2.64 -5.07 1.42
CA GLN B 112 1.85 -5.23 2.62
C GLN B 112 1.10 -3.94 2.88
N PRO B 113 -0.08 -3.81 2.31
CA PRO B 113 -0.89 -2.60 2.53
C PRO B 113 -1.47 -2.51 3.94
N SER B 114 -1.83 -1.31 4.36
CA SER B 114 -2.38 -1.09 5.69
C SER B 114 -3.82 -0.57 5.64
N THR B 115 -4.38 -0.48 4.43
CA THR B 115 -5.73 0.02 4.26
C THR B 115 -6.55 -0.79 3.27
N ILE B 116 -7.87 -0.61 3.34
CA ILE B 116 -8.78 -1.15 2.35
C ILE B 116 -9.71 -0.03 1.91
N PRO B 117 -9.68 0.31 0.61
CA PRO B 117 -8.84 -0.25 -0.44
C PRO B 117 -7.37 0.12 -0.28
N ILE B 118 -6.51 -0.52 -1.06
CA ILE B 118 -5.08 -0.18 -1.06
C ILE B 118 -4.91 1.27 -1.52
N LYS B 119 -4.03 2.03 -0.86
CA LYS B 119 -3.75 3.39 -1.32
C LYS B 119 -3.20 3.39 -2.72
N GLU B 120 -3.68 4.34 -3.53
CA GLU B 120 -3.22 4.48 -4.90
C GLU B 120 -1.72 4.70 -4.97
N SER B 121 -1.17 5.45 -4.01
CA SER B 121 0.25 5.75 -4.00
C SER B 121 1.06 4.46 -3.85
N LEU B 122 0.49 3.51 -3.12
CA LEU B 122 1.12 2.21 -2.91
C LEU B 122 1.02 1.33 -4.16
N VAL B 123 -0.12 1.40 -4.85
CA VAL B 123 -0.25 0.69 -6.12
C VAL B 123 0.73 1.29 -7.11
N ASN B 124 0.87 2.61 -7.08
CA ASN B 124 1.80 3.28 -7.97
C ASN B 124 3.24 2.87 -7.64
N ALA B 125 3.58 2.76 -6.36
CA ALA B 125 4.94 2.31 -5.99
C ALA B 125 5.18 0.90 -6.49
N THR B 126 4.14 0.07 -6.46
CA THR B 126 4.24 -1.31 -6.95
C THR B 126 4.50 -1.31 -8.45
N ARG B 127 3.76 -0.48 -9.17
CA ARG B 127 3.93 -0.37 -10.61
C ARG B 127 5.34 0.07 -10.98
N ALA B 128 5.90 0.98 -10.18
CA ALA B 128 7.23 1.53 -10.45
C ALA B 128 8.34 0.49 -10.25
N ILE B 129 8.14 -0.41 -9.29
CA ILE B 129 9.15 -1.41 -8.89
C ILE B 129 9.03 -2.70 -9.73
N ASN B 130 7.83 -3.01 -10.19
CA ASN B 130 7.57 -4.26 -10.92
C ASN B 130 8.55 -4.64 -12.04
N PRO B 131 9.00 -3.68 -12.84
CA PRO B 131 9.98 -4.04 -13.89
C PRO B 131 11.28 -4.64 -13.37
N PHE B 132 11.61 -4.36 -12.12
CA PHE B 132 12.86 -4.80 -11.52
C PHE B 132 12.72 -6.15 -10.78
N LEU B 133 11.55 -6.79 -10.89
CA LEU B 133 11.25 -7.98 -10.08
C LEU B 133 11.13 -9.27 -10.85
N THR B 134 11.67 -10.35 -10.29
CA THR B 134 11.35 -11.70 -10.76
C THR B 134 9.99 -12.13 -10.17
N TYR B 135 9.77 -11.78 -8.89
CA TYR B 135 8.57 -12.13 -8.15
C TYR B 135 7.99 -10.95 -7.38
N LEU B 136 6.66 -10.87 -7.34
CA LEU B 136 5.92 -9.92 -6.51
C LEU B 136 5.14 -10.71 -5.48
N ALA B 137 5.31 -10.38 -4.21
CA ALA B 137 4.73 -11.15 -3.11
C ALA B 137 3.72 -10.33 -2.34
N TYR B 138 2.45 -10.52 -2.63
CA TYR B 138 1.39 -9.80 -1.94
C TYR B 138 1.09 -10.48 -0.60
N PHE B 139 1.43 -9.77 0.47
CA PHE B 139 1.36 -10.29 1.84
C PHE B 139 0.00 -9.92 2.46
N SER B 140 -0.88 -10.86 2.77
CA SER B 140 -0.76 -12.31 2.59
C SER B 140 -2.16 -12.94 2.55
N PHE B 141 -2.22 -14.22 2.15
CA PHE B 141 -3.40 -15.08 2.36
C PHE B 141 -3.25 -15.76 3.69
N GLU B 142 -4.21 -15.60 4.59
CA GLU B 142 -4.12 -16.24 5.90
C GLU B 142 -4.80 -17.59 5.88
N ALA B 143 -4.06 -18.62 6.28
CA ALA B 143 -4.61 -19.97 6.40
C ALA B 143 -5.62 -20.03 7.54
N LYS B 144 -6.63 -20.89 7.38
CA LYS B 144 -7.67 -21.09 8.40
C LYS B 144 -7.73 -22.56 8.82
N ARG B 145 -8.27 -22.81 10.00
CA ARG B 145 -8.25 -24.15 10.56
C ARG B 145 -9.14 -25.15 9.86
N ASP B 146 -10.04 -24.68 9.01
CA ASP B 146 -10.86 -25.57 8.19
C ASP B 146 -10.22 -25.78 6.81
N GLY B 147 -9.00 -25.31 6.62
CA GLY B 147 -8.30 -25.50 5.36
C GLY B 147 -8.69 -24.50 4.29
N THR B 148 -9.35 -23.40 4.66
CA THR B 148 -9.64 -22.36 3.68
C THR B 148 -8.63 -21.22 3.82
N LEU B 149 -8.71 -20.27 2.89
CA LEU B 149 -7.83 -19.10 2.87
C LEU B 149 -8.61 -17.81 2.97
N LYS B 150 -8.11 -16.86 3.75
CA LYS B 150 -8.63 -15.50 3.72
C LYS B 150 -7.83 -14.68 2.70
N GLU B 151 -8.50 -14.24 1.63
CA GLU B 151 -7.85 -13.48 0.56
C GLU B 151 -7.71 -12.01 0.92
N PRO B 152 -6.54 -11.44 0.64
CA PRO B 152 -6.37 -9.99 0.82
C PRO B 152 -7.08 -9.21 -0.29
N THR B 153 -7.32 -7.93 -0.05
CA THR B 153 -8.15 -7.14 -0.97
C THR B 153 -7.47 -6.92 -2.32
N GLU B 154 -8.27 -6.84 -3.37
CA GLU B 154 -7.81 -6.48 -4.71
C GLU B 154 -6.69 -7.38 -5.24
N THR B 155 -6.76 -8.67 -4.93
CA THR B 155 -5.72 -9.60 -5.39
C THR B 155 -5.64 -9.62 -6.92
N ALA B 156 -6.77 -9.59 -7.61
CA ALA B 156 -6.73 -9.68 -9.06
C ALA B 156 -5.94 -8.51 -9.66
N LYS B 157 -6.16 -7.33 -9.11
CA LYS B 157 -5.47 -6.13 -9.59
C LYS B 157 -3.96 -6.26 -9.42
N ILE B 158 -3.53 -6.72 -8.25
CA ILE B 158 -2.11 -6.82 -7.94
C ILE B 158 -1.45 -7.93 -8.76
N ALA B 159 -2.13 -9.07 -8.87
CA ALA B 159 -1.60 -10.18 -9.64
C ALA B 159 -1.43 -9.79 -11.11
N ASN B 160 -2.40 -9.05 -11.66
CA ASN B 160 -2.32 -8.64 -13.05
C ASN B 160 -1.19 -7.64 -13.29
N ILE B 161 -0.93 -6.77 -12.32
CA ILE B 161 0.20 -5.84 -12.44
C ILE B 161 1.48 -6.65 -12.62
N ALA B 162 1.67 -7.65 -11.77
CA ALA B 162 2.83 -8.51 -11.90
C ALA B 162 2.90 -9.20 -13.27
N THR B 163 1.83 -9.89 -13.64
CA THR B 163 1.83 -10.70 -14.85
C THR B 163 2.07 -9.90 -16.12
N GLN B 164 1.47 -8.72 -16.20
CA GLN B 164 1.64 -7.85 -17.37
C GLN B 164 3.10 -7.42 -17.57
N GLY B 165 3.91 -7.53 -16.51
CA GLY B 165 5.32 -7.16 -16.56
C GLY B 165 6.27 -8.33 -16.52
N GLN B 166 5.73 -9.52 -16.79
CA GLN B 166 6.48 -10.78 -16.78
C GLN B 166 7.06 -11.10 -15.41
N THR B 167 6.47 -10.48 -14.38
CA THR B 167 6.77 -10.82 -13.00
C THR B 167 5.83 -11.93 -12.55
N ILE B 168 6.37 -12.90 -11.84
CA ILE B 168 5.55 -13.98 -11.27
C ILE B 168 4.92 -13.54 -9.95
N PRO B 169 3.59 -13.47 -9.88
CA PRO B 169 3.03 -13.19 -8.55
C PRO B 169 3.08 -14.43 -7.66
N MET B 170 3.59 -14.29 -6.44
CA MET B 170 3.62 -15.38 -5.48
C MET B 170 2.30 -15.48 -4.74
N LEU B 171 1.86 -16.70 -4.45
CA LEU B 171 0.74 -16.94 -3.52
C LEU B 171 1.37 -17.09 -2.14
N VAL B 172 1.30 -16.02 -1.34
CA VAL B 172 1.92 -15.99 -0.02
C VAL B 172 0.94 -16.43 1.04
N ILE B 173 1.24 -17.53 1.70
CA ILE B 173 0.34 -18.14 2.67
C ILE B 173 0.94 -18.04 4.06
N THR B 174 0.20 -17.46 4.99
CA THR B 174 0.69 -17.30 6.38
C THR B 174 -0.16 -18.03 7.39
N ASN B 175 0.44 -18.35 8.54
CA ASN B 175 -0.32 -18.86 9.68
C ASN B 175 -0.54 -17.77 10.72
N ILE B 176 -1.02 -16.64 10.25
CA ILE B 176 -1.38 -15.52 11.11
C ILE B 176 -2.84 -15.64 11.50
N GLU B 177 -3.12 -15.56 12.80
CA GLU B 177 -4.49 -15.42 13.26
C GLU B 177 -4.53 -14.36 14.35
N ASN B 178 -5.50 -13.46 14.22
CA ASN B 178 -5.64 -12.31 15.11
C ASN B 178 -4.35 -11.51 15.21
N GLY B 179 -3.69 -11.32 14.07
CA GLY B 179 -2.53 -10.45 13.99
C GLY B 179 -1.21 -11.06 14.46
N ASN B 180 -1.22 -12.34 14.83
CA ASN B 180 -0.01 -13.01 15.29
C ASN B 180 0.17 -14.39 14.66
N PHE B 181 1.42 -14.80 14.44
CA PHE B 181 1.70 -16.14 13.98
C PHE B 181 1.27 -17.16 15.05
N SER B 182 0.65 -18.24 14.60
CA SER B 182 -0.01 -19.20 15.49
C SER B 182 0.46 -20.64 15.29
N ALA B 183 1.16 -21.17 16.29
CA ALA B 183 1.57 -22.57 16.28
C ALA B 183 0.37 -23.53 16.22
N ASP B 184 -0.71 -23.21 16.93
CA ASP B 184 -1.86 -24.11 16.95
C ASP B 184 -2.51 -24.21 15.58
N LEU B 185 -2.51 -23.11 14.84
CA LEU B 185 -3.04 -23.12 13.47
C LEU B 185 -2.25 -24.08 12.57
N THR B 186 -0.92 -23.98 12.56
CA THR B 186 -0.15 -24.91 11.73
C THR B 186 -0.23 -26.34 12.28
N SER B 187 -0.41 -26.52 13.59
CA SER B 187 -0.55 -27.87 14.12
C SER B 187 -1.76 -28.59 13.51
N VAL B 188 -2.88 -27.88 13.38
CA VAL B 188 -4.05 -28.48 12.73
C VAL B 188 -3.73 -28.86 11.29
N ILE B 189 -3.21 -27.90 10.52
CA ILE B 189 -2.94 -28.09 9.10
C ILE B 189 -1.93 -29.22 8.85
N LEU B 190 -0.93 -29.29 9.71
CA LEU B 190 0.16 -30.25 9.49
C LEU B 190 -0.11 -31.66 10.02
N ARG B 191 -1.12 -31.80 10.87
CA ARG B 191 -1.38 -33.07 11.54
C ARG B 191 -2.68 -33.73 11.09
N ASP B 192 -3.58 -32.96 10.48
CA ASP B 192 -4.88 -33.51 10.03
C ASP B 192 -4.93 -33.70 8.53
N ALA B 193 -4.98 -34.95 8.09
CA ALA B 193 -4.86 -35.28 6.67
C ALA B 193 -6.02 -34.74 5.85
N THR B 194 -7.21 -34.77 6.43
CA THR B 194 -8.41 -34.31 5.76
C THR B 194 -8.34 -32.80 5.50
N ILE B 195 -8.02 -32.05 6.53
CA ILE B 195 -7.92 -30.60 6.42
C ILE B 195 -6.77 -30.24 5.49
N GLN B 196 -5.66 -30.96 5.60
CA GLN B 196 -4.52 -30.66 4.76
C GLN B 196 -4.85 -30.86 3.26
N ASN B 197 -5.61 -31.89 2.93
CA ASN B 197 -5.97 -32.11 1.52
C ASN B 197 -6.89 -31.02 0.97
N LYS B 198 -7.82 -30.58 1.79
CA LYS B 198 -8.72 -29.49 1.44
C LYS B 198 -7.94 -28.18 1.25
N PHE B 199 -6.96 -27.99 2.13
CA PHE B 199 -6.07 -26.83 2.10
C PHE B 199 -5.28 -26.78 0.80
N ILE B 200 -4.65 -27.89 0.43
CA ILE B 200 -3.85 -27.91 -0.77
C ILE B 200 -4.73 -27.64 -2.01
N THR B 201 -5.92 -28.22 -2.05
CA THR B 201 -6.84 -27.94 -3.15
C THR B 201 -7.19 -26.46 -3.22
N ASN B 202 -7.46 -25.83 -2.08
CA ASN B 202 -7.80 -24.42 -2.11
C ASN B 202 -6.62 -23.57 -2.56
N ILE B 203 -5.41 -23.95 -2.14
CA ILE B 203 -4.21 -23.27 -2.58
C ILE B 203 -4.00 -23.37 -4.09
N LEU B 204 -4.12 -24.57 -4.65
CA LEU B 204 -3.91 -24.72 -6.09
C LEU B 204 -5.00 -24.03 -6.91
N GLN B 205 -6.26 -24.10 -6.49
CA GLN B 205 -7.32 -23.45 -7.22
C GLN B 205 -7.17 -21.92 -7.17
N THR B 206 -6.74 -21.40 -6.03
CA THR B 206 -6.46 -19.97 -5.91
C THR B 206 -5.27 -19.53 -6.80
N ALA B 207 -4.21 -20.32 -6.80
CA ALA B 207 -3.03 -20.03 -7.62
C ALA B 207 -3.40 -20.03 -9.11
N GLU B 208 -4.21 -21.00 -9.52
CA GLU B 208 -4.60 -21.06 -10.93
C GLU B 208 -5.43 -19.86 -11.31
N LYS B 209 -6.28 -19.40 -10.39
CA LYS B 209 -7.14 -18.27 -10.66
C LYS B 209 -6.37 -16.98 -10.94
N TYR B 210 -5.27 -16.77 -10.22
CA TYR B 210 -4.55 -15.50 -10.29
C TYR B 210 -3.23 -15.62 -11.02
N GLY B 211 -2.91 -16.79 -11.56
CA GLY B 211 -1.66 -16.97 -12.29
C GLY B 211 -0.45 -16.96 -11.38
N MET B 212 -0.64 -17.38 -10.14
CA MET B 212 0.43 -17.38 -9.16
C MET B 212 1.25 -18.66 -9.21
N ARG B 213 2.29 -18.65 -10.05
CA ARG B 213 3.03 -19.86 -10.35
C ARG B 213 4.05 -20.27 -9.28
N ASP B 214 4.25 -19.43 -8.26
CA ASP B 214 5.01 -19.86 -7.08
C ASP B 214 4.10 -19.83 -5.87
N ILE B 215 4.10 -20.95 -5.17
CA ILE B 215 3.37 -21.14 -3.92
C ILE B 215 4.35 -20.96 -2.77
N HIS B 216 4.11 -19.98 -1.91
CA HIS B 216 5.07 -19.60 -0.86
C HIS B 216 4.50 -19.71 0.55
N PHE B 217 5.07 -20.57 1.38
CA PHE B 217 4.64 -20.70 2.77
C PHE B 217 5.50 -19.86 3.69
N ASP B 218 4.84 -18.88 4.32
CA ASP B 218 5.47 -18.12 5.38
C ASP B 218 4.84 -18.57 6.67
N PHE B 219 5.26 -19.74 7.10
CA PHE B 219 4.83 -20.32 8.37
C PHE B 219 5.89 -20.03 9.45
N GLU B 220 5.54 -19.25 10.44
CA GLU B 220 6.48 -18.91 11.54
C GLU B 220 5.85 -19.30 12.88
N SER B 221 6.69 -19.43 13.91
CA SER B 221 6.26 -19.90 15.23
C SER B 221 5.56 -21.26 15.12
N VAL B 222 6.08 -22.10 14.24
CA VAL B 222 5.62 -23.48 14.10
C VAL B 222 6.18 -24.24 15.31
N ALA B 223 5.35 -25.08 15.93
CA ALA B 223 5.78 -25.86 17.10
C ALA B 223 6.99 -26.71 16.76
N PRO B 224 8.00 -26.77 17.67
CA PRO B 224 9.16 -27.61 17.33
C PRO B 224 8.81 -29.07 17.03
N GLU B 225 7.77 -29.57 17.68
CA GLU B 225 7.38 -30.96 17.49
C GLU B 225 6.79 -31.19 16.10
N ASP B 226 6.49 -30.10 15.39
CA ASP B 226 5.91 -30.21 14.05
C ASP B 226 6.95 -30.10 12.92
N ARG B 227 8.24 -30.14 13.26
CA ARG B 227 9.29 -30.05 12.24
C ARG B 227 9.13 -31.02 11.07
N GLU B 228 9.06 -32.31 11.35
CA GLU B 228 8.99 -33.30 10.27
C GLU B 228 7.61 -33.25 9.59
N ALA B 229 6.58 -32.88 10.36
CA ALA B 229 5.25 -32.72 9.77
C ALA B 229 5.27 -31.57 8.75
N TYR B 230 6.05 -30.53 9.01
CA TYR B 230 6.16 -29.44 8.06
C TYR B 230 6.91 -29.94 6.81
N ASN B 231 8.02 -30.66 7.00
CA ASN B 231 8.75 -31.24 5.89
C ASN B 231 7.84 -32.10 5.02
N ARG B 232 7.05 -32.94 5.67
CA ARG B 232 6.13 -33.85 4.98
C ARG B 232 5.06 -33.06 4.19
N PHE B 233 4.54 -32.01 4.80
CA PHE B 233 3.57 -31.15 4.10
C PHE B 233 4.16 -30.55 2.83
N LEU B 234 5.40 -30.05 2.91
CA LEU B 234 6.04 -29.43 1.76
C LEU B 234 6.23 -30.47 0.64
N ARG B 235 6.59 -31.70 1.00
CA ARG B 235 6.71 -32.77 -0.01
C ARG B 235 5.36 -33.05 -0.66
N ASN B 236 4.31 -33.05 0.15
CA ASN B 236 2.95 -33.30 -0.33
C ASN B 236 2.50 -32.22 -1.31
N VAL B 237 2.85 -30.96 -1.04
CA VAL B 237 2.54 -29.88 -1.98
C VAL B 237 3.36 -30.03 -3.25
N LYS B 238 4.67 -30.26 -3.11
CA LYS B 238 5.56 -30.31 -4.27
C LYS B 238 5.09 -31.33 -5.31
N ILE B 239 4.72 -32.51 -4.85
CA ILE B 239 4.32 -33.60 -5.75
C ILE B 239 3.00 -33.30 -6.48
N ARG B 240 2.20 -32.39 -5.91
CA ARG B 240 0.91 -32.00 -6.47
C ARG B 240 0.95 -30.73 -7.32
N LEU B 241 2.11 -30.14 -7.50
CA LEU B 241 2.21 -28.91 -8.28
C LEU B 241 1.96 -29.12 -9.78
N PRO B 242 1.18 -28.21 -10.37
CA PRO B 242 1.09 -28.26 -11.84
C PRO B 242 2.43 -27.94 -12.52
N SER B 243 2.54 -28.37 -13.77
CA SER B 243 3.71 -28.10 -14.56
C SER B 243 3.94 -26.61 -14.64
N GLY B 244 5.19 -26.18 -14.45
CA GLY B 244 5.50 -24.78 -14.57
C GLY B 244 5.45 -24.06 -13.23
N TYR B 245 4.97 -24.74 -12.19
CA TYR B 245 4.89 -24.13 -10.86
C TYR B 245 6.07 -24.46 -9.97
N THR B 246 6.30 -23.58 -9.00
CA THR B 246 7.36 -23.75 -8.01
C THR B 246 6.82 -23.60 -6.59
N LEU B 247 7.63 -24.01 -5.63
CA LEU B 247 7.33 -23.98 -4.21
C LEU B 247 8.44 -23.27 -3.47
N SER B 248 8.08 -22.39 -2.53
CA SER B 248 9.10 -21.67 -1.75
C SER B 248 8.63 -21.50 -0.29
N THR B 249 9.57 -21.20 0.60
CA THR B 249 9.27 -21.00 2.01
C THR B 249 10.06 -19.84 2.59
N THR B 250 9.57 -19.33 3.70
CA THR B 250 10.30 -18.37 4.55
C THR B 250 11.04 -19.12 5.64
N LEU B 251 12.30 -18.74 5.87
CA LEU B 251 13.12 -19.32 6.95
C LEU B 251 13.56 -18.24 7.93
N VAL B 252 13.48 -18.50 9.23
CA VAL B 252 14.14 -17.64 10.19
C VAL B 252 15.66 -17.77 10.00
N PRO B 253 16.42 -16.71 10.31
CA PRO B 253 17.89 -16.77 10.18
C PRO B 253 18.51 -17.64 11.28
N LYS B 254 19.40 -18.53 10.85
CA LYS B 254 20.14 -19.42 11.74
C LYS B 254 21.60 -19.41 11.32
N THR B 255 22.50 -19.64 12.28
CA THR B 255 23.91 -19.88 11.95
C THR B 255 24.37 -21.26 12.37
N SER B 256 23.49 -22.06 13.00
CA SER B 256 23.82 -23.48 13.14
C SER B 256 22.59 -24.30 13.50
N SER B 257 22.74 -25.61 13.34
CA SER B 257 21.62 -26.51 13.52
C SER B 257 21.39 -26.73 15.02
N ASN B 258 22.27 -26.19 15.86
CA ASN B 258 22.09 -26.25 17.31
C ASN B 258 21.14 -25.22 17.85
N GLN B 259 20.68 -24.31 16.99
CA GLN B 259 19.66 -23.38 17.39
C GLN B 259 18.34 -24.11 17.29
N LYS B 260 17.77 -24.43 18.44
CA LYS B 260 16.58 -25.26 18.50
C LYS B 260 15.51 -24.60 19.35
N GLY B 261 14.51 -25.37 19.75
CA GLY B 261 13.45 -24.85 20.58
C GLY B 261 12.43 -24.12 19.75
N LYS B 262 11.54 -23.42 20.43
CA LYS B 262 10.31 -22.90 19.83
C LYS B 262 10.59 -21.97 18.67
N PHE B 263 11.71 -21.27 18.75
CA PHE B 263 12.03 -20.21 17.82
C PHE B 263 12.56 -20.70 16.47
N PHE B 264 13.16 -21.88 16.47
CA PHE B 264 14.02 -22.29 15.35
C PHE B 264 13.85 -23.72 14.83
N GLU B 265 13.48 -24.65 15.70
CA GLU B 265 13.58 -26.06 15.36
C GLU B 265 12.74 -26.48 14.16
N ALA B 266 11.54 -25.92 14.03
CA ALA B 266 10.65 -26.35 12.96
C ALA B 266 11.08 -25.87 11.58
N HIS B 267 12.06 -24.97 11.50
CA HIS B 267 12.59 -24.52 10.22
C HIS B 267 13.85 -25.32 9.91
N ASP B 268 13.64 -26.43 9.22
CA ASP B 268 14.67 -27.44 8.92
C ASP B 268 15.38 -27.07 7.59
N TYR B 269 16.51 -26.37 7.67
CA TYR B 269 17.19 -25.89 6.47
C TYR B 269 17.53 -27.03 5.49
N LYS B 270 18.09 -28.11 6.01
CA LYS B 270 18.56 -29.19 5.12
C LYS B 270 17.37 -29.86 4.45
N ALA B 271 16.34 -30.19 5.24
CA ALA B 271 15.17 -30.85 4.67
C ALA B 271 14.45 -29.95 3.66
N GLN B 272 14.19 -28.69 4.04
CA GLN B 272 13.48 -27.80 3.13
C GLN B 272 14.31 -27.55 1.88
N GLY B 273 15.63 -27.43 2.05
CA GLY B 273 16.52 -27.21 0.93
C GLY B 273 16.48 -28.32 -0.13
N GLN B 274 16.13 -29.54 0.27
CA GLN B 274 15.98 -30.64 -0.68
C GLN B 274 14.64 -30.63 -1.42
N ILE B 275 13.64 -30.01 -0.80
CA ILE B 275 12.27 -30.06 -1.32
C ILE B 275 11.87 -28.87 -2.19
N VAL B 276 12.10 -27.67 -1.69
CA VAL B 276 11.58 -26.47 -2.31
C VAL B 276 12.46 -25.93 -3.43
N ASP B 277 11.91 -25.04 -4.24
CA ASP B 277 12.64 -24.42 -5.31
C ASP B 277 13.51 -23.27 -4.82
N PHE B 278 13.01 -22.51 -3.84
CA PHE B 278 13.83 -21.50 -3.19
C PHE B 278 13.31 -21.15 -1.78
N VAL B 279 14.20 -20.58 -0.97
CA VAL B 279 13.86 -20.10 0.37
C VAL B 279 14.12 -18.60 0.47
N VAL B 280 13.32 -17.93 1.29
CA VAL B 280 13.54 -16.53 1.63
C VAL B 280 13.98 -16.51 3.08
N ILE B 281 15.25 -16.13 3.34
CA ILE B 281 15.76 -16.09 4.72
C ILE B 281 15.63 -14.70 5.28
N MET B 282 15.03 -14.57 6.46
CA MET B 282 14.75 -13.26 7.04
C MET B 282 15.99 -12.67 7.72
N THR B 283 16.97 -12.32 6.90
CA THR B 283 18.23 -11.75 7.35
C THR B 283 18.11 -10.24 7.64
N TYR B 284 17.23 -9.93 8.60
CA TYR B 284 17.06 -8.58 9.09
C TYR B 284 16.45 -8.61 10.49
N ASP B 285 16.31 -7.43 11.10
CA ASP B 285 15.71 -7.19 12.41
C ASP B 285 16.53 -7.65 13.59
N TRP B 286 17.85 -7.47 13.50
CA TRP B 286 18.67 -7.42 14.69
C TRP B 286 18.29 -6.13 15.46
N GLY B 287 18.51 -4.98 14.84
CA GLY B 287 17.81 -3.78 15.28
C GLY B 287 16.38 -3.92 14.82
N TRP B 288 15.44 -3.83 15.76
CA TRP B 288 14.02 -3.99 15.43
C TRP B 288 13.16 -3.06 16.29
N GLN B 289 11.89 -2.94 15.93
CA GLN B 289 11.05 -1.90 16.52
C GLN B 289 10.91 -1.98 18.05
N GLY B 290 10.95 -3.19 18.60
CA GLY B 290 10.75 -3.44 20.03
C GLY B 290 12.04 -3.67 20.80
N GLY B 291 13.16 -3.47 20.13
CA GLY B 291 14.48 -3.64 20.76
C GLY B 291 15.28 -2.34 20.82
N PRO B 292 16.54 -2.42 21.28
CA PRO B 292 17.37 -1.22 21.31
C PRO B 292 17.95 -0.86 19.94
N PRO B 293 18.40 0.39 19.78
CA PRO B 293 18.91 0.82 18.48
C PRO B 293 20.21 0.13 18.08
N MET B 294 20.25 -0.28 16.81
CA MET B 294 21.44 -0.83 16.16
C MET B 294 21.09 -1.07 14.70
N ALA B 295 22.07 -1.44 13.89
CA ALA B 295 21.82 -1.73 12.50
C ALA B 295 20.70 -2.79 12.36
N ILE B 296 19.81 -2.60 11.39
CA ILE B 296 18.70 -3.54 11.19
C ILE B 296 19.23 -4.90 10.66
N SER B 297 20.20 -4.85 9.75
CA SER B 297 20.74 -6.05 9.13
C SER B 297 22.27 -5.99 9.03
N PRO B 298 22.93 -5.97 10.20
CA PRO B 298 24.40 -5.89 10.17
C PRO B 298 25.03 -7.00 9.34
N ILE B 299 26.04 -6.65 8.54
CA ILE B 299 26.49 -7.54 7.49
C ILE B 299 27.27 -8.75 8.04
N GLY B 300 27.93 -8.64 9.19
CA GLY B 300 28.60 -9.81 9.75
C GLY B 300 27.65 -10.97 10.05
N PRO B 301 26.61 -10.72 10.85
CA PRO B 301 25.63 -11.77 11.11
C PRO B 301 24.92 -12.24 9.85
N VAL B 302 24.64 -11.34 8.91
CA VAL B 302 24.02 -11.77 7.66
C VAL B 302 24.93 -12.75 6.91
N LYS B 303 26.22 -12.43 6.82
CA LYS B 303 27.17 -13.33 6.19
C LYS B 303 27.23 -14.69 6.90
N GLU B 304 27.22 -14.70 8.22
CA GLU B 304 27.21 -15.96 8.97
C GLU B 304 26.00 -16.83 8.61
N VAL B 305 24.84 -16.17 8.49
CA VAL B 305 23.62 -16.87 8.16
C VAL B 305 23.70 -17.45 6.73
N LEU B 306 24.18 -16.66 5.77
CA LEU B 306 24.32 -17.15 4.40
C LEU B 306 25.32 -18.33 4.33
N GLN B 307 26.42 -18.25 5.07
CA GLN B 307 27.37 -19.36 5.08
C GLN B 307 26.76 -20.60 5.66
N TYR B 308 25.98 -20.47 6.72
CA TYR B 308 25.29 -21.64 7.26
C TYR B 308 24.30 -22.19 6.24
N ALA B 309 23.50 -21.33 5.63
CA ALA B 309 22.53 -21.78 4.63
C ALA B 309 23.21 -22.55 3.48
N LYS B 310 24.34 -22.03 2.98
CA LYS B 310 25.10 -22.69 1.92
C LYS B 310 25.61 -24.07 2.34
N SER B 311 25.87 -24.25 3.64
CA SER B 311 26.31 -25.55 4.15
C SER B 311 25.19 -26.59 4.19
N GLN B 312 23.94 -26.12 4.08
CA GLN B 312 22.75 -26.97 4.19
C GLN B 312 22.01 -27.20 2.88
N MET B 313 22.20 -26.32 1.90
CA MET B 313 21.43 -26.39 0.67
C MET B 313 22.18 -25.71 -0.48
N PRO B 314 21.80 -26.04 -1.72
CA PRO B 314 22.45 -25.36 -2.86
C PRO B 314 22.29 -23.84 -2.82
N PRO B 315 23.36 -23.09 -3.08
CA PRO B 315 23.32 -21.62 -2.97
C PRO B 315 22.29 -20.92 -3.86
N GLN B 316 22.01 -21.49 -5.04
CA GLN B 316 21.08 -20.87 -5.98
C GLN B 316 19.67 -20.79 -5.41
N LYS B 317 19.37 -21.63 -4.42
CA LYS B 317 18.06 -21.65 -3.80
C LYS B 317 17.90 -20.55 -2.76
N ILE B 318 18.97 -19.87 -2.40
CA ILE B 318 18.90 -18.92 -1.27
C ILE B 318 18.57 -17.53 -1.76
N MET B 319 17.47 -16.99 -1.22
CA MET B 319 17.16 -15.56 -1.40
C MET B 319 17.43 -14.83 -0.08
N MET B 320 18.37 -13.89 -0.13
CA MET B 320 18.71 -13.09 1.04
C MET B 320 17.64 -12.02 1.33
N GLY B 321 17.01 -12.07 2.51
CA GLY B 321 16.09 -11.02 2.91
C GLY B 321 16.81 -9.71 3.15
N GLN B 322 16.22 -8.63 2.66
CA GLN B 322 16.79 -7.30 2.80
C GLN B 322 15.73 -6.28 3.15
N ASN B 323 15.92 -5.59 4.27
CA ASN B 323 15.04 -4.52 4.67
C ASN B 323 15.30 -3.28 3.82
N LEU B 324 14.24 -2.55 3.50
CA LEU B 324 14.37 -1.22 2.91
C LEU B 324 14.15 -0.13 3.95
N TYR B 325 13.63 -0.51 5.13
CA TYR B 325 13.33 0.42 6.22
C TYR B 325 14.50 0.56 7.17
N GLY B 326 14.52 1.69 7.85
CA GLY B 326 15.28 1.88 9.06
C GLY B 326 14.32 2.15 10.22
N PHE B 327 14.88 2.47 11.38
CA PHE B 327 14.09 2.86 12.54
C PHE B 327 14.67 4.09 13.21
N ASP B 328 13.76 4.88 13.80
CA ASP B 328 14.07 6.02 14.62
C ASP B 328 13.64 5.68 16.05
N TRP B 329 14.64 5.48 16.92
CA TRP B 329 14.43 5.14 18.33
C TRP B 329 14.58 6.35 19.25
N LYS B 330 13.69 6.46 20.23
CA LYS B 330 13.90 7.41 21.32
C LYS B 330 14.77 6.80 22.41
N LEU B 331 15.66 7.60 22.98
CA LEU B 331 16.59 7.15 24.01
C LEU B 331 16.25 7.81 25.35
N PRO B 332 16.57 7.15 26.47
CA PRO B 332 17.19 5.82 26.52
C PRO B 332 16.20 4.71 26.23
N PHE B 333 16.70 3.61 25.69
CA PHE B 333 15.87 2.44 25.48
C PHE B 333 15.56 1.71 26.76
N LYS B 334 14.30 1.31 26.90
CA LYS B 334 13.88 0.48 28.01
C LYS B 334 12.88 -0.51 27.49
N GLN B 335 13.00 -1.75 27.97
CA GLN B 335 12.08 -2.80 27.55
C GLN B 335 10.69 -2.32 27.94
N GLY B 336 9.76 -2.40 27.00
CA GLY B 336 8.40 -1.95 27.23
C GLY B 336 8.10 -0.52 26.77
N ASN B 337 9.12 0.22 26.35
CA ASN B 337 8.89 1.54 25.76
C ASN B 337 8.02 1.38 24.51
N PRO B 338 7.34 2.46 24.08
CA PRO B 338 6.66 2.36 22.79
C PRO B 338 7.66 2.05 21.68
N PRO B 339 7.20 1.38 20.62
CA PRO B 339 8.12 0.99 19.55
C PRO B 339 8.72 2.13 18.76
N ALA B 340 9.88 1.84 18.19
CA ALA B 340 10.55 2.74 17.27
C ALA B 340 9.70 2.96 16.04
N LYS B 341 9.94 4.08 15.37
CA LYS B 341 9.21 4.44 14.14
C LYS B 341 10.00 4.04 12.89
N ALA B 342 9.34 3.37 11.97
CA ALA B 342 9.98 2.98 10.73
C ALA B 342 10.19 4.18 9.83
N VAL B 343 11.33 4.21 9.15
CA VAL B 343 11.60 5.28 8.20
C VAL B 343 12.14 4.71 6.89
N SER B 344 11.76 5.36 5.80
CA SER B 344 12.37 5.10 4.50
C SER B 344 13.76 5.72 4.45
N SER B 345 14.52 5.38 3.42
CA SER B 345 15.87 5.94 3.25
C SER B 345 15.77 7.43 3.04
N VAL B 346 14.79 7.83 2.24
CA VAL B 346 14.62 9.26 1.94
C VAL B 346 14.20 10.02 3.21
N ALA B 347 13.32 9.42 4.01
CA ALA B 347 12.84 10.05 5.24
C ALA B 347 13.96 10.15 6.27
N ALA B 348 14.83 9.15 6.32
CA ALA B 348 15.97 9.20 7.25
C ALA B 348 16.89 10.37 6.91
N VAL B 349 17.25 10.53 5.64
CA VAL B 349 18.10 11.67 5.26
C VAL B 349 17.37 12.97 5.60
N ALA B 350 16.05 12.99 5.43
CA ALA B 350 15.28 14.20 5.75
C ALA B 350 15.35 14.58 7.23
N LEU B 351 15.41 13.57 8.10
CA LEU B 351 15.58 13.82 9.53
C LEU B 351 16.92 14.43 9.81
N ALA B 352 17.98 13.88 9.20
CA ALA B 352 19.31 14.41 9.42
C ALA B 352 19.38 15.87 8.93
N ARG B 353 18.75 16.15 7.80
CA ARG B 353 18.68 17.51 7.27
C ARG B 353 17.95 18.44 8.24
N LYS B 354 16.80 18.00 8.74
CA LYS B 354 15.98 18.81 9.63
C LYS B 354 16.70 19.19 10.91
N TYR B 355 17.39 18.22 11.51
CA TYR B 355 18.04 18.49 12.78
C TYR B 355 19.52 18.89 12.65
N ASN B 356 19.97 19.08 11.40
CA ASN B 356 21.32 19.55 11.06
C ASN B 356 22.43 18.75 11.75
N VAL B 357 22.37 17.44 11.57
CA VAL B 357 23.42 16.55 12.02
C VAL B 357 23.93 15.72 10.81
N PRO B 358 25.21 15.35 10.85
CA PRO B 358 25.76 14.57 9.76
C PRO B 358 25.37 13.10 9.86
N ILE B 359 25.36 12.43 8.71
CA ILE B 359 25.11 11.00 8.67
C ILE B 359 26.45 10.28 8.79
N ARG B 360 26.54 9.38 9.76
CA ARG B 360 27.74 8.62 10.02
C ARG B 360 27.60 7.23 9.39
N TYR B 361 28.72 6.52 9.22
CA TYR B 361 28.70 5.17 8.64
C TYR B 361 29.50 4.22 9.50
N ASP B 362 28.84 3.15 9.92
CA ASP B 362 29.48 2.07 10.68
C ASP B 362 30.04 1.06 9.68
N PHE B 363 31.36 1.00 9.58
CA PHE B 363 32.01 0.15 8.58
C PHE B 363 32.04 -1.32 9.00
N THR B 364 31.74 -1.61 10.25
CA THR B 364 31.64 -3.01 10.71
C THR B 364 30.27 -3.58 10.36
N ALA B 365 29.21 -2.88 10.79
CA ALA B 365 27.85 -3.27 10.43
C ALA B 365 27.54 -3.08 8.95
N GLN B 366 28.26 -2.14 8.35
CA GLN B 366 27.96 -1.58 7.02
C GLN B 366 26.54 -1.00 7.01
N ALA B 367 26.37 0.14 7.68
CA ALA B 367 25.06 0.80 7.80
C ALA B 367 25.22 2.27 8.20
N PRO B 368 24.39 3.15 7.63
CA PRO B 368 24.39 4.56 8.03
C PRO B 368 23.55 4.82 9.28
N HIS B 369 23.90 5.86 10.04
CA HIS B 369 23.20 6.16 11.29
C HIS B 369 23.50 7.57 11.74
N PHE B 370 22.65 8.10 12.62
CA PHE B 370 22.89 9.39 13.22
C PHE B 370 22.03 9.55 14.46
N ASN B 371 22.39 10.57 15.26
CA ASN B 371 21.65 10.90 16.46
C ASN B 371 21.26 12.36 16.45
N TYR B 372 20.11 12.66 17.06
CA TYR B 372 19.65 14.06 17.14
C TYR B 372 18.82 14.27 18.41
N PHE B 373 18.59 15.53 18.76
CA PHE B 373 17.65 15.86 19.81
C PHE B 373 16.42 16.50 19.22
N ASP B 374 15.25 16.04 19.65
CA ASP B 374 14.01 16.68 19.18
C ASP B 374 13.68 17.93 20.02
N GLU B 375 12.57 18.60 19.69
CA GLU B 375 12.22 19.87 20.32
C GLU B 375 11.93 19.74 21.80
N ASN B 376 11.70 18.50 22.26
CA ASN B 376 11.42 18.22 23.68
C ASN B 376 12.71 17.87 24.41
N GLY B 377 13.81 17.88 23.69
CA GLY B 377 15.10 17.54 24.26
C GLY B 377 15.35 16.06 24.41
N VAL B 378 14.53 15.22 23.76
CA VAL B 378 14.71 13.78 23.80
C VAL B 378 15.69 13.38 22.71
N GLN B 379 16.66 12.55 23.06
CA GLN B 379 17.61 12.06 22.08
C GLN B 379 16.99 10.95 21.22
N HIS B 380 17.26 11.00 19.92
CA HIS B 380 16.86 9.94 19.00
C HIS B 380 18.11 9.34 18.37
N GLU B 381 18.02 8.06 18.02
CA GLU B 381 19.05 7.38 17.24
C GLU B 381 18.39 6.71 16.06
N VAL B 382 18.96 6.92 14.88
CA VAL B 382 18.41 6.39 13.62
C VAL B 382 19.43 5.49 12.94
N TRP B 383 19.00 4.28 12.58
CA TRP B 383 19.78 3.36 11.72
C TRP B 383 18.95 3.11 10.47
N PHE B 384 19.55 3.12 9.30
CA PHE B 384 18.77 2.94 8.07
C PHE B 384 19.59 2.31 6.97
N GLU B 385 19.09 2.34 5.73
CA GLU B 385 19.77 1.76 4.58
C GLU B 385 20.04 2.84 3.54
N ASP B 386 21.21 2.81 2.92
CA ASP B 386 21.48 3.71 1.82
C ASP B 386 22.32 3.01 0.77
N ALA B 387 22.74 3.75 -0.25
CA ALA B 387 23.44 3.13 -1.40
C ALA B 387 24.68 2.34 -1.00
N ARG B 388 25.39 2.83 0.01
CA ARG B 388 26.60 2.16 0.45
C ARG B 388 26.36 0.76 0.97
N SER B 389 25.40 0.64 1.87
CA SER B 389 25.17 -0.66 2.52
C SER B 389 24.48 -1.63 1.55
N ILE B 390 23.62 -1.14 0.65
CA ILE B 390 23.04 -2.03 -0.35
C ILE B 390 24.14 -2.57 -1.28
N GLN B 391 25.08 -1.73 -1.69
CA GLN B 391 26.21 -2.22 -2.48
C GLN B 391 27.02 -3.27 -1.71
N SER B 392 27.25 -3.07 -0.39
CA SER B 392 27.93 -4.09 0.38
C SER B 392 27.16 -5.41 0.39
N LYS B 393 25.84 -5.35 0.48
CA LYS B 393 25.01 -6.56 0.46
C LYS B 393 25.03 -7.24 -0.91
N PHE B 394 25.00 -6.46 -1.96
CA PHE B 394 25.13 -7.02 -3.31
C PHE B 394 26.48 -7.73 -3.47
N ASN B 395 27.56 -7.14 -2.99
CA ASN B 395 28.86 -7.77 -3.09
C ASN B 395 28.91 -9.07 -2.30
N LEU B 396 28.27 -9.08 -1.12
CA LEU B 396 28.15 -10.30 -0.33
C LEU B 396 27.41 -11.39 -1.13
N MET B 397 26.34 -11.04 -1.83
CA MET B 397 25.62 -12.02 -2.66
C MET B 397 26.55 -12.60 -3.73
N LYS B 398 27.34 -11.73 -4.36
CA LYS B 398 28.29 -12.17 -5.39
C LYS B 398 29.35 -13.10 -4.80
N GLU B 399 29.91 -12.73 -3.66
CA GLU B 399 30.93 -13.53 -2.99
C GLU B 399 30.44 -14.92 -2.64
N GLN B 400 29.21 -15.01 -2.12
CA GLN B 400 28.66 -16.26 -1.62
C GLN B 400 27.94 -17.09 -2.69
N GLY B 401 27.70 -16.48 -3.86
CA GLY B 401 27.06 -17.18 -4.96
C GLY B 401 25.59 -17.46 -4.72
N ILE B 402 24.89 -16.62 -3.98
CA ILE B 402 23.52 -17.01 -3.69
C ILE B 402 22.59 -16.54 -4.83
N GLY B 403 21.40 -17.08 -4.86
CA GLY B 403 20.50 -16.92 -6.00
C GLY B 403 19.88 -15.55 -6.15
N GLY B 404 19.56 -14.91 -5.05
CA GLY B 404 18.79 -13.70 -5.17
C GLY B 404 18.59 -12.94 -3.89
N ILE B 405 17.69 -11.96 -3.94
CA ILE B 405 17.45 -11.01 -2.86
C ILE B 405 15.93 -10.79 -2.71
N SER B 406 15.44 -10.67 -1.48
CA SER B 406 14.03 -10.48 -1.21
C SER B 406 13.80 -9.24 -0.37
N TYR B 407 13.11 -8.25 -0.92
CA TYR B 407 12.93 -6.97 -0.25
C TYR B 407 11.66 -6.81 0.57
N TRP B 408 11.81 -6.38 1.82
CA TRP B 408 10.70 -5.95 2.67
C TRP B 408 10.82 -4.43 2.91
N LYS B 409 9.99 -3.58 2.32
CA LYS B 409 8.84 -3.87 1.47
C LYS B 409 8.60 -2.69 0.55
N ILE B 410 7.72 -2.88 -0.44
CA ILE B 410 7.31 -1.80 -1.34
C ILE B 410 6.65 -0.68 -0.55
N GLY B 411 6.93 0.58 -0.91
CA GLY B 411 6.30 1.73 -0.28
C GLY B 411 7.23 2.52 0.61
N LEU B 412 8.53 2.24 0.51
CA LEU B 412 9.57 2.89 1.31
C LEU B 412 10.60 3.52 0.38
N PRO B 413 10.40 4.79 0.01
CA PRO B 413 11.22 5.45 -1.02
C PRO B 413 12.73 5.33 -0.82
N PHE B 414 13.41 4.92 -1.89
CA PHE B 414 14.85 4.60 -1.86
C PHE B 414 15.28 4.39 -3.32
N PRO B 415 15.32 5.48 -4.10
CA PRO B 415 15.49 5.28 -5.55
C PRO B 415 16.81 4.63 -5.92
N GLN B 416 17.84 4.91 -5.13
CA GLN B 416 19.16 4.39 -5.44
C GLN B 416 19.19 2.87 -5.35
N ASN B 417 18.38 2.28 -4.49
CA ASN B 417 18.40 0.82 -4.38
C ASN B 417 18.08 0.15 -5.73
N TRP B 418 17.05 0.63 -6.42
CA TRP B 418 16.58 -0.02 -7.63
C TRP B 418 17.50 0.25 -8.80
N ARG B 419 18.08 1.44 -8.86
CA ARG B 419 19.11 1.71 -9.87
C ARG B 419 20.32 0.83 -9.63
N LEU B 420 20.77 0.72 -8.37
CA LEU B 420 21.92 -0.13 -8.09
C LEU B 420 21.66 -1.60 -8.44
N LEU B 421 20.42 -2.07 -8.27
CA LEU B 421 20.09 -3.46 -8.60
C LEU B 421 20.35 -3.74 -10.08
N VAL B 422 19.87 -2.86 -10.96
CA VAL B 422 20.03 -3.06 -12.39
C VAL B 422 21.46 -2.76 -12.87
N GLU B 423 22.20 -1.93 -12.14
CA GLU B 423 23.62 -1.68 -12.46
C GLU B 423 24.51 -2.88 -12.12
N ASN B 424 24.16 -3.61 -11.06
CA ASN B 424 24.95 -4.74 -10.57
C ASN B 424 24.61 -6.08 -11.23
N PHE B 425 23.34 -6.25 -11.62
CA PHE B 425 22.79 -7.57 -11.98
C PHE B 425 21.98 -7.55 -13.26
N THR B 426 21.90 -8.73 -13.86
CA THR B 426 20.91 -9.01 -14.91
C THR B 426 19.68 -9.58 -14.21
N ILE B 427 18.56 -8.89 -14.28
CA ILE B 427 17.38 -9.30 -13.51
C ILE B 427 16.60 -10.35 -14.29
N THR B 428 16.51 -11.53 -13.70
CA THR B 428 15.84 -12.67 -14.33
C THR B 428 14.33 -12.44 -14.38
N LYS B 429 13.74 -12.68 -15.55
CA LYS B 429 12.28 -12.68 -15.70
C LYS B 429 11.85 -14.08 -16.12
N LYS B 430 10.93 -14.65 -15.35
CA LYS B 430 10.46 -16.03 -15.54
C LYS B 430 9.04 -16.13 -16.06
N GLY B 431 8.32 -15.02 -16.04
CA GLY B 431 6.94 -14.96 -16.50
C GLY B 431 6.78 -15.23 -17.97
N GLU B 432 5.63 -15.78 -18.34
CA GLU B 432 5.25 -15.96 -19.75
C GLU B 432 5.29 -14.62 -20.48
N ASN B 433 6.04 -14.57 -21.58
CA ASN B 433 6.19 -13.36 -22.39
C ASN B 433 4.89 -12.98 -23.09
N ALA C 2 -19.34 7.32 -36.80
CA ALA C 2 -18.36 8.40 -37.16
C ALA C 2 -18.03 9.28 -35.95
N ILE C 3 -16.87 9.93 -36.01
CA ILE C 3 -16.48 10.91 -35.01
C ILE C 3 -16.47 12.31 -35.60
N GLN C 4 -16.52 13.30 -34.72
CA GLN C 4 -16.34 14.68 -35.10
C GLN C 4 -15.38 15.36 -34.10
N ILE C 5 -14.73 16.45 -34.53
CA ILE C 5 -13.91 17.29 -33.66
C ILE C 5 -14.70 18.47 -33.13
N VAL C 6 -14.59 18.73 -31.84
CA VAL C 6 -15.26 19.86 -31.22
C VAL C 6 -14.29 20.67 -30.40
N THR C 7 -14.42 21.98 -30.49
CA THR C 7 -13.64 22.91 -29.65
C THR C 7 -14.45 23.30 -28.42
N VAL C 8 -13.87 23.13 -27.24
CA VAL C 8 -14.54 23.45 -25.98
C VAL C 8 -14.80 24.96 -25.88
N ARG C 9 -16.03 25.28 -25.49
CA ARG C 9 -16.47 26.64 -25.28
C ARG C 9 -16.74 26.85 -23.80
N SER C 10 -16.72 28.11 -23.36
CA SER C 10 -17.01 28.42 -21.96
C SER C 10 -18.40 27.88 -21.60
N GLY C 11 -18.44 27.14 -20.50
CA GLY C 11 -19.69 26.56 -20.02
C GLY C 11 -19.85 25.11 -20.45
N ASP C 12 -19.05 24.67 -21.42
CA ASP C 12 -19.14 23.28 -21.84
C ASP C 12 -18.68 22.38 -20.70
N SER C 13 -19.34 21.25 -20.56
CA SER C 13 -18.89 20.20 -19.67
C SER C 13 -18.90 18.89 -20.43
N VAL C 14 -18.27 17.88 -19.85
CA VAL C 14 -18.34 16.55 -20.44
C VAL C 14 -19.80 16.10 -20.53
N TYR C 15 -20.63 16.44 -19.53
CA TYR C 15 -22.05 16.05 -19.61
C TYR C 15 -22.83 16.79 -20.70
N SER C 16 -22.58 18.09 -20.85
CA SER C 16 -23.33 18.86 -21.84
C SER C 16 -22.93 18.43 -23.25
N LEU C 17 -21.65 18.11 -23.45
CA LEU C 17 -21.16 17.66 -24.75
C LEU C 17 -21.72 16.28 -25.07
N ALA C 18 -21.78 15.41 -24.07
CA ALA C 18 -22.33 14.07 -24.25
C ALA C 18 -23.79 14.15 -24.69
N SER C 19 -24.53 15.10 -24.14
CA SER C 19 -25.94 15.26 -24.50
C SER C 19 -26.13 15.76 -25.93
N LYS C 20 -25.30 16.70 -26.34
CA LYS C 20 -25.40 17.28 -27.68
C LYS C 20 -25.00 16.30 -28.78
N TYR C 21 -23.88 15.61 -28.57
CA TYR C 21 -23.31 14.76 -29.61
C TYR C 21 -23.65 13.29 -29.33
N GLY C 22 -22.99 12.36 -30.01
CA GLY C 22 -23.30 10.96 -29.84
C GLY C 22 -22.34 10.12 -29.00
N SER C 23 -21.62 10.74 -28.07
CA SER C 23 -20.80 9.95 -27.15
C SER C 23 -21.56 9.88 -25.82
N THR C 24 -21.03 9.06 -24.92
CA THR C 24 -21.45 8.99 -23.53
C THR C 24 -20.30 9.62 -22.75
N PRO C 25 -20.55 10.05 -21.51
CA PRO C 25 -19.45 10.68 -20.76
C PRO C 25 -18.17 9.83 -20.67
N ASP C 26 -18.30 8.51 -20.51
CA ASP C 26 -17.11 7.67 -20.42
C ASP C 26 -16.32 7.65 -21.72
N GLU C 27 -17.03 7.67 -22.84
CA GLU C 27 -16.38 7.69 -24.14
C GLU C 27 -15.62 8.99 -24.36
N ILE C 28 -16.21 10.13 -23.97
CA ILE C 28 -15.52 11.41 -24.13
C ILE C 28 -14.24 11.42 -23.29
N VAL C 29 -14.30 10.92 -22.06
CA VAL C 29 -13.12 10.86 -21.20
C VAL C 29 -12.05 9.94 -21.77
N LYS C 30 -12.46 8.73 -22.16
CA LYS C 30 -11.51 7.72 -22.63
C LYS C 30 -10.89 8.13 -23.98
N ASP C 31 -11.73 8.54 -24.92
CA ASP C 31 -11.25 8.86 -26.27
C ASP C 31 -10.29 10.05 -26.25
N ASN C 32 -10.40 10.91 -25.24
CA ASN C 32 -9.60 12.13 -25.17
C ASN C 32 -8.55 12.14 -24.06
N GLY C 33 -8.39 11.01 -23.40
CA GLY C 33 -7.40 10.87 -22.35
C GLY C 33 -7.58 11.85 -21.20
N LEU C 34 -8.83 12.12 -20.86
CA LEU C 34 -9.14 13.07 -19.78
C LEU C 34 -9.05 12.38 -18.43
N ASN C 35 -8.78 13.18 -17.41
CA ASN C 35 -9.02 12.81 -16.04
C ASN C 35 -10.44 13.25 -15.72
N PRO C 36 -11.34 12.29 -15.38
CA PRO C 36 -12.76 12.67 -15.25
C PRO C 36 -13.02 13.66 -14.10
N ALA C 37 -12.07 13.80 -13.18
CA ALA C 37 -12.17 14.73 -12.06
C ALA C 37 -11.79 16.16 -12.46
N GLU C 38 -11.17 16.31 -13.61
CA GLU C 38 -10.64 17.61 -14.05
C GLU C 38 -11.63 18.41 -14.90
N THR C 39 -11.46 19.72 -14.86
CA THR C 39 -12.20 20.64 -15.70
C THR C 39 -11.77 20.58 -17.17
N LEU C 40 -12.66 21.00 -18.06
CA LEU C 40 -12.28 21.23 -19.44
C LEU C 40 -11.65 22.59 -19.60
N VAL C 41 -10.75 22.71 -20.57
CA VAL C 41 -10.09 23.97 -20.89
C VAL C 41 -10.74 24.61 -22.11
N VAL C 42 -11.15 25.88 -21.98
CA VAL C 42 -11.70 26.59 -23.12
C VAL C 42 -10.68 26.62 -24.26
N GLY C 43 -11.10 26.23 -25.47
CA GLY C 43 -10.23 26.17 -26.64
C GLY C 43 -9.60 24.80 -26.89
N GLN C 44 -9.75 23.90 -25.92
CA GLN C 44 -9.30 22.52 -26.02
C GLN C 44 -10.06 21.81 -27.14
N ALA C 45 -9.39 20.97 -27.95
CA ALA C 45 -10.06 20.21 -29.02
C ALA C 45 -10.29 18.75 -28.62
N LEU C 46 -11.56 18.33 -28.69
CA LEU C 46 -11.98 16.98 -28.34
C LEU C 46 -12.55 16.23 -29.56
N ILE C 47 -12.49 14.90 -29.53
CA ILE C 47 -13.25 14.10 -30.48
C ILE C 47 -14.46 13.47 -29.79
N VAL C 48 -15.57 13.41 -30.51
CA VAL C 48 -16.81 12.83 -30.01
C VAL C 48 -17.40 11.94 -31.10
N ASN C 49 -18.04 10.85 -30.69
CA ASN C 49 -18.82 10.01 -31.60
C ASN C 49 -20.05 10.78 -32.01
N THR C 50 -20.52 10.61 -33.25
CA THR C 50 -21.66 11.35 -33.72
C THR C 50 -22.91 10.49 -33.80
N LYS C 51 -24.06 11.15 -33.93
CA LYS C 51 -25.34 10.48 -34.12
C LYS C 51 -25.64 10.51 -35.62
N GLY C 52 -26.28 9.46 -36.13
CA GLY C 52 -26.64 9.32 -37.55
C GLY C 52 -26.25 10.43 -38.52
N ASN C 53 -25.05 10.30 -39.06
CA ASN C 53 -24.50 11.16 -40.11
C ASN C 53 -24.56 12.66 -39.85
N ASN C 54 -24.70 13.05 -38.59
CA ASN C 54 -24.88 14.46 -38.23
C ASN C 54 -23.52 15.10 -37.97
N TYR C 55 -23.36 16.34 -38.43
CA TYR C 55 -22.12 17.11 -38.23
C TYR C 55 -22.48 18.54 -37.85
N TYR C 56 -21.82 19.08 -36.83
CA TYR C 56 -22.03 20.47 -36.43
C TYR C 56 -20.81 21.32 -36.78
N VAL C 57 -21.06 22.37 -37.56
CA VAL C 57 -20.00 23.21 -38.10
C VAL C 57 -19.14 23.87 -37.02
N GLN C 58 -17.83 23.78 -37.22
CA GLN C 58 -16.84 24.31 -36.28
C GLN C 58 -16.19 25.58 -36.81
N PRO C 59 -15.52 26.35 -35.93
CA PRO C 59 -14.80 27.53 -36.43
C PRO C 59 -13.82 27.19 -37.55
N GLY C 60 -13.87 27.97 -38.63
CA GLY C 60 -12.97 27.79 -39.75
C GLY C 60 -13.40 26.72 -40.74
N ASP C 61 -14.50 26.03 -40.47
CA ASP C 61 -14.99 25.02 -41.41
C ASP C 61 -15.41 25.63 -42.75
N SER C 62 -15.30 24.82 -43.79
CA SER C 62 -15.86 25.10 -45.09
C SER C 62 -16.41 23.78 -45.58
N LEU C 63 -17.29 23.79 -46.58
CA LEU C 63 -17.78 22.54 -47.14
C LEU C 63 -16.65 21.76 -47.76
N TYR C 64 -15.71 22.47 -48.39
CA TYR C 64 -14.53 21.83 -48.95
C TYR C 64 -13.76 21.08 -47.86
N ARG C 65 -13.48 21.74 -46.75
CA ARG C 65 -12.75 21.10 -45.66
C ARG C 65 -13.52 19.89 -45.15
N ILE C 66 -14.82 20.10 -44.91
CA ILE C 66 -15.64 19.03 -44.37
C ILE C 66 -15.68 17.86 -45.35
N SER C 67 -15.78 18.16 -46.65
CA SER C 67 -15.73 17.14 -47.67
C SER C 67 -14.41 16.37 -47.67
N GLN C 68 -13.30 17.08 -47.51
CA GLN C 68 -12.00 16.42 -47.44
C GLN C 68 -11.92 15.56 -46.20
N THR C 69 -12.39 16.12 -45.09
CA THR C 69 -12.32 15.42 -43.82
C THR C 69 -13.04 14.09 -43.90
N TYR C 70 -14.24 14.07 -44.45
CA TYR C 70 -15.06 12.85 -44.41
C TYR C 70 -15.04 12.02 -45.70
N ASN C 71 -14.08 12.31 -46.58
CA ASN C 71 -13.89 11.53 -47.78
C ASN C 71 -15.15 11.43 -48.62
N VAL C 72 -15.84 12.57 -48.72
CA VAL C 72 -17.10 12.69 -49.46
C VAL C 72 -16.91 13.71 -50.57
N PRO C 73 -17.34 13.38 -51.81
CA PRO C 73 -17.22 14.38 -52.87
C PRO C 73 -17.94 15.66 -52.51
N LEU C 74 -17.36 16.82 -52.82
CA LEU C 74 -17.91 18.09 -52.41
C LEU C 74 -19.32 18.28 -52.96
N ALA C 75 -19.49 17.90 -54.23
CA ALA C 75 -20.78 18.04 -54.88
C ALA C 75 -21.86 17.25 -54.15
N SER C 76 -21.51 16.05 -53.69
CA SER C 76 -22.45 15.20 -52.96
C SER C 76 -22.82 15.85 -51.63
N LEU C 77 -21.82 16.38 -50.93
CA LEU C 77 -22.06 17.03 -49.63
C LEU C 77 -22.95 18.25 -49.74
N ALA C 78 -22.66 19.09 -50.74
CA ALA C 78 -23.42 20.32 -50.94
C ALA C 78 -24.86 19.99 -51.31
N LYS C 79 -25.02 19.10 -52.29
CA LYS C 79 -26.34 18.77 -52.80
C LYS C 79 -27.28 18.25 -51.70
N VAL C 80 -26.82 17.30 -50.89
CA VAL C 80 -27.71 16.64 -49.93
C VAL C 80 -28.10 17.59 -48.79
N ASN C 81 -27.38 18.71 -48.67
CA ASN C 81 -27.70 19.72 -47.66
C ASN C 81 -28.37 20.96 -48.27
N ASN C 82 -28.64 20.92 -49.57
CA ASN C 82 -29.25 22.05 -50.26
C ASN C 82 -28.45 23.34 -50.08
N LEU C 83 -27.14 23.22 -50.25
CA LEU C 83 -26.23 24.37 -50.14
C LEU C 83 -25.47 24.56 -51.43
N SER C 84 -24.95 25.77 -51.64
CA SER C 84 -24.07 26.02 -52.78
C SER C 84 -22.67 25.55 -52.40
N LEU C 85 -21.85 25.25 -53.41
CA LEU C 85 -20.53 24.67 -53.18
C LEU C 85 -19.62 25.50 -52.31
N LYS C 86 -19.80 26.82 -52.32
CA LYS C 86 -18.96 27.69 -51.51
C LYS C 86 -19.77 28.39 -50.43
N SER C 87 -20.92 27.81 -50.09
CA SER C 87 -21.87 28.41 -49.18
C SER C 87 -21.22 28.76 -47.84
N ILE C 88 -21.55 29.94 -47.31
CA ILE C 88 -21.06 30.38 -46.01
C ILE C 88 -21.75 29.69 -44.85
N LEU C 89 -20.94 29.01 -44.05
CA LEU C 89 -21.40 28.28 -42.89
C LEU C 89 -21.33 29.15 -41.65
N HIS C 90 -22.04 28.74 -40.61
CA HIS C 90 -21.94 29.38 -39.31
C HIS C 90 -21.73 28.30 -38.26
N VAL C 91 -21.03 28.65 -37.19
CA VAL C 91 -20.72 27.69 -36.15
C VAL C 91 -22.01 27.17 -35.50
N GLY C 92 -22.09 25.85 -35.37
CA GLY C 92 -23.25 25.20 -34.80
C GLY C 92 -24.24 24.71 -35.84
N GLN C 93 -24.05 25.13 -37.08
CA GLN C 93 -24.92 24.70 -38.18
C GLN C 93 -24.90 23.18 -38.32
N GLN C 94 -26.07 22.56 -38.43
CA GLN C 94 -26.17 21.12 -38.55
C GLN C 94 -26.14 20.72 -40.02
N LEU C 95 -25.27 19.77 -40.37
CA LEU C 95 -25.20 19.24 -41.72
C LEU C 95 -25.35 17.73 -41.70
N TYR C 96 -25.89 17.19 -42.80
CA TYR C 96 -25.90 15.75 -43.03
C TYR C 96 -24.65 15.40 -43.85
N VAL C 97 -23.87 14.42 -43.37
CA VAL C 97 -22.64 14.00 -44.04
C VAL C 97 -22.71 12.53 -44.47
N PRO C 98 -22.81 12.26 -45.79
CA PRO C 98 -22.87 10.91 -46.37
C PRO C 98 -21.62 10.08 -46.08
N LYS C 99 -21.80 8.78 -45.85
CA LYS C 99 -20.68 7.87 -45.60
C LYS C 99 -19.68 7.91 -46.78
N GLY C 100 -18.40 8.09 -46.47
CA GLY C 100 -17.40 8.19 -47.53
C GLY C 100 -16.58 6.92 -47.73
N THR C 101 -15.71 6.94 -48.73
CA THR C 101 -14.77 5.84 -48.96
C THR C 101 -13.39 6.23 -48.46
N LYS C 102 -12.81 5.41 -47.60
CA LYS C 102 -11.46 5.69 -47.09
C LYS C 102 -10.40 5.20 -48.04
N ARG C 103 -9.41 6.05 -48.28
CA ARG C 103 -8.23 5.60 -48.99
C ARG C 103 -7.21 5.06 -48.01
N SER C 104 -6.32 4.19 -48.48
CA SER C 104 -5.32 3.57 -47.62
C SER C 104 -4.16 4.53 -47.33
N VAL C 105 -3.46 4.27 -46.24
CA VAL C 105 -2.30 5.07 -45.86
C VAL C 105 -1.26 4.13 -45.27
N GLU C 106 0.02 4.48 -45.39
CA GLU C 106 1.06 3.81 -44.64
C GLU C 106 1.49 4.72 -43.50
N SER C 107 1.65 4.12 -42.33
CA SER C 107 2.04 4.88 -41.14
C SER C 107 3.30 4.30 -40.53
N ILE C 108 4.15 5.22 -40.07
CA ILE C 108 5.37 4.89 -39.36
C ILE C 108 5.35 5.62 -38.02
N ALA C 109 5.87 4.99 -36.98
CA ALA C 109 6.18 5.69 -35.74
C ALA C 109 7.56 5.31 -35.24
N TYR C 110 8.29 6.32 -34.76
CA TYR C 110 9.63 6.11 -34.22
C TYR C 110 9.59 5.93 -32.71
N LEU C 111 10.48 5.06 -32.23
CA LEU C 111 10.67 4.83 -30.78
C LEU C 111 12.12 5.15 -30.44
N GLN C 112 12.31 6.05 -29.47
CA GLN C 112 13.66 6.49 -29.11
C GLN C 112 13.81 6.47 -27.61
N PRO C 113 14.36 5.39 -27.06
CA PRO C 113 14.53 5.36 -25.61
C PRO C 113 15.62 6.32 -25.16
N SER C 114 15.55 6.73 -23.90
CA SER C 114 16.53 7.64 -23.30
C SER C 114 17.23 7.00 -22.11
N THR C 115 16.95 5.71 -21.88
CA THR C 115 17.50 4.97 -20.75
C THR C 115 17.91 3.55 -21.11
N ILE C 116 18.67 2.92 -20.23
CA ILE C 116 18.93 1.48 -20.29
C ILE C 116 18.73 0.90 -18.89
N PRO C 117 17.77 -0.04 -18.71
CA PRO C 117 16.87 -0.57 -19.74
C PRO C 117 15.86 0.47 -20.19
N ILE C 118 15.17 0.18 -21.28
CA ILE C 118 14.12 1.04 -21.79
C ILE C 118 13.01 1.13 -20.75
N LYS C 119 12.48 2.33 -20.56
CA LYS C 119 11.40 2.55 -19.62
C LYS C 119 10.19 1.71 -19.98
N GLU C 120 9.60 1.08 -18.96
CA GLU C 120 8.43 0.24 -19.17
C GLU C 120 7.26 1.03 -19.76
N SER C 121 7.12 2.28 -19.36
CA SER C 121 6.02 3.11 -19.82
C SER C 121 6.12 3.32 -21.32
N LEU C 122 7.34 3.36 -21.82
CA LEU C 122 7.60 3.58 -23.23
C LEU C 122 7.27 2.33 -24.05
N VAL C 123 7.58 1.17 -23.48
CA VAL C 123 7.20 -0.10 -24.08
C VAL C 123 5.68 -0.23 -24.11
N ASN C 124 5.02 0.18 -23.03
CA ASN C 124 3.57 0.11 -22.98
C ASN C 124 2.94 1.03 -24.04
N ALA C 125 3.51 2.22 -24.23
CA ALA C 125 3.02 3.13 -25.27
C ALA C 125 3.18 2.50 -26.65
N THR C 126 4.29 1.80 -26.84
CA THR C 126 4.54 1.15 -28.12
C THR C 126 3.51 0.07 -28.38
N ARG C 127 3.18 -0.72 -27.36
CA ARG C 127 2.17 -1.77 -27.52
C ARG C 127 0.81 -1.16 -27.90
N ALA C 128 0.46 -0.03 -27.30
CA ALA C 128 -0.83 0.61 -27.55
C ALA C 128 -0.94 1.17 -28.97
N ILE C 129 0.18 1.65 -29.51
CA ILE C 129 0.19 2.32 -30.81
C ILE C 129 0.40 1.33 -31.96
N ASN C 130 1.08 0.22 -31.69
CA ASN C 130 1.45 -0.75 -32.73
C ASN C 130 0.31 -1.13 -33.67
N PRO C 131 -0.92 -1.31 -33.15
CA PRO C 131 -1.99 -1.68 -34.09
C PRO C 131 -2.26 -0.67 -35.19
N PHE C 132 -1.90 0.59 -34.97
CA PHE C 132 -2.14 1.66 -35.93
C PHE C 132 -1.01 1.83 -36.94
N LEU C 133 -0.01 0.94 -36.90
CA LEU C 133 1.23 1.11 -37.67
C LEU C 133 1.45 0.10 -38.80
N THR C 134 1.93 0.61 -39.93
CA THR C 134 2.51 -0.21 -40.99
C THR C 134 3.95 -0.58 -40.61
N TYR C 135 4.66 0.41 -40.08
CA TYR C 135 6.07 0.25 -39.68
C TYR C 135 6.37 0.79 -38.29
N LEU C 136 7.24 0.11 -37.55
CA LEU C 136 7.76 0.59 -36.26
C LEU C 136 9.27 0.79 -36.40
N ALA C 137 9.74 2.00 -36.09
CA ALA C 137 11.15 2.35 -36.31
C ALA C 137 11.93 2.61 -35.01
N TYR C 138 12.71 1.61 -34.57
CA TYR C 138 13.45 1.70 -33.31
C TYR C 138 14.75 2.46 -33.54
N PHE C 139 14.83 3.66 -32.96
CA PHE C 139 15.95 4.57 -33.19
C PHE C 139 17.03 4.40 -32.12
N SER C 140 18.25 3.93 -32.44
CA SER C 140 18.68 3.50 -33.77
C SER C 140 19.88 2.56 -33.62
N PHE C 141 20.25 1.90 -34.72
CA PHE C 141 21.53 1.20 -34.81
C PHE C 141 22.58 2.20 -35.30
N GLU C 142 23.64 2.41 -34.53
CA GLU C 142 24.67 3.37 -34.90
C GLU C 142 25.80 2.68 -35.67
N ALA C 143 26.10 3.20 -36.85
CA ALA C 143 27.16 2.66 -37.70
C ALA C 143 28.53 2.91 -37.09
N LYS C 144 29.44 1.96 -37.29
CA LYS C 144 30.82 2.10 -36.81
C LYS C 144 31.82 1.99 -37.97
N ARG C 145 33.02 2.50 -37.75
CA ARG C 145 34.02 2.63 -38.82
C ARG C 145 34.61 1.31 -39.30
N ASP C 146 34.42 0.24 -38.55
CA ASP C 146 34.86 -1.09 -38.99
C ASP C 146 33.73 -1.83 -39.70
N GLY C 147 32.64 -1.11 -39.95
CA GLY C 147 31.53 -1.66 -40.71
C GLY C 147 30.57 -2.53 -39.91
N THR C 148 30.63 -2.46 -38.59
CA THR C 148 29.67 -3.16 -37.75
C THR C 148 28.67 -2.16 -37.16
N LEU C 149 27.67 -2.69 -36.45
CA LEU C 149 26.62 -1.86 -35.84
C LEU C 149 26.55 -1.99 -34.33
N LYS C 150 26.32 -0.85 -33.68
CA LYS C 150 25.98 -0.83 -32.26
C LYS C 150 24.47 -0.93 -32.11
N GLU C 151 24.01 -2.03 -31.52
CA GLU C 151 22.58 -2.30 -31.36
C GLU C 151 21.98 -1.54 -30.18
N PRO C 152 20.78 -0.98 -30.35
CA PRO C 152 20.11 -0.39 -29.20
C PRO C 152 19.60 -1.49 -28.29
N THR C 153 19.29 -1.13 -27.06
CA THR C 153 18.96 -2.12 -26.04
C THR C 153 17.65 -2.84 -26.32
N GLU C 154 17.60 -4.12 -25.98
CA GLU C 154 16.37 -4.92 -26.05
C GLU C 154 15.69 -4.89 -27.43
N THR C 155 16.48 -4.91 -28.49
CA THR C 155 15.96 -4.85 -29.85
C THR C 155 15.01 -6.01 -30.16
N ALA C 156 15.35 -7.21 -29.72
CA ALA C 156 14.51 -8.38 -30.00
C ALA C 156 13.11 -8.21 -29.40
N LYS C 157 13.03 -7.68 -28.18
CA LYS C 157 11.74 -7.48 -27.53
C LYS C 157 10.90 -6.54 -28.39
N ILE C 158 11.51 -5.46 -28.85
CA ILE C 158 10.80 -4.44 -29.61
C ILE C 158 10.38 -4.94 -30.98
N ALA C 159 11.28 -5.66 -31.62
CA ALA C 159 10.98 -6.21 -32.93
C ALA C 159 9.79 -7.16 -32.87
N ASN C 160 9.73 -7.99 -31.83
CA ASN C 160 8.65 -8.96 -31.73
C ASN C 160 7.30 -8.31 -31.44
N ILE C 161 7.31 -7.23 -30.67
CA ILE C 161 6.08 -6.48 -30.42
C ILE C 161 5.46 -6.09 -31.76
N ALA C 162 6.29 -5.54 -32.64
CA ALA C 162 5.86 -5.12 -33.96
C ALA C 162 5.28 -6.31 -34.74
N THR C 163 6.02 -7.42 -34.77
CA THR C 163 5.64 -8.59 -35.55
C THR C 163 4.32 -9.22 -35.09
N GLN C 164 4.11 -9.33 -33.78
CA GLN C 164 2.86 -9.92 -33.28
C GLN C 164 1.65 -9.05 -33.63
N GLY C 165 1.89 -7.80 -34.02
CA GLY C 165 0.81 -6.93 -34.45
C GLY C 165 0.88 -6.75 -35.94
N GLN C 166 1.70 -7.60 -36.57
CA GLN C 166 1.90 -7.65 -38.01
C GLN C 166 2.40 -6.30 -38.56
N THR C 167 3.08 -5.55 -37.69
CA THR C 167 3.82 -4.36 -38.07
C THR C 167 5.23 -4.77 -38.51
N ILE C 168 5.74 -4.12 -39.56
CA ILE C 168 7.12 -4.35 -40.03
C ILE C 168 8.12 -3.53 -39.21
N PRO C 169 9.04 -4.20 -38.48
CA PRO C 169 10.08 -3.42 -37.83
C PRO C 169 11.14 -2.96 -38.81
N MET C 170 11.46 -1.67 -38.77
CA MET C 170 12.53 -1.12 -39.59
C MET C 170 13.87 -1.29 -38.90
N LEU C 171 14.89 -1.58 -39.70
CA LEU C 171 16.28 -1.53 -39.23
C LEU C 171 16.74 -0.10 -39.47
N VAL C 172 16.77 0.70 -38.41
CA VAL C 172 17.13 2.11 -38.51
C VAL C 172 18.62 2.30 -38.26
N ILE C 173 19.35 2.75 -39.28
CA ILE C 173 20.80 2.89 -39.21
C ILE C 173 21.18 4.37 -39.27
N THR C 174 21.96 4.84 -38.29
CA THR C 174 22.39 6.23 -38.25
C THR C 174 23.91 6.34 -38.30
N ASN C 175 24.39 7.51 -38.72
CA ASN C 175 25.81 7.85 -38.65
C ASN C 175 26.07 8.75 -37.44
N ILE C 176 25.62 8.28 -36.28
CA ILE C 176 25.84 9.00 -35.04
C ILE C 176 27.11 8.49 -34.36
N GLU C 177 27.97 9.43 -33.95
CA GLU C 177 29.14 9.15 -33.12
C GLU C 177 29.14 10.09 -31.94
N ASN C 178 29.30 9.54 -30.75
CA ASN C 178 29.29 10.34 -29.53
C ASN C 178 28.07 11.27 -29.44
N GLY C 179 26.91 10.75 -29.80
CA GLY C 179 25.67 11.48 -29.63
C GLY C 179 25.38 12.52 -30.71
N ASN C 180 26.22 12.57 -31.74
CA ASN C 180 26.01 13.51 -32.84
C ASN C 180 26.21 12.87 -34.22
N PHE C 181 25.44 13.36 -35.19
CA PHE C 181 25.63 12.94 -36.57
C PHE C 181 27.02 13.32 -37.04
N SER C 182 27.67 12.40 -37.74
CA SER C 182 29.07 12.53 -38.10
C SER C 182 29.38 12.37 -39.58
N ALA C 183 29.76 13.46 -40.23
CA ALA C 183 30.25 13.43 -41.61
C ALA C 183 31.48 12.55 -41.79
N ASP C 184 32.37 12.54 -40.80
CA ASP C 184 33.59 11.77 -40.94
C ASP C 184 33.29 10.27 -41.01
N LEU C 185 32.30 9.83 -40.23
CA LEU C 185 31.87 8.43 -40.23
C LEU C 185 31.34 7.99 -41.60
N THR C 186 30.43 8.76 -42.19
CA THR C 186 29.92 8.38 -43.49
C THR C 186 30.98 8.47 -44.58
N SER C 187 31.96 9.37 -44.45
CA SER C 187 33.04 9.41 -45.45
C SER C 187 33.82 8.10 -45.46
N VAL C 188 34.11 7.52 -44.29
CA VAL C 188 34.78 6.24 -44.28
C VAL C 188 33.93 5.16 -44.97
N ILE C 189 32.69 4.97 -44.54
CA ILE C 189 31.85 3.91 -45.09
C ILE C 189 31.56 4.10 -46.58
N LEU C 190 31.36 5.34 -46.99
CA LEU C 190 30.96 5.57 -48.37
C LEU C 190 32.13 5.51 -49.35
N ARG C 191 33.36 5.50 -48.82
CA ARG C 191 34.54 5.54 -49.69
C ARG C 191 35.46 4.30 -49.66
N ASP C 192 35.36 3.46 -48.65
CA ASP C 192 36.16 2.24 -48.61
C ASP C 192 35.30 1.05 -48.96
N ALA C 193 35.59 0.43 -50.10
CA ALA C 193 34.74 -0.63 -50.63
C ALA C 193 34.75 -1.84 -49.72
N THR C 194 35.90 -2.13 -49.13
CA THR C 194 36.06 -3.28 -48.26
C THR C 194 35.17 -3.14 -47.03
N ILE C 195 35.24 -1.98 -46.37
CA ILE C 195 34.40 -1.74 -45.20
C ILE C 195 32.92 -1.73 -45.58
N GLN C 196 32.60 -1.10 -46.71
CA GLN C 196 31.21 -0.99 -47.14
C GLN C 196 30.58 -2.36 -47.39
N ASN C 197 31.37 -3.27 -47.97
CA ASN C 197 30.87 -4.60 -48.26
C ASN C 197 30.59 -5.39 -46.99
N LYS C 198 31.49 -5.28 -46.02
CA LYS C 198 31.31 -5.92 -44.73
C LYS C 198 30.13 -5.29 -44.00
N PHE C 199 30.03 -3.96 -44.12
CA PHE C 199 28.94 -3.21 -43.52
C PHE C 199 27.60 -3.70 -44.03
N ILE C 200 27.44 -3.78 -45.34
CA ILE C 200 26.19 -4.22 -45.94
C ILE C 200 25.91 -5.65 -45.55
N THR C 201 26.97 -6.46 -45.50
CA THR C 201 26.83 -7.84 -45.06
C THR C 201 26.30 -7.89 -43.63
N ASN C 202 26.85 -7.03 -42.77
CA ASN C 202 26.43 -6.99 -41.37
C ASN C 202 25.00 -6.51 -41.20
N ILE C 203 24.62 -5.52 -42.01
CA ILE C 203 23.25 -5.01 -42.02
C ILE C 203 22.23 -6.09 -42.41
N LEU C 204 22.54 -6.86 -43.46
CA LEU C 204 21.60 -7.87 -43.93
C LEU C 204 21.39 -9.00 -42.93
N GLN C 205 22.46 -9.50 -42.31
CA GLN C 205 22.28 -10.58 -41.34
C GLN C 205 21.56 -10.07 -40.10
N THR C 206 21.83 -8.81 -39.73
CA THR C 206 21.13 -8.19 -38.60
C THR C 206 19.64 -8.11 -38.90
N ALA C 207 19.31 -7.70 -40.12
CA ALA C 207 17.93 -7.60 -40.53
C ALA C 207 17.22 -8.96 -40.50
N GLU C 208 17.85 -10.00 -41.04
CA GLU C 208 17.21 -11.31 -41.05
C GLU C 208 17.12 -11.87 -39.62
N LYS C 209 18.06 -11.50 -38.75
CA LYS C 209 18.04 -11.92 -37.35
C LYS C 209 16.79 -11.40 -36.62
N TYR C 210 16.33 -10.20 -36.97
CA TYR C 210 15.21 -9.55 -36.27
C TYR C 210 13.95 -9.46 -37.11
N GLY C 211 13.96 -9.99 -38.32
CA GLY C 211 12.78 -9.91 -39.14
C GLY C 211 12.52 -8.48 -39.60
N MET C 212 13.58 -7.68 -39.68
CA MET C 212 13.43 -6.30 -40.10
C MET C 212 13.47 -6.20 -41.61
N ARG C 213 12.30 -6.26 -42.23
CA ARG C 213 12.20 -6.38 -43.67
C ARG C 213 12.31 -5.01 -44.38
N ASP C 214 12.38 -3.90 -43.64
CA ASP C 214 12.75 -2.62 -44.25
C ASP C 214 14.03 -2.10 -43.65
N ILE C 215 15.00 -1.78 -44.52
CA ILE C 215 16.28 -1.23 -44.09
C ILE C 215 16.25 0.28 -44.30
N HIS C 216 16.42 1.05 -43.22
CA HIS C 216 16.24 2.48 -43.28
C HIS C 216 17.52 3.23 -42.88
N PHE C 217 18.05 4.03 -43.81
CA PHE C 217 19.24 4.82 -43.50
C PHE C 217 18.86 6.26 -43.13
N ASP C 218 19.18 6.62 -41.89
CA ASP C 218 19.07 7.98 -41.42
C ASP C 218 20.48 8.55 -41.28
N PHE C 219 21.09 8.88 -42.42
CA PHE C 219 22.39 9.53 -42.47
C PHE C 219 22.17 11.04 -42.61
N GLU C 220 22.59 11.81 -41.61
CA GLU C 220 22.46 13.26 -41.64
C GLU C 220 23.82 13.90 -41.43
N SER C 221 23.92 15.19 -41.74
CA SER C 221 25.21 15.88 -41.68
C SER C 221 26.25 15.15 -42.55
N VAL C 222 25.81 14.62 -43.69
CA VAL C 222 26.71 13.99 -44.66
C VAL C 222 27.47 15.06 -45.44
N ALA C 223 28.76 14.84 -45.68
CA ALA C 223 29.55 15.80 -46.43
C ALA C 223 28.95 16.00 -47.81
N PRO C 224 28.88 17.26 -48.27
CA PRO C 224 28.34 17.50 -49.61
C PRO C 224 29.14 16.76 -50.68
N GLU C 225 30.43 16.53 -50.43
CA GLU C 225 31.28 15.82 -51.39
C GLU C 225 30.91 14.34 -51.52
N ASP C 226 30.09 13.84 -50.59
CA ASP C 226 29.71 12.42 -50.57
C ASP C 226 28.33 12.17 -51.14
N ARG C 227 27.75 13.18 -51.79
CA ARG C 227 26.42 13.00 -52.40
C ARG C 227 26.33 11.78 -53.32
N GLU C 228 27.17 11.70 -54.35
CA GLU C 228 27.03 10.60 -55.28
C GLU C 228 27.50 9.32 -54.63
N ALA C 229 28.46 9.42 -53.70
CA ALA C 229 28.91 8.23 -52.98
C ALA C 229 27.75 7.65 -52.15
N TYR C 230 26.91 8.52 -51.63
CA TYR C 230 25.74 8.07 -50.85
C TYR C 230 24.74 7.37 -51.79
N ASN C 231 24.48 7.97 -52.93
CA ASN C 231 23.65 7.33 -53.96
C ASN C 231 24.16 5.95 -54.37
N ARG C 232 25.48 5.84 -54.60
CA ARG C 232 26.06 4.57 -54.99
C ARG C 232 25.91 3.52 -53.89
N PHE C 233 26.11 3.94 -52.65
CA PHE C 233 25.91 3.06 -51.51
C PHE C 233 24.48 2.51 -51.50
N LEU C 234 23.52 3.38 -51.73
CA LEU C 234 22.11 2.98 -51.69
C LEU C 234 21.79 1.97 -52.81
N ARG C 235 22.40 2.18 -53.98
CA ARG C 235 22.20 1.23 -55.08
C ARG C 235 22.77 -0.12 -54.70
N ASN C 236 23.93 -0.08 -54.03
CA ASN C 236 24.59 -1.31 -53.62
C ASN C 236 23.71 -2.06 -52.63
N VAL C 237 23.13 -1.35 -51.67
CA VAL C 237 22.23 -2.00 -50.73
C VAL C 237 21.04 -2.58 -51.44
N LYS C 238 20.41 -1.78 -52.29
CA LYS C 238 19.19 -2.21 -52.97
C LYS C 238 19.40 -3.51 -53.74
N ILE C 239 20.54 -3.62 -54.43
CA ILE C 239 20.86 -4.79 -55.23
C ILE C 239 21.03 -6.06 -54.41
N ARG C 240 21.47 -5.91 -53.15
CA ARG C 240 21.70 -7.07 -52.30
C ARG C 240 20.54 -7.43 -51.39
N LEU C 241 19.42 -6.71 -51.48
CA LEU C 241 18.29 -7.01 -50.61
C LEU C 241 17.65 -8.34 -50.98
N PRO C 242 17.41 -9.20 -49.97
CA PRO C 242 16.69 -10.45 -50.27
C PRO C 242 15.25 -10.22 -50.68
N SER C 243 14.64 -11.23 -51.29
CA SER C 243 13.24 -11.14 -51.66
C SER C 243 12.42 -10.84 -50.41
N GLY C 244 11.48 -9.90 -50.51
CA GLY C 244 10.62 -9.56 -49.41
C GLY C 244 11.10 -8.36 -48.59
N TYR C 245 12.32 -7.90 -48.85
CA TYR C 245 12.87 -6.76 -48.11
C TYR C 245 12.75 -5.47 -48.93
N THR C 246 12.74 -4.33 -48.22
CA THR C 246 12.69 -3.02 -48.86
C THR C 246 13.79 -2.08 -48.27
N LEU C 247 14.01 -0.93 -48.93
CA LEU C 247 15.00 0.07 -48.55
C LEU C 247 14.39 1.46 -48.44
N SER C 248 14.72 2.22 -47.40
CA SER C 248 14.17 3.57 -47.27
C SER C 248 15.21 4.52 -46.67
N THR C 249 14.96 5.82 -46.79
CA THR C 249 15.86 6.84 -46.25
C THR C 249 15.14 8.01 -45.59
N THR C 250 15.87 8.70 -44.71
CA THR C 250 15.43 9.96 -44.16
C THR C 250 15.95 11.12 -45.01
N LEU C 251 15.06 12.06 -45.30
CA LEU C 251 15.43 13.27 -46.04
C LEU C 251 15.13 14.54 -45.25
N VAL C 252 16.09 15.46 -45.27
CA VAL C 252 15.94 16.81 -44.76
C VAL C 252 14.88 17.50 -45.64
N PRO C 253 14.06 18.40 -45.07
CA PRO C 253 13.03 19.07 -45.88
C PRO C 253 13.63 20.13 -46.82
N LYS C 254 13.16 20.09 -48.06
CA LYS C 254 13.56 21.04 -49.09
C LYS C 254 12.34 21.58 -49.84
N THR C 255 12.44 22.81 -50.33
CA THR C 255 11.44 23.36 -51.23
C THR C 255 12.05 23.64 -52.62
N SER C 256 13.33 23.30 -52.78
CA SER C 256 13.95 23.33 -54.10
C SER C 256 15.25 22.54 -54.12
N GLU C 265 23.28 19.06 -49.59
CA GLU C 265 23.45 18.61 -50.95
C GLU C 265 23.41 17.10 -50.98
N ALA C 266 23.91 16.49 -49.92
CA ALA C 266 24.06 15.05 -49.90
C ALA C 266 22.71 14.33 -49.86
N HIS C 267 21.63 15.08 -49.61
CA HIS C 267 20.29 14.52 -49.66
C HIS C 267 19.70 14.79 -51.05
N ASP C 268 19.97 13.86 -51.95
CA ASP C 268 19.61 13.96 -53.36
C ASP C 268 18.23 13.36 -53.57
N TYR C 269 17.21 14.21 -53.57
CA TYR C 269 15.82 13.75 -53.66
C TYR C 269 15.55 12.89 -54.89
N LYS C 270 16.02 13.38 -56.03
CA LYS C 270 15.75 12.70 -57.28
C LYS C 270 16.46 11.36 -57.36
N ALA C 271 17.74 11.35 -57.02
CA ALA C 271 18.50 10.11 -57.06
C ALA C 271 17.94 9.10 -56.05
N GLN C 272 17.70 9.53 -54.82
CA GLN C 272 17.18 8.60 -53.83
C GLN C 272 15.78 8.15 -54.24
N GLY C 273 15.02 9.08 -54.81
CA GLY C 273 13.65 8.79 -55.24
C GLY C 273 13.56 7.67 -56.26
N GLN C 274 14.61 7.49 -57.05
CA GLN C 274 14.70 6.39 -58.02
C GLN C 274 15.11 5.09 -57.37
N ILE C 275 15.89 5.17 -56.30
CA ILE C 275 16.50 3.98 -55.73
C ILE C 275 15.63 3.32 -54.67
N VAL C 276 15.17 4.12 -53.71
CA VAL C 276 14.56 3.59 -52.52
C VAL C 276 13.07 3.33 -52.69
N ASP C 277 12.51 2.56 -51.77
CA ASP C 277 11.08 2.25 -51.79
C ASP C 277 10.23 3.35 -51.16
N PHE C 278 10.74 4.00 -50.11
CA PHE C 278 10.07 5.20 -49.60
C PHE C 278 11.08 6.06 -48.87
N VAL C 279 10.71 7.33 -48.71
CA VAL C 279 11.50 8.29 -47.95
C VAL C 279 10.66 8.85 -46.80
N VAL C 280 11.34 9.19 -45.72
CA VAL C 280 10.71 9.88 -44.59
C VAL C 280 11.25 11.30 -44.62
N ILE C 281 10.39 12.27 -44.94
CA ILE C 281 10.80 13.68 -45.01
C ILE C 281 10.49 14.39 -43.69
N MET C 282 11.51 15.04 -43.12
CA MET C 282 11.38 15.65 -41.80
C MET C 282 10.67 17.00 -41.90
N THR C 283 9.38 16.96 -42.20
CA THR C 283 8.57 18.16 -42.31
C THR C 283 8.09 18.69 -40.94
N TYR C 284 9.07 19.04 -40.09
CA TYR C 284 8.79 19.61 -38.78
C TYR C 284 10.01 20.41 -38.30
N ASP C 285 9.87 21.05 -37.13
CA ASP C 285 10.92 21.86 -36.48
C ASP C 285 11.26 23.18 -37.22
N TRP C 286 10.22 23.83 -37.73
CA TRP C 286 10.29 25.26 -38.04
C TRP C 286 10.41 26.04 -36.71
N GLY C 287 9.42 25.87 -35.84
CA GLY C 287 9.60 26.19 -34.44
C GLY C 287 10.37 25.03 -33.83
N TRP C 288 11.48 25.31 -33.16
CA TRP C 288 12.33 24.24 -32.61
C TRP C 288 12.96 24.63 -31.27
N GLN C 289 13.57 23.66 -30.59
CA GLN C 289 14.02 23.82 -29.20
C GLN C 289 14.92 25.03 -28.99
N GLY C 290 15.75 25.31 -29.99
CA GLY C 290 16.77 26.34 -29.88
C GLY C 290 16.44 27.65 -30.57
N GLY C 291 15.21 27.75 -31.06
CA GLY C 291 14.75 28.97 -31.70
C GLY C 291 13.65 29.61 -30.89
N PRO C 292 13.07 30.70 -31.41
CA PRO C 292 11.99 31.43 -30.74
C PRO C 292 10.65 30.71 -30.90
N PRO C 293 9.67 31.04 -30.04
CA PRO C 293 8.37 30.35 -30.14
C PRO C 293 7.60 30.61 -31.42
N MET C 294 7.10 29.52 -32.01
CA MET C 294 6.24 29.51 -33.20
C MET C 294 5.81 28.07 -33.49
N ALA C 295 4.83 27.91 -34.40
CA ALA C 295 4.34 26.57 -34.76
C ALA C 295 5.46 25.67 -35.19
N ILE C 296 5.41 24.41 -34.77
CA ILE C 296 6.49 23.47 -35.06
C ILE C 296 6.46 23.02 -36.53
N SER C 297 5.26 22.78 -37.06
CA SER C 297 5.13 22.31 -38.44
C SER C 297 4.01 23.04 -39.15
N PRO C 298 4.18 24.36 -39.35
CA PRO C 298 3.13 25.17 -39.99
C PRO C 298 2.74 24.60 -41.36
N ILE C 299 1.46 24.54 -41.63
CA ILE C 299 1.00 23.74 -42.75
C ILE C 299 1.32 24.31 -44.15
N GLY C 300 1.44 25.63 -44.27
CA GLY C 300 1.85 26.21 -45.54
C GLY C 300 3.22 25.73 -45.98
N PRO C 301 4.23 25.93 -45.13
CA PRO C 301 5.57 25.46 -45.45
C PRO C 301 5.65 23.94 -45.64
N VAL C 302 4.85 23.18 -44.90
CA VAL C 302 4.82 21.73 -45.07
C VAL C 302 4.33 21.36 -46.46
N LYS C 303 3.28 22.02 -46.90
CA LYS C 303 2.73 21.81 -48.23
C LYS C 303 3.79 22.10 -49.29
N GLU C 304 4.51 23.19 -49.11
CA GLU C 304 5.58 23.55 -50.05
C GLU C 304 6.62 22.45 -50.20
N VAL C 305 7.01 21.84 -49.09
CA VAL C 305 7.99 20.76 -49.14
C VAL C 305 7.40 19.54 -49.87
N LEU C 306 6.15 19.18 -49.59
CA LEU C 306 5.53 18.03 -50.25
C LEU C 306 5.44 18.24 -51.75
N GLN C 307 5.08 19.45 -52.16
CA GLN C 307 4.98 19.76 -53.58
C GLN C 307 6.36 19.63 -54.23
N TYR C 308 7.40 20.11 -53.54
CA TYR C 308 8.73 19.96 -54.10
C TYR C 308 9.12 18.49 -54.23
N ALA C 309 8.82 17.71 -53.19
CA ALA C 309 9.14 16.29 -53.20
C ALA C 309 8.46 15.57 -54.36
N LYS C 310 7.19 15.88 -54.61
CA LYS C 310 6.49 15.25 -55.72
C LYS C 310 7.10 15.61 -57.07
N SER C 311 7.74 16.78 -57.17
CA SER C 311 8.38 17.18 -58.44
C SER C 311 9.65 16.38 -58.73
N GLN C 312 10.16 15.69 -57.71
CA GLN C 312 11.43 14.98 -57.81
C GLN C 312 11.27 13.47 -57.80
N MET C 313 10.13 12.98 -57.30
CA MET C 313 9.91 11.55 -57.11
C MET C 313 8.43 11.23 -57.12
N PRO C 314 8.08 9.95 -57.34
CA PRO C 314 6.67 9.53 -57.33
C PRO C 314 6.02 9.82 -55.98
N PRO C 315 4.78 10.36 -55.98
CA PRO C 315 4.13 10.74 -54.73
C PRO C 315 3.96 9.60 -53.72
N GLN C 316 3.80 8.37 -54.21
CA GLN C 316 3.56 7.22 -53.35
C GLN C 316 4.77 6.92 -52.45
N LYS C 317 5.94 7.39 -52.85
CA LYS C 317 7.16 7.12 -52.07
C LYS C 317 7.31 8.07 -50.90
N ILE C 318 6.47 9.11 -50.83
CA ILE C 318 6.65 10.17 -49.84
C ILE C 318 5.88 9.91 -48.55
N MET C 319 6.63 9.85 -47.44
CA MET C 319 6.06 9.84 -46.09
C MET C 319 6.28 11.20 -45.45
N MET C 320 5.20 11.88 -45.12
CA MET C 320 5.26 13.18 -44.46
C MET C 320 5.59 13.04 -42.99
N GLY C 321 6.71 13.63 -42.59
CA GLY C 321 7.08 13.67 -41.18
C GLY C 321 6.11 14.52 -40.39
N GLN C 322 5.71 14.00 -39.23
CA GLN C 322 4.79 14.69 -38.33
C GLN C 322 5.23 14.60 -36.87
N ASN C 323 5.43 15.77 -36.25
CA ASN C 323 5.74 15.85 -34.84
C ASN C 323 4.50 15.55 -34.00
N LEU C 324 4.70 14.83 -32.90
CA LEU C 324 3.64 14.66 -31.92
C LEU C 324 3.88 15.58 -30.74
N TYR C 325 5.07 16.16 -30.67
CA TYR C 325 5.45 17.06 -29.59
C TYR C 325 5.12 18.52 -29.89
N GLY C 326 4.95 19.30 -28.83
CA GLY C 326 5.00 20.74 -28.93
C GLY C 326 6.18 21.22 -28.10
N PHE C 327 6.36 22.52 -27.98
CA PHE C 327 7.40 23.06 -27.10
C PHE C 327 6.83 24.14 -26.21
N ASP C 328 7.44 24.23 -25.04
CA ASP C 328 7.13 25.27 -24.05
C ASP C 328 8.38 26.15 -23.95
N TRP C 329 8.30 27.39 -24.45
CA TRP C 329 9.40 28.35 -24.42
C TRP C 329 9.27 29.35 -23.26
N LYS C 330 10.37 29.65 -22.59
CA LYS C 330 10.39 30.76 -21.66
C LYS C 330 10.72 32.05 -22.41
N LEU C 331 10.04 33.13 -22.01
CA LEU C 331 10.21 34.42 -22.67
C LEU C 331 10.94 35.42 -21.77
N PRO C 332 11.66 36.37 -22.39
CA PRO C 332 11.84 36.51 -23.84
C PRO C 332 12.87 35.53 -24.40
N PHE C 333 12.77 35.19 -25.68
CA PHE C 333 13.79 34.36 -26.32
C PHE C 333 15.09 35.12 -26.46
N LYS C 334 16.19 34.45 -26.15
CA LYS C 334 17.55 35.00 -26.31
C LYS C 334 18.44 33.85 -26.78
N GLN C 335 19.40 34.17 -27.64
CA GLN C 335 20.02 33.14 -28.50
C GLN C 335 20.71 31.97 -27.77
N GLY C 336 21.33 32.24 -26.62
CA GLY C 336 22.05 31.23 -25.87
C GLY C 336 21.28 30.56 -24.73
N ASN C 337 20.04 30.97 -24.51
CA ASN C 337 19.21 30.43 -23.45
C ASN C 337 19.09 28.90 -23.48
N PRO C 338 18.74 28.29 -22.34
CA PRO C 338 18.46 26.86 -22.36
C PRO C 338 17.35 26.53 -23.33
N PRO C 339 17.34 25.31 -23.89
CA PRO C 339 16.33 24.96 -24.88
C PRO C 339 14.91 24.88 -24.32
N ALA C 340 13.94 25.06 -25.20
CA ALA C 340 12.54 24.86 -24.86
C ALA C 340 12.30 23.41 -24.45
N LYS C 341 11.26 23.17 -23.64
CA LYS C 341 10.91 21.85 -23.17
C LYS C 341 9.86 21.21 -24.06
N ALA C 342 10.08 19.98 -24.50
CA ALA C 342 9.08 19.28 -25.29
C ALA C 342 7.89 18.86 -24.43
N VAL C 343 6.68 18.99 -24.98
CA VAL C 343 5.49 18.57 -24.27
C VAL C 343 4.62 17.72 -25.16
N SER C 344 3.94 16.74 -24.58
CA SER C 344 2.90 16.01 -25.29
C SER C 344 1.65 16.88 -25.44
N SER C 345 0.72 16.43 -26.28
CA SER C 345 -0.53 17.13 -26.47
C SER C 345 -1.31 17.18 -25.16
N VAL C 346 -1.39 16.07 -24.46
CA VAL C 346 -2.11 16.01 -23.19
C VAL C 346 -1.44 16.94 -22.18
N ALA C 347 -0.10 16.95 -22.16
CA ALA C 347 0.65 17.77 -21.22
C ALA C 347 0.47 19.26 -21.50
N ALA C 348 0.36 19.63 -22.77
CA ALA C 348 0.13 21.02 -23.15
C ALA C 348 -1.22 21.51 -22.60
N VAL C 349 -2.27 20.72 -22.79
CA VAL C 349 -3.56 21.11 -22.24
C VAL C 349 -3.48 21.21 -20.72
N ALA C 350 -2.71 20.32 -20.09
CA ALA C 350 -2.62 20.35 -18.64
C ALA C 350 -1.96 21.63 -18.16
N LEU C 351 -1.01 22.16 -18.93
CA LEU C 351 -0.38 23.43 -18.59
C LEU C 351 -1.40 24.55 -18.65
N ALA C 352 -2.22 24.57 -19.69
CA ALA C 352 -3.21 25.62 -19.83
C ALA C 352 -4.21 25.52 -18.68
N ARG C 353 -4.56 24.29 -18.31
CA ARG C 353 -5.46 24.05 -17.18
C ARG C 353 -4.86 24.55 -15.87
N LYS C 354 -3.61 24.18 -15.60
CA LYS C 354 -2.96 24.51 -14.35
C LYS C 354 -2.80 26.01 -14.15
N TYR C 355 -2.43 26.70 -15.23
CA TYR C 355 -2.12 28.12 -15.16
C TYR C 355 -3.31 28.99 -15.60
N ASN C 356 -4.46 28.34 -15.77
CA ASN C 356 -5.75 29.01 -16.05
C ASN C 356 -5.76 29.98 -17.23
N VAL C 357 -5.35 29.47 -18.39
CA VAL C 357 -5.46 30.23 -19.63
C VAL C 357 -6.16 29.41 -20.70
N PRO C 358 -6.83 30.08 -21.64
CA PRO C 358 -7.47 29.38 -22.74
C PRO C 358 -6.50 29.00 -23.85
N ILE C 359 -6.86 27.99 -24.62
CA ILE C 359 -6.07 27.58 -25.77
C ILE C 359 -6.58 28.31 -27.01
N ARG C 360 -5.64 28.94 -27.71
CA ARG C 360 -5.94 29.70 -28.92
C ARG C 360 -5.55 28.89 -30.15
N TYR C 361 -6.07 29.27 -31.32
CA TYR C 361 -5.77 28.54 -32.54
C TYR C 361 -5.37 29.51 -33.63
N ASP C 362 -4.19 29.26 -34.20
CA ASP C 362 -3.65 30.05 -35.31
C ASP C 362 -4.15 29.39 -36.58
N PHE C 363 -5.10 30.02 -37.26
CA PHE C 363 -5.69 29.43 -38.44
C PHE C 363 -4.79 29.58 -39.66
N THR C 364 -3.77 30.43 -39.60
CA THR C 364 -2.82 30.55 -40.71
C THR C 364 -1.81 29.40 -40.65
N ALA C 365 -1.16 29.24 -39.50
CA ALA C 365 -0.26 28.11 -39.30
C ALA C 365 -0.98 26.77 -39.18
N GLN C 366 -2.26 26.84 -38.75
CA GLN C 366 -3.02 25.67 -38.31
C GLN C 366 -2.31 24.97 -37.14
N ALA C 367 -2.37 25.63 -35.98
CA ALA C 367 -1.78 25.09 -34.76
C ALA C 367 -2.33 25.78 -33.54
N PRO C 368 -2.50 25.00 -32.44
CA PRO C 368 -2.93 25.57 -31.15
C PRO C 368 -1.74 26.15 -30.36
N HIS C 369 -2.04 27.12 -29.51
CA HIS C 369 -1.00 27.79 -28.74
C HIS C 369 -1.59 28.57 -27.58
N PHE C 370 -0.74 28.95 -26.63
CA PHE C 370 -1.19 29.82 -25.55
C PHE C 370 0.04 30.38 -24.83
N ASN C 371 -0.19 31.40 -24.01
CA ASN C 371 0.85 31.97 -23.15
C ASN C 371 0.38 31.89 -21.71
N TYR C 372 1.33 31.75 -20.79
CA TYR C 372 1.01 31.72 -19.38
C TYR C 372 2.16 32.27 -18.56
N PHE C 373 1.88 32.59 -17.30
CA PHE C 373 2.91 32.97 -16.35
C PHE C 373 3.08 31.86 -15.34
N ASP C 374 4.32 31.45 -15.09
CA ASP C 374 4.59 30.40 -14.11
C ASP C 374 4.73 30.95 -12.70
N GLU C 375 5.02 30.05 -11.76
CA GLU C 375 5.08 30.39 -10.34
C GLU C 375 6.13 31.44 -10.02
N ASN C 376 7.13 31.59 -10.88
CA ASN C 376 8.20 32.56 -10.69
C ASN C 376 7.92 33.87 -11.41
N GLY C 377 6.76 33.94 -12.05
CA GLY C 377 6.38 35.10 -12.83
C GLY C 377 7.00 35.17 -14.21
N VAL C 378 7.62 34.09 -14.66
CA VAL C 378 8.19 34.08 -15.99
C VAL C 378 7.09 33.72 -16.99
N GLN C 379 7.02 34.49 -18.08
CA GLN C 379 6.05 34.23 -19.13
C GLN C 379 6.56 33.10 -20.01
N HIS C 380 5.65 32.21 -20.38
CA HIS C 380 5.90 31.12 -21.31
C HIS C 380 5.04 31.25 -22.52
N GLU C 381 5.50 30.67 -23.62
CA GLU C 381 4.66 30.51 -24.81
C GLU C 381 4.72 29.05 -25.25
N VAL C 382 3.55 28.44 -25.52
CA VAL C 382 3.46 27.04 -25.90
C VAL C 382 2.82 26.89 -27.27
N TRP C 383 3.47 26.16 -28.18
CA TRP C 383 2.88 25.76 -29.47
C TRP C 383 2.86 24.23 -29.47
N PHE C 384 1.75 23.62 -29.90
CA PHE C 384 1.70 22.17 -29.82
C PHE C 384 0.80 21.60 -30.92
N GLU C 385 0.43 20.34 -30.79
CA GLU C 385 -0.42 19.66 -31.80
C GLU C 385 -1.71 19.18 -31.17
N ASP C 386 -2.84 19.30 -31.87
CA ASP C 386 -4.08 18.69 -31.37
C ASP C 386 -4.95 18.19 -32.53
N ALA C 387 -6.16 17.76 -32.21
CA ALA C 387 -7.02 17.11 -33.19
C ALA C 387 -7.29 17.99 -34.40
N ARG C 388 -7.43 19.30 -34.19
CA ARG C 388 -7.72 20.22 -35.28
C ARG C 388 -6.59 20.28 -36.31
N SER C 389 -5.35 20.46 -35.83
CA SER C 389 -4.22 20.62 -36.75
C SER C 389 -3.88 19.24 -37.40
N ILE C 390 -4.03 18.15 -36.67
CA ILE C 390 -3.80 16.84 -37.27
C ILE C 390 -4.81 16.51 -38.37
N GLN C 391 -6.06 16.91 -38.18
CA GLN C 391 -7.04 16.73 -39.25
C GLN C 391 -6.65 17.53 -40.49
N SER C 392 -6.15 18.76 -40.29
CA SER C 392 -5.69 19.58 -41.40
C SER C 392 -4.54 18.91 -42.15
N LYS C 393 -3.61 18.32 -41.42
CA LYS C 393 -2.50 17.60 -42.02
C LYS C 393 -2.97 16.35 -42.77
N PHE C 394 -3.96 15.63 -42.24
CA PHE C 394 -4.51 14.48 -42.96
C PHE C 394 -5.14 14.93 -44.26
N ASN C 395 -5.88 16.03 -44.21
CA ASN C 395 -6.51 16.52 -45.43
C ASN C 395 -5.46 16.94 -46.47
N LEU C 396 -4.36 17.52 -46.01
CA LEU C 396 -3.25 17.89 -46.90
C LEU C 396 -2.70 16.64 -47.59
N MET C 397 -2.56 15.55 -46.84
CA MET C 397 -2.10 14.30 -47.41
C MET C 397 -3.03 13.82 -48.53
N LYS C 398 -4.34 13.92 -48.29
CA LYS C 398 -5.33 13.50 -49.30
C LYS C 398 -5.20 14.33 -50.58
N GLU C 399 -5.13 15.64 -50.40
CA GLU C 399 -5.01 16.57 -51.52
C GLU C 399 -3.76 16.31 -52.35
N GLN C 400 -2.65 16.03 -51.67
CA GLN C 400 -1.38 15.86 -52.36
C GLN C 400 -1.13 14.43 -52.86
N GLY C 401 -1.91 13.47 -52.38
CA GLY C 401 -1.81 12.10 -52.85
C GLY C 401 -0.54 11.36 -52.47
N ILE C 402 0.01 11.65 -51.29
CA ILE C 402 1.28 11.01 -50.92
C ILE C 402 1.03 9.67 -50.23
N GLY C 403 2.09 8.91 -50.00
CA GLY C 403 1.96 7.55 -49.51
C GLY C 403 1.57 7.42 -48.04
N GLY C 404 2.05 8.33 -47.21
CA GLY C 404 1.86 8.14 -45.79
C GLY C 404 2.39 9.21 -44.90
N ILE C 405 2.47 8.86 -43.63
CA ILE C 405 2.85 9.79 -42.57
C ILE C 405 3.80 9.10 -41.62
N SER C 406 4.78 9.86 -41.14
CA SER C 406 5.78 9.34 -40.22
C SER C 406 5.85 10.15 -38.94
N TYR C 407 5.54 9.49 -37.83
CA TYR C 407 5.45 10.16 -36.52
C TYR C 407 6.70 10.09 -35.64
N TRP C 408 7.13 11.26 -35.18
CA TRP C 408 8.14 11.42 -34.12
C TRP C 408 7.45 12.05 -32.90
N LYS C 409 7.24 11.32 -31.81
CA LYS C 409 7.68 9.94 -31.60
C LYS C 409 6.77 9.30 -30.55
N ILE C 410 6.89 7.99 -30.39
CA ILE C 410 6.17 7.28 -29.34
C ILE C 410 6.56 7.78 -27.95
N GLY C 411 5.56 7.93 -27.07
CA GLY C 411 5.82 8.33 -25.70
C GLY C 411 5.32 9.72 -25.38
N LEU C 412 4.51 10.28 -26.27
CA LEU C 412 3.96 11.62 -26.14
C LEU C 412 2.43 11.51 -26.26
N PRO C 413 1.73 11.31 -25.13
CA PRO C 413 0.28 11.06 -25.16
C PRO C 413 -0.54 12.04 -26.01
N PHE C 414 -1.41 11.47 -26.85
CA PHE C 414 -2.19 12.21 -27.84
C PHE C 414 -3.16 11.20 -28.43
N PRO C 415 -4.15 10.78 -27.62
CA PRO C 415 -5.03 9.68 -28.02
C PRO C 415 -5.83 10.01 -29.27
N GLN C 416 -6.19 11.28 -29.45
CA GLN C 416 -7.05 11.65 -30.59
C GLN C 416 -6.37 11.43 -31.93
N ASN C 417 -5.03 11.57 -31.97
CA ASN C 417 -4.29 11.39 -33.21
C ASN C 417 -4.53 10.01 -33.78
N TRP C 418 -4.43 9.00 -32.92
CA TRP C 418 -4.49 7.63 -33.38
C TRP C 418 -5.90 7.22 -33.77
N ARG C 419 -6.90 7.70 -33.04
CA ARG C 419 -8.30 7.45 -33.42
C ARG C 419 -8.61 8.15 -34.75
N LEU C 420 -8.12 9.38 -34.90
CA LEU C 420 -8.37 10.13 -36.13
C LEU C 420 -7.70 9.44 -37.32
N LEU C 421 -6.55 8.82 -37.09
CA LEU C 421 -5.84 8.12 -38.16
C LEU C 421 -6.70 7.00 -38.75
N VAL C 422 -7.27 6.16 -37.88
CA VAL C 422 -8.10 5.04 -38.36
C VAL C 422 -9.46 5.48 -38.88
N GLU C 423 -9.96 6.62 -38.42
CA GLU C 423 -11.23 7.16 -38.94
C GLU C 423 -11.06 7.74 -40.34
N ASN C 424 -9.90 8.33 -40.63
CA ASN C 424 -9.67 8.99 -41.91
C ASN C 424 -9.22 8.00 -43.00
N PHE C 425 -8.50 6.95 -42.60
CA PHE C 425 -7.80 6.07 -43.53
C PHE C 425 -7.95 4.60 -43.18
N THR C 426 -7.73 3.75 -44.18
CA THR C 426 -7.49 2.33 -43.98
C THR C 426 -5.99 2.12 -43.79
N ILE C 427 -5.58 1.61 -42.62
CA ILE C 427 -4.15 1.48 -42.34
C ILE C 427 -3.56 0.21 -42.94
N THR C 428 -2.56 0.36 -43.80
CA THR C 428 -1.94 -0.79 -44.45
C THR C 428 -1.15 -1.64 -43.46
N LYS C 429 -1.42 -2.93 -43.49
CA LYS C 429 -0.65 -3.94 -42.75
C LYS C 429 0.00 -4.92 -43.72
N LYS C 430 1.31 -5.09 -43.60
CA LYS C 430 2.12 -5.89 -44.52
C LYS C 430 2.64 -7.22 -43.95
N GLY C 431 2.54 -7.39 -42.63
CA GLY C 431 2.98 -8.62 -42.01
C GLY C 431 2.20 -9.82 -42.50
C1 EDO D . -43.27 -0.10 36.98
O1 EDO D . -43.22 1.14 37.68
C2 EDO D . -42.87 0.18 35.54
O2 EDO D . -43.71 1.25 35.09
H11 EDO D . -42.58 -0.82 37.43
H12 EDO D . -44.28 -0.51 37.00
HO1 EDO D . -43.47 1.00 38.59
H21 EDO D . -41.82 0.48 35.50
H22 EDO D . -43.01 -0.70 34.92
HO2 EDO D . -43.49 1.48 34.17
C1 EDO E . 33.99 2.09 -12.93
O1 EDO E . 33.65 1.36 -14.11
C2 EDO E . 33.06 3.28 -12.79
O2 EDO E . 33.20 4.04 -13.98
H11 EDO E . 35.02 2.45 -13.00
H12 EDO E . 33.91 1.45 -12.05
HO1 EDO E . 34.24 0.61 -14.20
H21 EDO E . 32.02 2.93 -12.68
H22 EDO E . 33.32 3.88 -11.91
HO2 EDO E . 32.62 4.81 -13.95
C1 EDO F . -20.49 12.44 -40.39
O1 EDO F . -20.46 11.11 -40.91
C2 EDO F . -20.22 12.42 -38.90
O2 EDO F . -21.30 11.70 -38.32
H11 EDO F . -19.74 13.05 -40.90
H12 EDO F . -21.47 12.88 -40.57
HO1 EDO F . -20.63 11.13 -41.87
H21 EDO F . -19.27 11.92 -38.69
H22 EDO F . -20.18 13.45 -38.51
HO2 EDO F . -21.17 11.65 -37.36
#